data_2AX5
#
_entry.id   2AX5
#
_entity_poly.entity_id   1
_entity_poly.type   'polypeptide(L)'
_entity_poly.pdbx_seq_one_letter_code
;MVNVKVEFLGGLDAIFGKQRVHKIKMDKEDPVTVGDLIDHIVSTMINNPNDVSIFIEDDSIRPGIITLINDTDWELEGEK
DYILEDGDIISFTSTLHGGLEHHHHHH
;
_entity_poly.pdbx_strand_id   A
#
# COMPACT_ATOMS: atom_id res chain seq x y z
N MET A 1 -12.15 11.62 5.49
CA MET A 1 -11.63 13.01 5.31
C MET A 1 -10.63 13.10 4.15
N VAL A 2 -9.78 12.08 4.01
CA VAL A 2 -8.77 12.05 2.94
C VAL A 2 -9.06 10.94 1.92
N ASN A 3 -8.36 10.98 0.78
CA ASN A 3 -8.52 9.99 -0.28
C ASN A 3 -7.24 9.81 -1.08
N VAL A 4 -6.84 8.56 -1.29
CA VAL A 4 -5.62 8.26 -2.05
C VAL A 4 -5.89 7.18 -3.11
N LYS A 5 -5.66 7.52 -4.37
CA LYS A 5 -5.88 6.58 -5.47
C LYS A 5 -4.63 5.72 -5.70
N VAL A 6 -4.68 4.48 -5.21
CA VAL A 6 -3.56 3.55 -5.36
C VAL A 6 -3.79 2.59 -6.52
N GLU A 7 -2.72 2.28 -7.25
CA GLU A 7 -2.80 1.36 -8.38
C GLU A 7 -1.94 0.13 -8.15
N PHE A 8 -2.59 -0.99 -7.78
CA PHE A 8 -1.89 -2.24 -7.53
C PHE A 8 -1.73 -3.05 -8.81
N LEU A 9 -0.51 -3.53 -9.05
CA LEU A 9 -0.20 -4.31 -10.24
C LEU A 9 0.73 -5.47 -9.92
N GLY A 10 1.01 -6.31 -10.92
CA GLY A 10 1.89 -7.45 -10.75
C GLY A 10 1.18 -8.64 -10.11
N GLY A 11 1.13 -8.64 -8.78
CA GLY A 11 0.49 -9.72 -8.04
C GLY A 11 -0.16 -9.26 -6.74
N LEU A 12 -0.57 -7.98 -6.71
CA LEU A 12 -1.21 -7.41 -5.52
C LEU A 12 -2.71 -7.24 -5.75
N ASP A 13 -3.07 -6.69 -6.90
CA ASP A 13 -4.48 -6.47 -7.27
C ASP A 13 -5.25 -7.78 -7.30
N ALA A 14 -4.55 -8.89 -7.56
CA ALA A 14 -5.18 -10.21 -7.61
C ALA A 14 -5.82 -10.57 -6.28
N ILE A 15 -5.16 -10.16 -5.19
CA ILE A 15 -5.65 -10.43 -3.85
C ILE A 15 -6.80 -9.48 -3.48
N PHE A 16 -6.65 -8.21 -3.86
CA PHE A 16 -7.67 -7.20 -3.58
C PHE A 16 -8.99 -7.51 -4.29
N GLY A 17 -8.91 -8.16 -5.45
CA GLY A 17 -10.10 -8.51 -6.20
C GLY A 17 -10.04 -8.00 -7.63
N LYS A 18 -8.90 -8.23 -8.29
CA LYS A 18 -8.69 -7.80 -9.66
C LYS A 18 -8.90 -6.29 -9.81
N GLN A 19 -8.52 -5.54 -8.77
CA GLN A 19 -8.67 -4.08 -8.79
C GLN A 19 -7.33 -3.41 -9.08
N ARG A 20 -7.12 -3.03 -10.34
CA ARG A 20 -5.88 -2.38 -10.76
C ARG A 20 -5.69 -1.06 -10.01
N VAL A 21 -6.81 -0.40 -9.67
CA VAL A 21 -6.76 0.86 -8.94
C VAL A 21 -7.85 0.93 -7.88
N HIS A 22 -7.47 1.26 -6.65
CA HIS A 22 -8.41 1.35 -5.54
C HIS A 22 -8.12 2.56 -4.66
N LYS A 23 -9.17 3.25 -4.22
CA LYS A 23 -9.02 4.44 -3.37
C LYS A 23 -9.13 4.07 -1.90
N ILE A 24 -8.32 4.73 -1.06
CA ILE A 24 -8.31 4.48 0.39
C ILE A 24 -8.63 5.76 1.17
N LYS A 25 -9.28 5.59 2.33
CA LYS A 25 -9.64 6.72 3.18
C LYS A 25 -9.27 6.45 4.65
N MET A 26 -8.52 7.37 5.25
CA MET A 26 -8.09 7.24 6.64
C MET A 26 -8.54 8.43 7.48
N ASP A 27 -8.93 8.17 8.73
CA ASP A 27 -9.39 9.22 9.64
C ASP A 27 -8.84 9.00 11.05
N LYS A 28 -7.79 9.76 11.40
CA LYS A 28 -7.18 9.64 12.73
C LYS A 28 -6.60 10.98 13.19
N GLU A 29 -5.52 11.41 12.54
CA GLU A 29 -4.86 12.67 12.87
C GLU A 29 -4.47 13.44 11.62
N ASP A 30 -3.83 14.60 11.82
CA ASP A 30 -3.41 15.44 10.69
C ASP A 30 -2.12 14.91 10.05
N PRO A 31 -1.02 14.78 10.82
CA PRO A 31 0.25 14.28 10.30
C PRO A 31 0.24 12.77 10.01
N VAL A 32 -0.64 12.35 9.10
CA VAL A 32 -0.76 10.94 8.74
C VAL A 32 0.37 10.53 7.81
N THR A 33 1.21 9.60 8.27
CA THR A 33 2.33 9.12 7.47
C THR A 33 1.90 8.00 6.53
N VAL A 34 2.69 7.77 5.49
CA VAL A 34 2.39 6.72 4.51
C VAL A 34 2.28 5.35 5.17
N GLY A 35 3.08 5.12 6.20
CA GLY A 35 3.03 3.86 6.92
C GLY A 35 1.66 3.57 7.48
N ASP A 36 0.91 4.64 7.78
CA ASP A 36 -0.44 4.50 8.32
C ASP A 36 -1.39 3.98 7.24
N LEU A 37 -1.25 4.52 6.03
CA LEU A 37 -2.07 4.12 4.89
C LEU A 37 -2.01 2.60 4.73
N ILE A 38 -0.79 2.06 4.65
CA ILE A 38 -0.59 0.63 4.50
C ILE A 38 -1.26 -0.13 5.66
N ASP A 39 -1.15 0.44 6.86
CA ASP A 39 -1.76 -0.16 8.06
C ASP A 39 -3.27 -0.29 7.88
N HIS A 40 -3.90 0.76 7.37
CA HIS A 40 -5.34 0.76 7.15
C HIS A 40 -5.76 -0.39 6.23
N ILE A 41 -4.92 -0.66 5.22
CA ILE A 41 -5.20 -1.73 4.27
C ILE A 41 -5.08 -3.10 4.93
N VAL A 42 -4.23 -3.20 5.95
CA VAL A 42 -4.01 -4.46 6.65
C VAL A 42 -4.88 -4.60 7.92
N SER A 43 -5.59 -3.54 8.30
CA SER A 43 -6.43 -3.58 9.49
C SER A 43 -7.90 -3.83 9.15
N THR A 44 -8.60 -2.80 8.68
CA THR A 44 -10.01 -2.92 8.33
C THR A 44 -10.19 -3.45 6.91
N MET A 45 -9.40 -2.92 5.97
CA MET A 45 -9.48 -3.35 4.57
C MET A 45 -9.27 -4.86 4.44
N ILE A 46 -8.17 -5.37 5.01
CA ILE A 46 -7.86 -6.80 4.96
C ILE A 46 -7.73 -7.39 6.36
N ASN A 47 -8.23 -8.61 6.54
CA ASN A 47 -8.16 -9.28 7.84
C ASN A 47 -8.25 -10.80 7.67
N ASN A 48 -7.17 -11.42 7.20
CA ASN A 48 -7.14 -12.87 6.99
C ASN A 48 -5.71 -13.37 6.77
N PRO A 49 -5.36 -14.52 7.38
CA PRO A 49 -4.02 -15.12 7.22
C PRO A 49 -3.84 -15.76 5.85
N ASN A 50 -3.75 -14.93 4.82
CA ASN A 50 -3.58 -15.41 3.45
C ASN A 50 -3.32 -14.23 2.50
N ASP A 51 -4.10 -13.16 2.65
CA ASP A 51 -3.95 -11.97 1.82
C ASP A 51 -2.99 -10.98 2.46
N VAL A 52 -3.10 -10.80 3.77
CA VAL A 52 -2.22 -9.88 4.49
C VAL A 52 -0.92 -10.56 4.90
N SER A 53 -1.00 -11.85 5.23
CA SER A 53 0.18 -12.62 5.63
C SER A 53 1.28 -12.56 4.56
N ILE A 54 0.88 -12.60 3.29
CA ILE A 54 1.82 -12.55 2.19
C ILE A 54 2.35 -11.13 1.96
N PHE A 55 1.54 -10.13 2.29
CA PHE A 55 1.93 -8.73 2.12
C PHE A 55 2.82 -8.27 3.27
N ILE A 56 2.31 -8.39 4.50
CA ILE A 56 3.05 -7.99 5.70
C ILE A 56 3.54 -9.22 6.47
N GLU A 57 4.80 -9.17 6.91
CA GLU A 57 5.40 -10.27 7.65
C GLU A 57 5.97 -9.78 9.00
N ASP A 58 5.18 -9.95 10.06
CA ASP A 58 5.57 -9.53 11.41
C ASP A 58 5.97 -8.05 11.43
N ASP A 59 4.98 -7.18 11.19
CA ASP A 59 5.19 -5.73 11.17
C ASP A 59 6.32 -5.33 10.21
N SER A 60 6.52 -6.13 9.17
CA SER A 60 7.56 -5.86 8.18
C SER A 60 7.11 -6.33 6.79
N ILE A 61 7.10 -5.41 5.83
CA ILE A 61 6.68 -5.74 4.47
C ILE A 61 7.59 -6.80 3.85
N ARG A 62 7.05 -7.57 2.92
CA ARG A 62 7.82 -8.62 2.25
C ARG A 62 8.73 -8.03 1.17
N PRO A 63 10.06 -8.17 1.33
CA PRO A 63 11.04 -7.64 0.37
C PRO A 63 10.76 -8.10 -1.06
N GLY A 64 10.51 -7.14 -1.95
CA GLY A 64 10.22 -7.47 -3.33
C GLY A 64 9.05 -6.68 -3.89
N ILE A 65 8.12 -6.28 -3.01
CA ILE A 65 6.95 -5.51 -3.41
C ILE A 65 7.33 -4.08 -3.79
N ILE A 66 6.94 -3.68 -5.00
CA ILE A 66 7.24 -2.35 -5.49
C ILE A 66 6.17 -1.34 -5.06
N THR A 67 6.58 -0.09 -4.86
CA THR A 67 5.67 0.98 -4.45
C THR A 67 6.14 2.34 -4.99
N LEU A 68 5.50 2.80 -6.07
CA LEU A 68 5.86 4.07 -6.67
C LEU A 68 5.00 5.20 -6.09
N ILE A 69 5.65 6.12 -5.39
CA ILE A 69 4.97 7.26 -4.78
C ILE A 69 5.20 8.53 -5.60
N ASN A 70 4.14 9.01 -6.24
CA ASN A 70 4.21 10.21 -7.07
C ASN A 70 5.22 10.03 -8.21
N ASP A 71 5.16 8.89 -8.88
CA ASP A 71 6.07 8.57 -9.98
C ASP A 71 7.52 8.52 -9.49
N THR A 72 7.70 8.16 -8.21
CA THR A 72 9.02 8.07 -7.60
C THR A 72 9.15 6.79 -6.80
N ASP A 73 10.37 6.44 -6.40
CA ASP A 73 10.61 5.23 -5.61
C ASP A 73 10.28 5.45 -4.14
N TRP A 74 9.75 4.41 -3.50
CA TRP A 74 9.40 4.48 -2.08
C TRP A 74 10.63 4.71 -1.21
N GLU A 75 11.66 3.89 -1.42
CA GLU A 75 12.91 4.01 -0.67
C GLU A 75 13.59 5.35 -0.93
N LEU A 76 13.30 5.97 -2.08
CA LEU A 76 13.88 7.26 -2.44
C LEU A 76 13.66 8.29 -1.34
N GLU A 77 12.43 8.41 -0.87
CA GLU A 77 12.09 9.36 0.20
C GLU A 77 12.57 8.84 1.56
N GLY A 78 11.88 7.82 2.08
CA GLY A 78 12.24 7.24 3.36
C GLY A 78 11.24 6.19 3.85
N GLU A 79 10.70 5.42 2.91
CA GLU A 79 9.73 4.36 3.21
C GLU A 79 8.51 4.91 3.95
N LYS A 80 8.63 5.03 5.28
CA LYS A 80 7.53 5.53 6.11
C LYS A 80 7.75 7.00 6.51
N ASP A 81 8.82 7.62 6.00
CA ASP A 81 9.12 9.02 6.32
C ASP A 81 8.50 9.97 5.29
N TYR A 82 7.36 9.57 4.72
CA TYR A 82 6.64 10.39 3.74
C TYR A 82 5.22 10.64 4.21
N ILE A 83 4.94 11.89 4.60
CA ILE A 83 3.60 12.26 5.07
C ILE A 83 2.57 12.15 3.95
N LEU A 84 1.40 11.61 4.27
CA LEU A 84 0.34 11.43 3.29
C LEU A 84 -0.15 12.79 2.76
N GLU A 85 -1.05 12.75 1.77
CA GLU A 85 -1.58 13.97 1.18
C GLU A 85 -2.79 13.65 0.30
N ASP A 86 -3.98 13.88 0.83
CA ASP A 86 -5.23 13.62 0.11
C ASP A 86 -5.14 14.18 -1.32
N GLY A 87 -5.27 13.29 -2.29
CA GLY A 87 -5.20 13.69 -3.69
C GLY A 87 -3.91 13.21 -4.35
N ASP A 88 -3.27 12.19 -3.76
CA ASP A 88 -2.03 11.64 -4.28
C ASP A 88 -2.30 10.42 -5.15
N ILE A 89 -1.30 10.04 -5.95
CA ILE A 89 -1.42 8.88 -6.83
C ILE A 89 -0.34 7.85 -6.51
N ILE A 90 -0.69 6.87 -5.68
CA ILE A 90 0.24 5.81 -5.30
C ILE A 90 0.16 4.62 -6.24
N SER A 91 1.28 3.92 -6.42
CA SER A 91 1.32 2.75 -7.30
C SER A 91 2.05 1.58 -6.63
N PHE A 92 1.50 0.39 -6.79
CA PHE A 92 2.09 -0.83 -6.24
C PHE A 92 2.32 -1.85 -7.34
N THR A 93 3.42 -2.58 -7.24
CA THR A 93 3.75 -3.61 -8.23
C THR A 93 4.45 -4.79 -7.57
N SER A 94 4.57 -5.90 -8.31
CA SER A 94 5.21 -7.10 -7.80
C SER A 94 5.96 -7.83 -8.91
N THR A 95 7.27 -7.99 -8.73
CA THR A 95 8.10 -8.68 -9.72
C THR A 95 8.25 -10.16 -9.34
N LEU A 96 7.13 -10.84 -9.14
CA LEU A 96 7.12 -12.25 -8.78
C LEU A 96 5.94 -12.98 -9.43
N HIS A 97 6.22 -14.06 -10.15
CA HIS A 97 5.19 -14.83 -10.83
C HIS A 97 5.49 -16.33 -10.80
N GLY A 98 4.70 -17.08 -10.03
CA GLY A 98 4.86 -18.52 -9.94
C GLY A 98 6.09 -18.92 -9.14
N GLY A 99 5.87 -19.49 -7.95
CA GLY A 99 6.97 -19.92 -7.11
C GLY A 99 7.56 -18.79 -6.30
N MET A 1 -10.57 10.64 5.79
CA MET A 1 -10.20 12.07 5.60
C MET A 1 -9.31 12.28 4.38
N VAL A 2 -8.15 11.61 4.37
CA VAL A 2 -7.22 11.72 3.25
C VAL A 2 -7.33 10.54 2.29
N ASN A 3 -8.04 10.75 1.17
CA ASN A 3 -8.23 9.71 0.18
C ASN A 3 -7.01 9.60 -0.75
N VAL A 4 -6.46 8.40 -0.86
CA VAL A 4 -5.29 8.16 -1.70
C VAL A 4 -5.60 7.14 -2.81
N LYS A 5 -5.04 7.38 -3.99
CA LYS A 5 -5.26 6.48 -5.13
C LYS A 5 -4.11 5.49 -5.27
N VAL A 6 -4.34 4.25 -4.84
CA VAL A 6 -3.33 3.20 -4.92
C VAL A 6 -3.66 2.18 -6.01
N GLU A 7 -2.64 1.52 -6.54
CA GLU A 7 -2.82 0.52 -7.59
C GLU A 7 -2.23 -0.83 -7.16
N PHE A 8 -2.79 -1.92 -7.69
CA PHE A 8 -2.31 -3.26 -7.35
C PHE A 8 -2.23 -4.14 -8.60
N LEU A 9 -1.04 -4.71 -8.84
CA LEU A 9 -0.82 -5.57 -10.00
C LEU A 9 -0.15 -6.88 -9.59
N GLY A 10 -0.05 -7.81 -10.55
CA GLY A 10 0.58 -9.09 -10.29
C GLY A 10 -0.35 -10.07 -9.59
N GLY A 11 -0.20 -10.15 -8.26
CA GLY A 11 -1.03 -11.05 -7.47
C GLY A 11 -1.96 -10.32 -6.52
N LEU A 12 -1.55 -9.13 -6.07
CA LEU A 12 -2.36 -8.34 -5.15
C LEU A 12 -3.75 -8.04 -5.74
N ASP A 13 -3.79 -7.79 -7.05
CA ASP A 13 -5.06 -7.51 -7.73
C ASP A 13 -6.02 -8.70 -7.62
N ALA A 14 -5.48 -9.91 -7.70
CA ALA A 14 -6.30 -11.12 -7.60
C ALA A 14 -6.86 -11.30 -6.19
N ILE A 15 -6.06 -10.95 -5.19
CA ILE A 15 -6.48 -11.08 -3.80
C ILE A 15 -7.54 -10.04 -3.43
N PHE A 16 -7.44 -8.85 -4.03
CA PHE A 16 -8.39 -7.77 -3.75
C PHE A 16 -9.73 -8.03 -4.44
N GLY A 17 -9.69 -8.64 -5.61
CA GLY A 17 -10.91 -8.93 -6.36
C GLY A 17 -10.83 -8.49 -7.80
N LYS A 18 -9.72 -8.81 -8.46
CA LYS A 18 -9.50 -8.44 -9.86
C LYS A 18 -9.61 -6.92 -10.05
N GLN A 19 -9.15 -6.17 -9.06
CA GLN A 19 -9.20 -4.71 -9.12
C GLN A 19 -7.86 -4.14 -9.59
N ARG A 20 -7.89 -2.87 -10.03
CA ARG A 20 -6.68 -2.20 -10.51
C ARG A 20 -6.32 -1.01 -9.63
N VAL A 21 -7.31 -0.15 -9.36
CA VAL A 21 -7.10 1.03 -8.52
C VAL A 21 -7.99 1.00 -7.28
N HIS A 22 -7.40 1.32 -6.13
CA HIS A 22 -8.14 1.33 -4.86
C HIS A 22 -8.02 2.70 -4.17
N LYS A 23 -9.06 3.07 -3.42
CA LYS A 23 -9.07 4.36 -2.71
C LYS A 23 -9.31 4.15 -1.22
N ILE A 24 -8.35 4.59 -0.40
CA ILE A 24 -8.44 4.46 1.05
C ILE A 24 -8.25 5.80 1.75
N LYS A 25 -8.91 5.99 2.89
CA LYS A 25 -8.82 7.23 3.65
C LYS A 25 -8.51 6.95 5.13
N MET A 26 -7.32 7.37 5.57
CA MET A 26 -6.91 7.17 6.98
C MET A 26 -7.59 8.20 7.88
N ASP A 27 -8.16 7.73 8.98
CA ASP A 27 -8.83 8.60 9.93
C ASP A 27 -8.11 8.60 11.28
N LYS A 28 -7.18 9.54 11.44
CA LYS A 28 -6.39 9.66 12.67
C LYS A 28 -5.87 11.08 12.85
N GLU A 29 -5.23 11.61 11.79
CA GLU A 29 -4.68 12.96 11.82
C GLU A 29 -4.43 13.47 10.39
N ASP A 30 -3.82 14.66 10.29
CA ASP A 30 -3.53 15.25 8.99
C ASP A 30 -2.22 14.70 8.42
N PRO A 31 -1.09 14.88 9.14
CA PRO A 31 0.23 14.39 8.69
C PRO A 31 0.39 12.89 8.90
N VAL A 32 -0.50 12.11 8.28
CA VAL A 32 -0.46 10.65 8.37
C VAL A 32 0.60 10.08 7.42
N THR A 33 1.52 9.29 7.97
CA THR A 33 2.58 8.68 7.16
C THR A 33 2.02 7.56 6.28
N VAL A 34 2.71 7.28 5.18
CA VAL A 34 2.30 6.24 4.25
C VAL A 34 2.18 4.88 4.95
N GLY A 35 3.05 4.65 5.94
CA GLY A 35 3.00 3.40 6.68
C GLY A 35 1.65 3.18 7.34
N ASP A 36 0.97 4.28 7.65
CA ASP A 36 -0.36 4.22 8.26
C ASP A 36 -1.39 3.76 7.24
N LEU A 37 -1.24 4.24 6.00
CA LEU A 37 -2.16 3.87 4.92
C LEU A 37 -2.21 2.36 4.78
N ILE A 38 -1.04 1.72 4.74
CA ILE A 38 -0.96 0.27 4.62
C ILE A 38 -1.60 -0.40 5.84
N ASP A 39 -1.31 0.14 7.03
CA ASP A 39 -1.86 -0.38 8.28
C ASP A 39 -3.39 -0.23 8.31
N HIS A 40 -3.89 0.87 7.77
CA HIS A 40 -5.34 1.12 7.73
C HIS A 40 -6.06 0.03 6.95
N ILE A 41 -5.51 -0.35 5.80
CA ILE A 41 -6.10 -1.38 4.96
C ILE A 41 -5.97 -2.76 5.61
N VAL A 42 -4.91 -2.97 6.38
CA VAL A 42 -4.68 -4.23 7.06
C VAL A 42 -5.29 -4.25 8.46
N SER A 43 -5.86 -3.12 8.90
CA SER A 43 -6.47 -3.04 10.22
C SER A 43 -7.89 -3.60 10.20
N THR A 44 -8.85 -2.81 9.70
CA THR A 44 -10.26 -3.25 9.64
C THR A 44 -10.63 -3.73 8.24
N MET A 45 -10.03 -3.13 7.22
CA MET A 45 -10.31 -3.51 5.84
C MET A 45 -9.97 -4.98 5.59
N ILE A 46 -8.81 -5.42 6.10
CA ILE A 46 -8.37 -6.80 5.94
C ILE A 46 -7.91 -7.39 7.27
N ASN A 47 -8.78 -8.18 7.90
CA ASN A 47 -8.46 -8.81 9.18
C ASN A 47 -8.63 -10.33 9.11
N ASN A 48 -7.96 -10.96 8.15
CA ASN A 48 -8.06 -12.42 7.98
C ASN A 48 -6.72 -13.00 7.52
N PRO A 49 -6.16 -13.96 8.30
CA PRO A 49 -4.88 -14.61 7.96
C PRO A 49 -4.98 -15.41 6.66
N ASN A 50 -4.94 -14.70 5.54
CA ASN A 50 -5.01 -15.32 4.23
C ASN A 50 -4.51 -14.35 3.16
N ASP A 51 -5.10 -13.15 3.14
CA ASP A 51 -4.70 -12.11 2.19
C ASP A 51 -3.61 -11.22 2.79
N VAL A 52 -3.73 -10.93 4.09
CA VAL A 52 -2.76 -10.08 4.77
C VAL A 52 -1.57 -10.92 5.28
N SER A 53 -1.85 -12.14 5.75
CA SER A 53 -0.81 -13.02 6.25
C SER A 53 0.30 -13.22 5.22
N ILE A 54 -0.08 -13.27 3.93
CA ILE A 54 0.89 -13.45 2.85
C ILE A 54 1.54 -12.11 2.47
N PHE A 55 0.78 -11.02 2.56
CA PHE A 55 1.30 -9.69 2.21
C PHE A 55 2.13 -9.08 3.34
N ILE A 56 1.50 -8.84 4.48
CA ILE A 56 2.19 -8.26 5.64
C ILE A 56 2.74 -9.35 6.57
N GLU A 57 3.96 -9.16 7.06
CA GLU A 57 4.60 -10.12 7.96
C GLU A 57 5.35 -9.41 9.09
N ASP A 58 5.38 -10.03 10.26
CA ASP A 58 6.06 -9.47 11.44
C ASP A 58 5.79 -7.97 11.58
N ASP A 59 4.54 -7.56 11.31
CA ASP A 59 4.14 -6.16 11.41
C ASP A 59 4.98 -5.27 10.49
N SER A 60 5.21 -5.75 9.27
CA SER A 60 5.99 -5.01 8.28
C SER A 60 5.68 -5.47 6.86
N ILE A 61 6.08 -4.68 5.86
CA ILE A 61 5.84 -5.02 4.46
C ILE A 61 6.70 -6.20 4.04
N ARG A 62 6.23 -6.95 3.03
CA ARG A 62 6.96 -8.11 2.53
C ARG A 62 8.18 -7.69 1.70
N PRO A 63 9.34 -8.32 1.94
CA PRO A 63 10.57 -8.01 1.19
C PRO A 63 10.48 -8.51 -0.26
N GLY A 64 9.89 -7.69 -1.12
CA GLY A 64 9.73 -8.05 -2.52
C GLY A 64 8.63 -7.27 -3.21
N ILE A 65 7.58 -6.91 -2.47
CA ILE A 65 6.46 -6.15 -3.02
C ILE A 65 6.93 -4.79 -3.55
N ILE A 66 6.58 -4.51 -4.80
CA ILE A 66 6.97 -3.26 -5.44
C ILE A 66 5.97 -2.14 -5.11
N THR A 67 6.48 -0.92 -4.97
CA THR A 67 5.63 0.25 -4.65
C THR A 67 6.24 1.53 -5.22
N LEU A 68 5.42 2.33 -5.91
CA LEU A 68 5.89 3.58 -6.49
C LEU A 68 5.03 4.76 -6.03
N ILE A 69 5.66 5.71 -5.34
CA ILE A 69 4.96 6.89 -4.85
C ILE A 69 5.04 8.02 -5.87
N ASN A 70 3.91 8.28 -6.55
CA ASN A 70 3.82 9.32 -7.57
C ASN A 70 4.80 9.05 -8.71
N ASP A 71 4.78 7.84 -9.24
CA ASP A 71 5.67 7.45 -10.34
C ASP A 71 7.14 7.58 -9.91
N THR A 72 7.41 7.36 -8.63
CA THR A 72 8.77 7.45 -8.09
C THR A 72 9.07 6.26 -7.17
N ASP A 73 10.31 6.19 -6.69
CA ASP A 73 10.72 5.09 -5.79
C ASP A 73 10.26 5.35 -4.36
N TRP A 74 10.18 4.27 -3.57
CA TRP A 74 9.75 4.36 -2.18
C TRP A 74 10.93 4.72 -1.27
N GLU A 75 11.99 3.91 -1.32
CA GLU A 75 13.18 4.14 -0.49
C GLU A 75 13.97 5.37 -0.97
N LEU A 76 13.83 5.71 -2.25
CA LEU A 76 14.52 6.87 -2.82
C LEU A 76 14.26 8.14 -2.01
N GLU A 77 13.06 8.23 -1.42
CA GLU A 77 12.69 9.39 -0.61
C GLU A 77 12.38 8.97 0.83
N GLY A 78 11.46 8.01 1.00
CA GLY A 78 11.11 7.56 2.33
C GLY A 78 10.00 6.52 2.31
N GLU A 79 10.36 5.25 2.54
CA GLU A 79 9.39 4.15 2.55
C GLU A 79 8.19 4.49 3.44
N LYS A 80 8.46 4.77 4.71
CA LYS A 80 7.40 5.12 5.66
C LYS A 80 7.49 6.60 6.07
N ASP A 81 8.70 7.17 6.01
CA ASP A 81 8.91 8.57 6.38
C ASP A 81 8.48 9.51 5.24
N TYR A 82 7.21 9.39 4.85
CA TYR A 82 6.64 10.20 3.79
C TYR A 82 5.21 10.61 4.16
N ILE A 83 5.02 11.91 4.43
CA ILE A 83 3.71 12.43 4.80
C ILE A 83 2.72 12.25 3.65
N LEU A 84 1.55 11.71 3.96
CA LEU A 84 0.51 11.49 2.95
C LEU A 84 0.01 12.82 2.39
N GLU A 85 -0.86 12.74 1.38
CA GLU A 85 -1.42 13.93 0.75
C GLU A 85 -2.63 13.55 -0.10
N ASP A 86 -3.81 13.82 0.43
CA ASP A 86 -5.06 13.51 -0.26
C ASP A 86 -5.02 14.03 -1.70
N GLY A 87 -5.05 13.09 -2.66
CA GLY A 87 -5.00 13.44 -4.05
C GLY A 87 -3.66 13.08 -4.70
N ASP A 88 -2.98 12.08 -4.14
CA ASP A 88 -1.69 11.64 -4.67
C ASP A 88 -1.81 10.29 -5.38
N ILE A 89 -0.79 9.95 -6.17
CA ILE A 89 -0.78 8.69 -6.90
C ILE A 89 0.17 7.67 -6.26
N ILE A 90 -0.31 6.44 -6.09
CA ILE A 90 0.50 5.38 -5.48
C ILE A 90 0.28 4.04 -6.20
N SER A 91 1.32 3.21 -6.25
CA SER A 91 1.23 1.90 -6.90
C SER A 91 1.81 0.80 -6.01
N PHE A 92 1.26 -0.40 -6.15
CA PHE A 92 1.72 -1.55 -5.37
C PHE A 92 1.78 -2.79 -6.27
N THR A 93 2.92 -2.97 -6.94
CA THR A 93 3.12 -4.11 -7.83
C THR A 93 3.81 -5.25 -7.07
N SER A 94 3.96 -6.38 -7.74
CA SER A 94 4.61 -7.55 -7.15
C SER A 94 5.21 -8.45 -8.23
N THR A 95 6.41 -8.10 -8.69
CA THR A 95 7.09 -8.87 -9.72
C THR A 95 8.57 -9.06 -9.38
N LEU A 96 8.84 -10.03 -8.53
CA LEU A 96 10.21 -10.33 -8.11
C LEU A 96 11.06 -10.78 -9.30
N HIS A 97 10.42 -11.42 -10.28
CA HIS A 97 11.10 -11.89 -11.48
C HIS A 97 11.21 -10.78 -12.51
N GLY A 98 11.99 -11.02 -13.57
CA GLY A 98 12.15 -10.02 -14.62
C GLY A 98 13.01 -8.85 -14.19
N GLY A 99 13.16 -7.86 -15.07
CA GLY A 99 13.96 -6.69 -14.77
C GLY A 99 13.14 -5.55 -14.21
N MET A 1 -10.41 11.15 5.86
CA MET A 1 -10.31 12.55 5.35
C MET A 1 -9.38 12.65 4.14
N VAL A 2 -8.31 11.85 4.14
CA VAL A 2 -7.35 11.86 3.04
C VAL A 2 -7.68 10.77 2.01
N ASN A 3 -7.88 11.20 0.76
CA ASN A 3 -8.21 10.27 -0.32
C ASN A 3 -6.95 9.89 -1.11
N VAL A 4 -6.42 8.69 -0.84
CA VAL A 4 -5.22 8.22 -1.52
C VAL A 4 -5.57 7.27 -2.66
N LYS A 5 -5.05 7.56 -3.86
CA LYS A 5 -5.31 6.73 -5.04
C LYS A 5 -4.17 5.73 -5.27
N VAL A 6 -4.45 4.45 -5.02
CA VAL A 6 -3.45 3.39 -5.19
C VAL A 6 -3.87 2.43 -6.30
N GLU A 7 -2.89 1.90 -7.04
CA GLU A 7 -3.17 0.97 -8.12
C GLU A 7 -2.43 -0.36 -7.90
N PHE A 8 -3.16 -1.46 -8.00
CA PHE A 8 -2.59 -2.79 -7.80
C PHE A 8 -2.52 -3.56 -9.12
N LEU A 9 -1.34 -4.12 -9.40
CA LEU A 9 -1.13 -4.88 -10.63
C LEU A 9 -0.24 -6.09 -10.38
N GLY A 10 -0.21 -7.02 -11.35
CA GLY A 10 0.61 -8.22 -11.22
C GLY A 10 -0.13 -9.41 -10.62
N GLY A 11 -1.23 -9.14 -9.90
CA GLY A 11 -1.99 -10.21 -9.29
C GLY A 11 -2.63 -9.80 -7.97
N LEU A 12 -2.03 -8.82 -7.29
CA LEU A 12 -2.55 -8.33 -6.01
C LEU A 12 -4.01 -7.91 -6.12
N ASP A 13 -4.38 -7.30 -7.24
CA ASP A 13 -5.75 -6.84 -7.47
C ASP A 13 -6.74 -8.00 -7.35
N ALA A 14 -6.30 -9.21 -7.70
CA ALA A 14 -7.15 -10.39 -7.61
C ALA A 14 -7.51 -10.70 -6.16
N ILE A 15 -6.57 -10.43 -5.25
CA ILE A 15 -6.78 -10.67 -3.83
C ILE A 15 -7.58 -9.54 -3.18
N PHE A 16 -7.36 -8.31 -3.65
CA PHE A 16 -8.06 -7.15 -3.12
C PHE A 16 -9.56 -7.20 -3.45
N GLY A 17 -9.89 -6.91 -4.70
CA GLY A 17 -11.29 -6.92 -5.13
C GLY A 17 -11.44 -6.78 -6.64
N LYS A 18 -10.53 -7.41 -7.39
CA LYS A 18 -10.55 -7.35 -8.85
C LYS A 18 -10.63 -5.91 -9.37
N GLN A 19 -9.99 -4.99 -8.64
CA GLN A 19 -9.98 -3.58 -9.03
C GLN A 19 -8.56 -3.06 -9.14
N ARG A 20 -8.20 -2.55 -10.32
CA ARG A 20 -6.88 -2.00 -10.55
C ARG A 20 -6.60 -0.81 -9.63
N VAL A 21 -7.53 0.14 -9.59
CA VAL A 21 -7.39 1.32 -8.75
C VAL A 21 -8.21 1.19 -7.47
N HIS A 22 -7.63 1.60 -6.36
CA HIS A 22 -8.31 1.55 -5.05
C HIS A 22 -8.13 2.85 -4.29
N LYS A 23 -9.05 3.13 -3.36
CA LYS A 23 -8.99 4.35 -2.55
C LYS A 23 -8.96 4.02 -1.06
N ILE A 24 -8.26 4.87 -0.29
CA ILE A 24 -8.14 4.67 1.16
C ILE A 24 -8.36 6.00 1.90
N LYS A 25 -8.95 5.91 3.10
CA LYS A 25 -9.22 7.10 3.91
C LYS A 25 -8.81 6.88 5.36
N MET A 26 -7.88 7.72 5.85
CA MET A 26 -7.39 7.61 7.23
C MET A 26 -7.88 8.79 8.07
N ASP A 27 -8.41 8.49 9.26
CA ASP A 27 -8.91 9.53 10.16
C ASP A 27 -8.23 9.43 11.52
N LYS A 28 -7.21 10.27 11.73
CA LYS A 28 -6.46 10.28 12.98
C LYS A 28 -5.82 11.65 13.22
N GLU A 29 -5.12 12.15 12.20
CA GLU A 29 -4.44 13.45 12.28
C GLU A 29 -4.14 13.98 10.88
N ASP A 30 -3.45 15.13 10.83
CA ASP A 30 -3.09 15.75 9.56
C ASP A 30 -1.81 15.14 8.98
N PRO A 31 -0.68 15.19 9.71
CA PRO A 31 0.60 14.64 9.26
C PRO A 31 0.64 13.11 9.31
N VAL A 32 -0.32 12.46 8.65
CA VAL A 32 -0.39 11.01 8.63
C VAL A 32 0.74 10.42 7.80
N THR A 33 1.50 9.50 8.40
CA THR A 33 2.61 8.84 7.71
C THR A 33 2.11 7.76 6.77
N VAL A 34 2.85 7.50 5.70
CA VAL A 34 2.48 6.48 4.72
C VAL A 34 2.29 5.12 5.38
N GLY A 35 3.07 4.85 6.43
CA GLY A 35 2.95 3.59 7.14
C GLY A 35 1.54 3.36 7.65
N ASP A 36 0.81 4.46 7.89
CA ASP A 36 -0.57 4.39 8.37
C ASP A 36 -1.49 3.92 7.25
N LEU A 37 -1.26 4.43 6.05
CA LEU A 37 -2.05 4.06 4.87
C LEU A 37 -2.06 2.54 4.70
N ILE A 38 -0.87 1.94 4.70
CA ILE A 38 -0.74 0.50 4.56
C ILE A 38 -1.40 -0.22 5.74
N ASP A 39 -1.25 0.35 6.93
CA ASP A 39 -1.84 -0.22 8.15
C ASP A 39 -3.36 -0.25 8.04
N HIS A 40 -3.96 0.85 7.60
CA HIS A 40 -5.41 0.95 7.46
C HIS A 40 -5.94 -0.14 6.53
N ILE A 41 -5.23 -0.36 5.42
CA ILE A 41 -5.64 -1.38 4.45
C ILE A 41 -5.55 -2.78 5.06
N VAL A 42 -4.58 -2.97 5.98
CA VAL A 42 -4.39 -4.25 6.64
C VAL A 42 -5.17 -4.35 7.96
N SER A 43 -5.85 -3.26 8.34
CA SER A 43 -6.63 -3.24 9.58
C SER A 43 -8.09 -3.64 9.34
N THR A 44 -8.86 -2.72 8.76
CA THR A 44 -10.28 -2.99 8.48
C THR A 44 -10.49 -3.48 7.05
N MET A 45 -9.80 -2.84 6.10
CA MET A 45 -9.90 -3.21 4.69
C MET A 45 -9.57 -4.69 4.48
N ILE A 46 -8.52 -5.17 5.16
CA ILE A 46 -8.11 -6.56 5.05
C ILE A 46 -7.88 -7.17 6.44
N ASN A 47 -8.45 -8.35 6.67
CA ASN A 47 -8.30 -9.03 7.96
C ASN A 47 -8.66 -10.50 7.84
N ASN A 48 -7.75 -11.28 7.24
CA ASN A 48 -7.96 -12.71 7.05
C ASN A 48 -6.64 -13.41 6.76
N PRO A 49 -6.24 -14.39 7.59
CA PRO A 49 -4.98 -15.13 7.40
C PRO A 49 -4.97 -15.90 6.08
N ASN A 50 -4.69 -15.17 5.00
CA ASN A 50 -4.65 -15.76 3.67
C ASN A 50 -4.13 -14.75 2.64
N ASP A 51 -4.75 -13.55 2.62
CA ASP A 51 -4.34 -12.49 1.70
C ASP A 51 -3.22 -11.65 2.31
N VAL A 52 -3.34 -11.34 3.60
CA VAL A 52 -2.32 -10.56 4.28
C VAL A 52 -1.10 -11.42 4.63
N SER A 53 -1.34 -12.68 4.96
CA SER A 53 -0.25 -13.59 5.31
C SER A 53 0.81 -13.64 4.21
N ILE A 54 0.38 -13.45 2.95
CA ILE A 54 1.30 -13.47 1.82
C ILE A 54 1.85 -12.07 1.52
N PHE A 55 0.97 -11.07 1.52
CA PHE A 55 1.36 -9.69 1.24
C PHE A 55 2.15 -9.08 2.41
N ILE A 56 1.56 -9.14 3.60
CA ILE A 56 2.19 -8.60 4.80
C ILE A 56 2.86 -9.70 5.63
N GLU A 57 4.19 -9.66 5.72
CA GLU A 57 4.95 -10.64 6.50
C GLU A 57 4.74 -10.41 8.00
N ASP A 58 5.62 -10.98 8.81
CA ASP A 58 5.53 -10.84 10.27
C ASP A 58 5.72 -9.38 10.69
N ASP A 59 4.62 -8.63 10.70
CA ASP A 59 4.64 -7.21 11.08
C ASP A 59 5.55 -6.39 10.15
N SER A 60 5.46 -6.65 8.85
CA SER A 60 6.26 -5.95 7.86
C SER A 60 5.82 -6.30 6.43
N ILE A 61 6.43 -5.66 5.43
CA ILE A 61 6.09 -5.92 4.04
C ILE A 61 6.97 -7.03 3.46
N ARG A 62 6.44 -7.77 2.51
CA ARG A 62 7.18 -8.87 1.87
C ARG A 62 7.82 -8.41 0.56
N PRO A 63 8.99 -8.99 0.20
CA PRO A 63 9.71 -8.64 -1.04
C PRO A 63 8.91 -9.01 -2.28
N GLY A 64 9.25 -8.38 -3.41
CA GLY A 64 8.54 -8.64 -4.66
C GLY A 64 7.46 -7.62 -4.95
N ILE A 65 6.95 -6.95 -3.92
CA ILE A 65 5.90 -5.95 -4.09
C ILE A 65 6.50 -4.60 -4.47
N ILE A 66 6.41 -4.28 -5.76
CA ILE A 66 6.93 -3.02 -6.29
C ILE A 66 5.92 -1.89 -6.10
N THR A 67 6.35 -0.81 -5.44
CA THR A 67 5.50 0.34 -5.20
C THR A 67 6.09 1.61 -5.82
N LEU A 68 5.23 2.46 -6.38
CA LEU A 68 5.69 3.71 -7.01
C LEU A 68 4.78 4.88 -6.62
N ILE A 69 5.35 5.84 -5.89
CA ILE A 69 4.61 7.02 -5.45
C ILE A 69 4.87 8.20 -6.39
N ASN A 70 3.88 8.51 -7.24
CA ASN A 70 3.99 9.61 -8.20
C ASN A 70 5.20 9.41 -9.12
N ASP A 71 5.27 8.23 -9.74
CA ASP A 71 6.37 7.89 -10.65
C ASP A 71 7.72 7.95 -9.95
N THR A 72 7.72 7.62 -8.66
CA THR A 72 8.95 7.63 -7.85
C THR A 72 8.93 6.48 -6.83
N ASP A 73 10.07 6.24 -6.20
CA ASP A 73 10.17 5.18 -5.19
C ASP A 73 9.60 5.63 -3.84
N TRP A 74 9.48 4.68 -2.91
CA TRP A 74 8.95 4.97 -1.58
C TRP A 74 10.08 5.10 -0.55
N GLU A 75 11.01 4.15 -0.56
CA GLU A 75 12.14 4.16 0.36
C GLU A 75 13.19 5.19 -0.06
N LEU A 76 13.25 5.49 -1.37
CA LEU A 76 14.19 6.46 -1.91
C LEU A 76 14.04 7.82 -1.21
N GLU A 77 12.83 8.11 -0.72
CA GLU A 77 12.57 9.38 -0.05
C GLU A 77 12.08 9.15 1.39
N GLY A 78 11.07 8.30 1.56
CA GLY A 78 10.54 8.02 2.88
C GLY A 78 9.60 6.84 2.90
N GLU A 79 10.15 5.65 3.20
CA GLU A 79 9.36 4.42 3.25
C GLU A 79 8.17 4.55 4.20
N LYS A 80 8.41 5.15 5.38
CA LYS A 80 7.36 5.34 6.37
C LYS A 80 7.24 6.81 6.76
N ASP A 81 8.38 7.48 6.91
CA ASP A 81 8.41 8.90 7.28
C ASP A 81 8.08 9.78 6.07
N TYR A 82 6.92 9.54 5.47
CA TYR A 82 6.46 10.29 4.31
C TYR A 82 5.03 10.80 4.56
N ILE A 83 4.92 12.11 4.77
CA ILE A 83 3.61 12.72 5.03
C ILE A 83 2.66 12.49 3.85
N LEU A 84 1.46 11.98 4.15
CA LEU A 84 0.48 11.70 3.12
C LEU A 84 0.02 13.01 2.45
N GLU A 85 -0.82 12.88 1.42
CA GLU A 85 -1.33 14.03 0.70
C GLU A 85 -2.51 13.63 -0.18
N ASP A 86 -3.72 13.93 0.30
CA ASP A 86 -4.94 13.60 -0.44
C ASP A 86 -4.84 14.04 -1.90
N GLY A 87 -4.86 13.06 -2.80
CA GLY A 87 -4.76 13.35 -4.22
C GLY A 87 -3.42 12.91 -4.80
N ASP A 88 -2.76 11.95 -4.15
CA ASP A 88 -1.46 11.46 -4.62
C ASP A 88 -1.63 10.17 -5.43
N ILE A 89 -0.55 9.75 -6.09
CA ILE A 89 -0.58 8.53 -6.90
C ILE A 89 0.36 7.47 -6.34
N ILE A 90 -0.17 6.25 -6.14
CA ILE A 90 0.61 5.14 -5.61
C ILE A 90 0.32 3.85 -6.38
N SER A 91 1.34 3.01 -6.54
CA SER A 91 1.18 1.75 -7.26
C SER A 91 1.70 0.57 -6.45
N PHE A 92 1.19 -0.63 -6.74
CA PHE A 92 1.59 -1.85 -6.04
C PHE A 92 1.62 -3.04 -7.00
N THR A 93 2.73 -3.15 -7.73
CA THR A 93 2.90 -4.24 -8.70
C THR A 93 3.48 -5.49 -8.03
N SER A 94 2.99 -6.66 -8.43
CA SER A 94 3.46 -7.92 -7.88
C SER A 94 4.42 -8.62 -8.83
N THR A 95 5.71 -8.54 -8.53
CA THR A 95 6.75 -9.17 -9.35
C THR A 95 7.92 -9.63 -8.49
N LEU A 96 7.82 -10.85 -7.99
CA LEU A 96 8.86 -11.44 -7.13
C LEU A 96 10.18 -11.57 -7.89
N HIS A 97 11.27 -11.14 -7.25
CA HIS A 97 12.60 -11.22 -7.86
C HIS A 97 13.63 -11.76 -6.87
N GLY A 98 14.41 -12.75 -7.31
CA GLY A 98 15.42 -13.33 -6.45
C GLY A 98 16.70 -12.52 -6.44
N GLY A 99 17.66 -12.91 -7.27
CA GLY A 99 18.92 -12.20 -7.33
C GLY A 99 19.77 -12.37 -6.08
N MET A 1 -10.04 13.14 7.96
CA MET A 1 -10.43 12.32 6.77
C MET A 1 -9.59 12.67 5.55
N VAL A 2 -8.77 11.70 5.09
CA VAL A 2 -7.91 11.91 3.92
C VAL A 2 -8.15 10.83 2.87
N ASN A 3 -8.23 11.25 1.61
CA ASN A 3 -8.45 10.32 0.49
C ASN A 3 -7.14 9.95 -0.20
N VAL A 4 -7.01 8.68 -0.59
CA VAL A 4 -5.80 8.21 -1.26
C VAL A 4 -6.13 7.31 -2.46
N LYS A 5 -5.31 7.38 -3.51
CA LYS A 5 -5.51 6.57 -4.72
C LYS A 5 -4.25 5.76 -5.04
N VAL A 6 -4.35 4.44 -4.93
CA VAL A 6 -3.22 3.55 -5.21
C VAL A 6 -3.51 2.64 -6.40
N GLU A 7 -2.45 2.25 -7.11
CA GLU A 7 -2.58 1.38 -8.28
C GLU A 7 -1.76 0.10 -8.11
N PHE A 8 -2.46 -1.03 -7.93
CA PHE A 8 -1.80 -2.32 -7.74
C PHE A 8 -1.60 -3.03 -9.09
N LEU A 9 -0.42 -3.64 -9.26
CA LEU A 9 -0.10 -4.36 -10.49
C LEU A 9 0.69 -5.63 -10.21
N GLY A 10 0.75 -6.52 -11.20
CA GLY A 10 1.47 -7.77 -11.04
C GLY A 10 0.58 -8.89 -10.54
N GLY A 11 0.78 -9.28 -9.27
CA GLY A 11 0.00 -10.34 -8.68
C GLY A 11 -0.67 -9.93 -7.37
N LEU A 12 -0.94 -8.63 -7.22
CA LEU A 12 -1.58 -8.12 -6.01
C LEU A 12 -3.10 -7.96 -6.21
N ASP A 13 -3.48 -7.45 -7.39
CA ASP A 13 -4.90 -7.26 -7.72
C ASP A 13 -5.68 -8.58 -7.64
N ALA A 14 -4.99 -9.70 -7.89
CA ALA A 14 -5.62 -11.01 -7.84
C ALA A 14 -6.03 -11.37 -6.41
N ILE A 15 -5.22 -10.95 -5.44
CA ILE A 15 -5.50 -11.21 -4.04
C ILE A 15 -6.55 -10.25 -3.47
N PHE A 16 -6.42 -8.97 -3.79
CA PHE A 16 -7.36 -7.95 -3.31
C PHE A 16 -8.80 -8.26 -3.74
N GLY A 17 -9.07 -8.13 -5.03
CA GLY A 17 -10.41 -8.40 -5.55
C GLY A 17 -10.50 -8.15 -7.05
N LYS A 18 -9.50 -8.62 -7.78
CA LYS A 18 -9.44 -8.45 -9.24
C LYS A 18 -9.58 -6.97 -9.63
N GLN A 19 -9.05 -6.08 -8.80
CA GLN A 19 -9.10 -4.65 -9.06
C GLN A 19 -7.69 -4.07 -9.16
N ARG A 20 -7.32 -3.62 -10.35
CA ARG A 20 -5.99 -3.04 -10.58
C ARG A 20 -5.76 -1.84 -9.66
N VAL A 21 -6.57 -0.80 -9.83
CA VAL A 21 -6.44 0.41 -9.01
C VAL A 21 -7.40 0.36 -7.81
N HIS A 22 -6.94 0.89 -6.67
CA HIS A 22 -7.75 0.91 -5.45
C HIS A 22 -7.79 2.31 -4.84
N LYS A 23 -8.79 2.54 -3.97
CA LYS A 23 -8.95 3.85 -3.33
C LYS A 23 -9.47 3.67 -1.89
N ILE A 24 -8.86 4.38 -0.96
CA ILE A 24 -9.26 4.32 0.45
C ILE A 24 -9.05 5.66 1.16
N LYS A 25 -9.41 5.71 2.44
CA LYS A 25 -9.26 6.93 3.23
C LYS A 25 -9.02 6.61 4.71
N MET A 26 -8.01 7.25 5.29
CA MET A 26 -7.68 7.05 6.70
C MET A 26 -8.20 8.21 7.55
N ASP A 27 -9.25 7.95 8.32
CA ASP A 27 -9.85 8.98 9.18
C ASP A 27 -9.22 8.96 10.58
N LYS A 28 -7.89 8.95 10.63
CA LYS A 28 -7.16 8.93 11.89
C LYS A 28 -6.68 10.34 12.26
N GLU A 29 -6.11 11.04 11.28
CA GLU A 29 -5.60 12.40 11.49
C GLU A 29 -5.32 13.09 10.16
N ASP A 30 -4.81 14.32 10.23
CA ASP A 30 -4.48 15.09 9.03
C ASP A 30 -3.07 14.75 8.55
N PRO A 31 -2.04 14.98 9.39
CA PRO A 31 -0.64 14.69 9.03
C PRO A 31 -0.32 13.20 9.11
N VAL A 32 -1.05 12.39 8.35
CA VAL A 32 -0.84 10.93 8.35
C VAL A 32 0.39 10.56 7.53
N THR A 33 1.05 9.47 7.92
CA THR A 33 2.25 9.01 7.21
C THR A 33 1.91 7.87 6.25
N VAL A 34 2.81 7.63 5.29
CA VAL A 34 2.63 6.58 4.29
C VAL A 34 2.51 5.20 4.94
N GLY A 35 3.33 4.95 5.97
CA GLY A 35 3.27 3.68 6.66
C GLY A 35 1.90 3.42 7.26
N ASP A 36 1.21 4.49 7.64
CA ASP A 36 -0.13 4.39 8.22
C ASP A 36 -1.12 3.88 7.17
N LEU A 37 -0.98 4.38 5.94
CA LEU A 37 -1.84 3.97 4.84
C LEU A 37 -1.76 2.46 4.65
N ILE A 38 -0.54 1.92 4.68
CA ILE A 38 -0.34 0.48 4.53
C ILE A 38 -1.07 -0.28 5.63
N ASP A 39 -0.95 0.20 6.87
CA ASP A 39 -1.59 -0.42 8.02
C ASP A 39 -3.11 -0.42 7.85
N HIS A 40 -3.65 0.67 7.28
CA HIS A 40 -5.08 0.78 7.05
C HIS A 40 -5.57 -0.33 6.13
N ILE A 41 -4.81 -0.60 5.06
CA ILE A 41 -5.16 -1.65 4.11
C ILE A 41 -5.12 -3.04 4.76
N VAL A 42 -4.26 -3.20 5.77
CA VAL A 42 -4.12 -4.47 6.48
C VAL A 42 -4.96 -4.50 7.77
N SER A 43 -5.62 -3.38 8.08
CA SER A 43 -6.44 -3.29 9.28
C SER A 43 -7.91 -3.60 8.99
N THR A 44 -8.55 -2.75 8.18
CA THR A 44 -9.96 -2.93 7.83
C THR A 44 -10.12 -3.61 6.47
N MET A 45 -9.38 -3.13 5.47
CA MET A 45 -9.45 -3.69 4.12
C MET A 45 -9.12 -5.18 4.12
N ILE A 46 -7.94 -5.53 4.63
CA ILE A 46 -7.50 -6.92 4.70
C ILE A 46 -7.34 -7.38 6.14
N ASN A 47 -7.57 -8.67 6.39
CA ASN A 47 -7.46 -9.24 7.72
C ASN A 47 -7.63 -10.76 7.70
N ASN A 48 -6.63 -11.46 7.17
CA ASN A 48 -6.68 -12.91 7.08
C ASN A 48 -5.28 -13.50 6.83
N PRO A 49 -4.90 -14.55 7.59
CA PRO A 49 -3.60 -15.20 7.42
C PRO A 49 -3.52 -16.00 6.13
N ASN A 50 -3.58 -15.30 5.00
CA ASN A 50 -3.53 -15.93 3.69
C ASN A 50 -3.10 -14.92 2.62
N ASP A 51 -3.75 -13.74 2.62
CA ASP A 51 -3.42 -12.69 1.65
C ASP A 51 -2.34 -11.77 2.21
N VAL A 52 -2.45 -11.43 3.48
CA VAL A 52 -1.48 -10.56 4.13
C VAL A 52 -0.17 -11.31 4.38
N SER A 53 -0.27 -12.60 4.72
CA SER A 53 0.93 -13.41 4.98
C SER A 53 1.93 -13.30 3.83
N ILE A 54 1.44 -13.06 2.61
CA ILE A 54 2.30 -12.93 1.44
C ILE A 54 2.78 -11.49 1.23
N PHE A 55 1.92 -10.52 1.56
CA PHE A 55 2.25 -9.11 1.39
C PHE A 55 2.98 -8.55 2.63
N ILE A 56 2.34 -8.65 3.79
CA ILE A 56 2.93 -8.17 5.05
C ILE A 56 3.58 -9.32 5.83
N GLU A 57 4.73 -9.03 6.43
CA GLU A 57 5.45 -10.03 7.22
C GLU A 57 6.24 -9.36 8.35
N ASP A 58 6.07 -9.88 9.57
CA ASP A 58 6.74 -9.33 10.75
C ASP A 58 6.38 -7.86 10.97
N ASP A 59 5.10 -7.55 10.82
CA ASP A 59 4.59 -6.19 10.99
C ASP A 59 5.26 -5.21 10.02
N SER A 60 5.50 -5.66 8.78
CA SER A 60 6.13 -4.83 7.77
C SER A 60 5.99 -5.45 6.38
N ILE A 61 6.19 -4.64 5.33
CA ILE A 61 6.07 -5.13 3.97
C ILE A 61 7.17 -6.15 3.65
N ARG A 62 6.86 -7.10 2.77
CA ARG A 62 7.81 -8.13 2.39
C ARG A 62 8.82 -7.60 1.38
N PRO A 63 10.08 -8.11 1.42
CA PRO A 63 11.13 -7.68 0.49
C PRO A 63 10.91 -8.23 -0.92
N GLY A 64 9.97 -7.64 -1.63
CA GLY A 64 9.65 -8.07 -2.98
C GLY A 64 8.71 -7.11 -3.71
N ILE A 65 7.66 -6.67 -3.02
CA ILE A 65 6.69 -5.75 -3.59
C ILE A 65 7.33 -4.38 -3.84
N ILE A 66 7.03 -3.80 -5.00
CA ILE A 66 7.57 -2.50 -5.37
C ILE A 66 6.47 -1.43 -5.38
N THR A 67 6.77 -0.28 -4.75
CA THR A 67 5.81 0.82 -4.67
C THR A 67 6.45 2.11 -5.17
N LEU A 68 5.68 2.89 -5.94
CA LEU A 68 6.15 4.15 -6.49
C LEU A 68 5.22 5.30 -6.12
N ILE A 69 5.69 6.18 -5.23
CA ILE A 69 4.92 7.33 -4.78
C ILE A 69 5.09 8.50 -5.73
N ASN A 70 4.06 8.77 -6.55
CA ASN A 70 4.10 9.87 -7.51
C ASN A 70 5.29 9.72 -8.46
N ASP A 71 5.49 8.50 -8.97
CA ASP A 71 6.59 8.19 -9.88
C ASP A 71 7.94 8.43 -9.20
N THR A 72 8.05 8.01 -7.95
CA THR A 72 9.29 8.17 -7.19
C THR A 72 9.49 7.00 -6.23
N ASP A 73 10.75 6.75 -5.84
CA ASP A 73 11.06 5.66 -4.92
C ASP A 73 10.78 6.06 -3.48
N TRP A 74 10.04 5.21 -2.77
CA TRP A 74 9.68 5.47 -1.38
C TRP A 74 10.93 5.66 -0.50
N GLU A 75 11.99 4.92 -0.81
CA GLU A 75 13.25 5.01 -0.05
C GLU A 75 14.16 6.12 -0.59
N LEU A 76 13.74 6.80 -1.65
CA LEU A 76 14.54 7.88 -2.24
C LEU A 76 14.44 9.17 -1.41
N GLU A 77 13.44 9.24 -0.52
CA GLU A 77 13.25 10.42 0.33
C GLU A 77 12.92 10.02 1.76
N GLY A 78 11.83 9.27 1.94
CA GLY A 78 11.42 8.85 3.27
C GLY A 78 10.57 7.59 3.24
N GLU A 79 11.11 6.48 3.77
CA GLU A 79 10.40 5.21 3.80
C GLU A 79 8.99 5.37 4.37
N LYS A 80 8.89 5.62 5.67
CA LYS A 80 7.61 5.80 6.34
C LYS A 80 7.40 7.26 6.71
N ASP A 81 8.49 7.99 6.96
CA ASP A 81 8.43 9.40 7.32
C ASP A 81 7.58 10.20 6.31
N TYR A 82 7.61 9.77 5.05
CA TYR A 82 6.85 10.43 3.99
C TYR A 82 5.40 10.67 4.44
N ILE A 83 5.01 11.95 4.48
CA ILE A 83 3.66 12.33 4.89
C ILE A 83 2.68 12.15 3.73
N LEU A 84 1.47 11.68 4.05
CA LEU A 84 0.44 11.46 3.04
C LEU A 84 0.03 12.78 2.38
N GLU A 85 -0.88 12.70 1.41
CA GLU A 85 -1.34 13.89 0.69
C GLU A 85 -2.65 13.62 -0.03
N ASP A 86 -3.75 14.03 0.58
CA ASP A 86 -5.08 13.84 0.00
C ASP A 86 -5.08 14.16 -1.50
N GLY A 87 -5.12 13.12 -2.31
CA GLY A 87 -5.10 13.29 -3.76
C GLY A 87 -3.78 12.89 -4.39
N ASP A 88 -3.05 11.97 -3.75
CA ASP A 88 -1.76 11.51 -4.27
C ASP A 88 -1.91 10.14 -4.95
N ILE A 89 -0.85 9.72 -5.63
CA ILE A 89 -0.86 8.43 -6.33
C ILE A 89 0.28 7.52 -5.84
N ILE A 90 -0.10 6.32 -5.37
CA ILE A 90 0.88 5.35 -4.87
C ILE A 90 0.71 4.01 -5.58
N SER A 91 1.65 3.67 -6.46
CA SER A 91 1.59 2.42 -7.21
C SER A 91 2.13 1.25 -6.38
N PHE A 92 1.71 0.03 -6.75
CA PHE A 92 2.14 -1.18 -6.05
C PHE A 92 2.27 -2.37 -7.02
N THR A 93 3.40 -2.44 -7.72
CA THR A 93 3.65 -3.51 -8.68
C THR A 93 4.37 -4.69 -8.01
N SER A 94 4.35 -5.84 -8.69
CA SER A 94 4.99 -7.05 -8.18
C SER A 94 5.96 -7.65 -9.19
N THR A 95 7.16 -7.99 -8.73
CA THR A 95 8.18 -8.58 -9.61
C THR A 95 8.02 -10.10 -9.66
N LEU A 96 8.21 -10.75 -8.52
CA LEU A 96 8.10 -12.22 -8.44
C LEU A 96 7.21 -12.63 -7.26
N HIS A 97 6.79 -13.90 -7.27
CA HIS A 97 5.94 -14.45 -6.21
C HIS A 97 4.51 -13.93 -6.33
N GLY A 98 3.57 -14.82 -6.62
CA GLY A 98 2.18 -14.44 -6.76
C GLY A 98 1.65 -14.67 -8.17
N GLY A 99 1.06 -15.85 -8.39
CA GLY A 99 0.52 -16.18 -9.70
C GLY A 99 -0.91 -15.72 -9.88
N MET A 1 -11.97 11.78 4.34
CA MET A 1 -11.17 13.04 4.34
C MET A 1 -9.88 12.89 3.53
N VAL A 2 -9.27 11.71 3.59
CA VAL A 2 -8.04 11.44 2.84
C VAL A 2 -8.24 10.30 1.83
N ASN A 3 -8.20 10.66 0.54
CA ASN A 3 -8.38 9.68 -0.52
C ASN A 3 -7.05 9.37 -1.21
N VAL A 4 -6.70 8.08 -1.25
CA VAL A 4 -5.45 7.65 -1.87
C VAL A 4 -5.71 6.59 -2.94
N LYS A 5 -5.50 6.97 -4.21
CA LYS A 5 -5.70 6.04 -5.33
C LYS A 5 -4.47 5.18 -5.54
N VAL A 6 -4.60 3.88 -5.29
CA VAL A 6 -3.49 2.94 -5.45
C VAL A 6 -3.76 1.96 -6.59
N GLU A 7 -2.73 1.67 -7.37
CA GLU A 7 -2.83 0.74 -8.49
C GLU A 7 -2.08 -0.56 -8.22
N PHE A 8 -2.82 -1.66 -8.13
CA PHE A 8 -2.24 -2.97 -7.87
C PHE A 8 -1.99 -3.75 -9.16
N LEU A 9 -0.76 -4.16 -9.38
CA LEU A 9 -0.38 -4.92 -10.57
C LEU A 9 0.31 -6.23 -10.21
N GLY A 10 0.30 -7.17 -11.16
CA GLY A 10 0.94 -8.46 -10.93
C GLY A 10 -0.02 -9.47 -10.35
N GLY A 11 0.19 -9.81 -9.07
CA GLY A 11 -0.67 -10.76 -8.40
C GLY A 11 -1.22 -10.23 -7.08
N LEU A 12 -1.51 -8.93 -7.05
CA LEU A 12 -2.05 -8.28 -5.84
C LEU A 12 -3.55 -8.02 -5.98
N ASP A 13 -3.96 -7.52 -7.16
CA ASP A 13 -5.37 -7.22 -7.42
C ASP A 13 -6.24 -8.48 -7.28
N ALA A 14 -5.65 -9.65 -7.53
CA ALA A 14 -6.38 -10.92 -7.43
C ALA A 14 -6.85 -11.15 -6.00
N ILE A 15 -6.04 -10.72 -5.03
CA ILE A 15 -6.39 -10.88 -3.62
C ILE A 15 -7.48 -9.90 -3.19
N PHE A 16 -7.42 -8.68 -3.73
CA PHE A 16 -8.41 -7.65 -3.40
C PHE A 16 -9.78 -7.99 -3.99
N GLY A 17 -9.88 -7.90 -5.31
CA GLY A 17 -11.14 -8.20 -5.99
C GLY A 17 -11.08 -7.92 -7.48
N LYS A 18 -9.99 -8.37 -8.12
CA LYS A 18 -9.79 -8.18 -9.55
C LYS A 18 -9.87 -6.70 -9.94
N GLN A 19 -9.43 -5.82 -9.04
CA GLN A 19 -9.45 -4.38 -9.30
C GLN A 19 -8.06 -3.78 -9.20
N ARG A 20 -7.66 -3.02 -10.22
CA ARG A 20 -6.33 -2.39 -10.24
C ARG A 20 -6.35 -1.07 -9.48
N VAL A 21 -7.13 -0.10 -9.97
CA VAL A 21 -7.23 1.20 -9.33
C VAL A 21 -8.17 1.16 -8.13
N HIS A 22 -7.60 1.20 -6.93
CA HIS A 22 -8.37 1.16 -5.70
C HIS A 22 -8.31 2.51 -4.96
N LYS A 23 -9.09 2.63 -3.88
CA LYS A 23 -9.13 3.86 -3.09
C LYS A 23 -8.99 3.55 -1.59
N ILE A 24 -8.17 4.35 -0.91
CA ILE A 24 -7.95 4.17 0.53
C ILE A 24 -8.40 5.40 1.32
N LYS A 25 -8.79 5.18 2.59
CA LYS A 25 -9.24 6.26 3.46
C LYS A 25 -8.93 5.96 4.92
N MET A 26 -7.84 6.55 5.43
CA MET A 26 -7.42 6.35 6.83
C MET A 26 -8.33 7.10 7.78
N ASP A 27 -8.49 8.40 7.54
CA ASP A 27 -9.33 9.28 8.37
C ASP A 27 -8.90 9.22 9.84
N LYS A 28 -7.79 9.90 10.14
CA LYS A 28 -7.25 9.95 11.50
C LYS A 28 -6.82 11.36 11.89
N GLU A 29 -5.76 11.85 11.24
CA GLU A 29 -5.24 13.19 11.51
C GLU A 29 -4.81 13.88 10.21
N ASP A 30 -4.23 15.07 10.35
CA ASP A 30 -3.77 15.83 9.18
C ASP A 30 -2.39 15.33 8.72
N PRO A 31 -1.36 15.40 9.59
CA PRO A 31 -0.01 14.96 9.24
C PRO A 31 0.14 13.43 9.25
N VAL A 32 -0.64 12.76 8.41
CA VAL A 32 -0.61 11.30 8.31
C VAL A 32 0.61 10.83 7.50
N THR A 33 1.20 9.72 7.94
CA THR A 33 2.38 9.17 7.26
C THR A 33 1.99 7.99 6.37
N VAL A 34 2.80 7.72 5.35
CA VAL A 34 2.54 6.63 4.42
C VAL A 34 2.45 5.29 5.13
N GLY A 35 3.26 5.11 6.18
CA GLY A 35 3.24 3.87 6.93
C GLY A 35 1.88 3.62 7.56
N ASP A 36 1.14 4.70 7.84
CA ASP A 36 -0.19 4.60 8.43
C ASP A 36 -1.19 4.10 7.38
N LEU A 37 -1.03 4.58 6.15
CA LEU A 37 -1.90 4.18 5.04
C LEU A 37 -1.90 2.66 4.89
N ILE A 38 -0.71 2.07 4.82
CA ILE A 38 -0.58 0.63 4.68
C ILE A 38 -1.21 -0.08 5.89
N ASP A 39 -0.95 0.45 7.09
CA ASP A 39 -1.50 -0.12 8.30
C ASP A 39 -3.03 -0.20 8.24
N HIS A 40 -3.64 0.87 7.74
CA HIS A 40 -5.10 0.92 7.62
C HIS A 40 -5.62 -0.20 6.72
N ILE A 41 -4.98 -0.38 5.56
CA ILE A 41 -5.38 -1.42 4.62
C ILE A 41 -5.29 -2.81 5.26
N VAL A 42 -4.35 -2.97 6.19
CA VAL A 42 -4.16 -4.24 6.89
C VAL A 42 -4.86 -4.26 8.25
N SER A 43 -5.45 -3.13 8.65
CA SER A 43 -6.13 -3.03 9.95
C SER A 43 -7.61 -3.34 9.83
N THR A 44 -8.38 -2.47 9.17
CA THR A 44 -9.81 -2.67 9.00
C THR A 44 -10.14 -3.23 7.62
N MET A 45 -9.48 -2.69 6.59
CA MET A 45 -9.69 -3.13 5.22
C MET A 45 -9.50 -4.65 5.07
N ILE A 46 -8.48 -5.19 5.76
CA ILE A 46 -8.20 -6.63 5.71
C ILE A 46 -8.02 -7.20 7.11
N ASN A 47 -8.72 -8.29 7.40
CA ASN A 47 -8.63 -8.95 8.70
C ASN A 47 -8.73 -10.47 8.57
N ASN A 48 -7.91 -11.05 7.68
CA ASN A 48 -7.92 -12.49 7.46
C ASN A 48 -6.52 -13.04 7.22
N PRO A 49 -6.06 -13.99 8.06
CA PRO A 49 -4.73 -14.61 7.93
C PRO A 49 -4.56 -15.37 6.62
N ASN A 50 -4.41 -14.62 5.53
CA ASN A 50 -4.25 -15.21 4.21
C ASN A 50 -3.79 -14.14 3.21
N ASP A 51 -4.60 -13.09 3.07
CA ASP A 51 -4.28 -11.98 2.17
C ASP A 51 -3.27 -11.04 2.81
N VAL A 52 -3.39 -10.84 4.12
CA VAL A 52 -2.48 -9.96 4.85
C VAL A 52 -1.26 -10.73 5.34
N SER A 53 -1.47 -11.99 5.73
CA SER A 53 -0.38 -12.83 6.22
C SER A 53 0.77 -12.89 5.21
N ILE A 54 0.43 -12.90 3.92
CA ILE A 54 1.45 -12.94 2.87
C ILE A 54 1.99 -11.54 2.55
N PHE A 55 1.10 -10.53 2.58
CA PHE A 55 1.49 -9.16 2.30
C PHE A 55 2.42 -8.62 3.41
N ILE A 56 2.11 -8.96 4.66
CA ILE A 56 2.90 -8.51 5.81
C ILE A 56 3.34 -9.70 6.66
N GLU A 57 4.66 -9.92 6.74
CA GLU A 57 5.23 -11.02 7.52
C GLU A 57 6.06 -10.47 8.68
N ASP A 58 5.82 -10.98 9.89
CA ASP A 58 6.54 -10.54 11.09
C ASP A 58 6.34 -9.04 11.31
N ASP A 59 5.10 -8.59 11.16
CA ASP A 59 4.75 -7.18 11.33
C ASP A 59 5.59 -6.27 10.41
N SER A 60 5.94 -6.79 9.23
CA SER A 60 6.73 -6.02 8.27
C SER A 60 6.47 -6.50 6.84
N ILE A 61 6.59 -5.59 5.88
CA ILE A 61 6.36 -5.92 4.48
C ILE A 61 7.42 -6.88 3.96
N ARG A 62 7.05 -7.70 2.98
CA ARG A 62 7.97 -8.66 2.39
C ARG A 62 8.67 -8.09 1.17
N PRO A 63 10.02 -8.20 1.11
CA PRO A 63 10.82 -7.68 -0.02
C PRO A 63 10.33 -8.22 -1.36
N GLY A 64 9.91 -7.31 -2.24
CA GLY A 64 9.42 -7.70 -3.55
C GLY A 64 8.35 -6.76 -4.09
N ILE A 65 7.49 -6.27 -3.20
CA ILE A 65 6.43 -5.35 -3.59
C ILE A 65 7.00 -3.95 -3.86
N ILE A 66 6.67 -3.41 -5.03
CA ILE A 66 7.14 -2.09 -5.44
C ILE A 66 6.04 -1.04 -5.28
N THR A 67 6.35 0.04 -4.58
CA THR A 67 5.40 1.12 -4.36
C THR A 67 5.92 2.46 -4.89
N LEU A 68 5.06 3.19 -5.60
CA LEU A 68 5.43 4.48 -6.16
C LEU A 68 4.69 5.61 -5.45
N ILE A 69 5.38 6.25 -4.50
CA ILE A 69 4.79 7.36 -3.74
C ILE A 69 4.87 8.65 -4.54
N ASN A 70 3.74 9.06 -5.13
CA ASN A 70 3.68 10.28 -5.94
C ASN A 70 4.69 10.22 -7.08
N ASP A 71 4.70 9.10 -7.80
CA ASP A 71 5.62 8.89 -8.92
C ASP A 71 7.08 8.92 -8.45
N THR A 72 7.31 8.45 -7.23
CA THR A 72 8.66 8.41 -6.65
C THR A 72 8.96 7.02 -6.11
N ASP A 73 10.23 6.73 -5.89
CA ASP A 73 10.65 5.41 -5.38
C ASP A 73 10.43 5.30 -3.87
N TRP A 74 9.86 4.18 -3.45
CA TRP A 74 9.61 3.92 -2.04
C TRP A 74 10.89 4.00 -1.22
N GLU A 75 11.90 3.24 -1.65
CA GLU A 75 13.21 3.22 -0.96
C GLU A 75 13.91 4.57 -1.08
N LEU A 76 13.77 5.22 -2.24
CA LEU A 76 14.40 6.53 -2.47
C LEU A 76 13.96 7.53 -1.40
N GLU A 77 12.65 7.66 -1.21
CA GLU A 77 12.11 8.59 -0.22
C GLU A 77 12.47 8.14 1.20
N GLY A 78 12.52 6.83 1.42
CA GLY A 78 12.86 6.30 2.72
C GLY A 78 11.80 5.38 3.31
N GLU A 79 11.11 4.63 2.44
CA GLU A 79 10.06 3.71 2.86
C GLU A 79 8.91 4.45 3.54
N LYS A 80 9.09 4.81 4.81
CA LYS A 80 8.07 5.53 5.57
C LYS A 80 8.47 6.98 5.83
N ASP A 81 9.46 7.48 5.07
CA ASP A 81 9.93 8.85 5.23
C ASP A 81 9.21 9.78 4.24
N TYR A 82 7.87 9.65 4.20
CA TYR A 82 7.05 10.47 3.31
C TYR A 82 5.72 10.81 3.99
N ILE A 83 5.28 12.06 3.83
CA ILE A 83 4.02 12.52 4.42
C ILE A 83 2.87 12.37 3.43
N LEU A 84 1.77 11.75 3.89
CA LEU A 84 0.60 11.54 3.05
C LEU A 84 0.03 12.88 2.55
N GLU A 85 -0.96 12.80 1.68
CA GLU A 85 -1.59 13.99 1.12
C GLU A 85 -2.96 13.63 0.52
N ASP A 86 -4.02 13.91 1.27
CA ASP A 86 -5.38 13.61 0.82
C ASP A 86 -5.56 13.99 -0.65
N GLY A 87 -5.60 12.98 -1.52
CA GLY A 87 -5.74 13.20 -2.94
C GLY A 87 -4.45 12.96 -3.71
N ASP A 88 -3.60 12.09 -3.18
CA ASP A 88 -2.32 11.76 -3.82
C ASP A 88 -2.45 10.50 -4.67
N ILE A 89 -1.36 10.16 -5.40
CA ILE A 89 -1.35 8.98 -6.25
C ILE A 89 -0.27 7.99 -5.83
N ILE A 90 -0.65 6.72 -5.69
CA ILE A 90 0.29 5.67 -5.29
C ILE A 90 0.14 4.42 -6.19
N SER A 91 1.22 3.66 -6.31
CA SER A 91 1.22 2.44 -7.13
C SER A 91 1.72 1.24 -6.33
N PHE A 92 1.33 0.04 -6.75
CA PHE A 92 1.74 -1.20 -6.09
C PHE A 92 1.96 -2.32 -7.09
N THR A 93 3.22 -2.66 -7.34
CA THR A 93 3.58 -3.72 -8.28
C THR A 93 4.14 -4.94 -7.54
N SER A 94 3.78 -6.13 -8.03
CA SER A 94 4.24 -7.38 -7.43
C SER A 94 5.11 -8.16 -8.42
N THR A 95 6.43 -8.02 -8.29
CA THR A 95 7.37 -8.71 -9.18
C THR A 95 7.44 -10.21 -8.84
N LEU A 96 7.98 -10.53 -7.66
CA LEU A 96 8.10 -11.90 -7.20
C LEU A 96 9.00 -12.73 -8.13
N HIS A 97 10.26 -12.94 -7.69
CA HIS A 97 11.24 -13.72 -8.46
C HIS A 97 11.62 -13.02 -9.77
N GLY A 98 11.32 -11.72 -9.89
CA GLY A 98 11.65 -10.97 -11.09
C GLY A 98 11.10 -11.60 -12.36
N GLY A 99 9.78 -11.55 -12.52
CA GLY A 99 9.15 -12.11 -13.71
C GLY A 99 9.02 -13.62 -13.64
N MET A 1 -10.19 11.50 6.17
CA MET A 1 -9.86 12.90 5.78
C MET A 1 -8.93 12.95 4.58
N VAL A 2 -7.98 12.01 4.50
CA VAL A 2 -7.03 11.96 3.39
C VAL A 2 -7.31 10.79 2.45
N ASN A 3 -7.38 11.07 1.15
CA ASN A 3 -7.66 10.06 0.14
C ASN A 3 -6.42 9.81 -0.73
N VAL A 4 -6.18 8.54 -1.06
CA VAL A 4 -5.03 8.18 -1.89
C VAL A 4 -5.38 7.06 -2.88
N LYS A 5 -4.92 7.21 -4.12
CA LYS A 5 -5.18 6.21 -5.16
C LYS A 5 -4.00 5.25 -5.28
N VAL A 6 -4.24 3.98 -4.98
CA VAL A 6 -3.20 2.96 -5.04
C VAL A 6 -3.48 1.94 -6.14
N GLU A 7 -2.42 1.47 -6.81
CA GLU A 7 -2.55 0.50 -7.88
C GLU A 7 -2.05 -0.88 -7.44
N PHE A 8 -2.56 -1.93 -8.08
CA PHE A 8 -2.18 -3.29 -7.77
C PHE A 8 -2.10 -4.16 -9.03
N LEU A 9 -0.88 -4.56 -9.39
CA LEU A 9 -0.66 -5.39 -10.58
C LEU A 9 0.06 -6.68 -10.21
N GLY A 10 -0.28 -7.77 -10.92
CA GLY A 10 0.35 -9.04 -10.67
C GLY A 10 -0.55 -9.98 -9.87
N GLY A 11 -0.15 -10.25 -8.62
CA GLY A 11 -0.92 -11.13 -7.75
C GLY A 11 -1.40 -10.44 -6.49
N LEU A 12 -1.60 -9.12 -6.55
CA LEU A 12 -2.07 -8.35 -5.41
C LEU A 12 -3.56 -8.07 -5.51
N ASP A 13 -4.00 -7.59 -6.67
CA ASP A 13 -5.41 -7.30 -6.91
C ASP A 13 -6.27 -8.56 -6.88
N ALA A 14 -5.67 -9.71 -7.18
CA ALA A 14 -6.39 -10.98 -7.17
C ALA A 14 -6.80 -11.38 -5.76
N ILE A 15 -5.95 -11.03 -4.79
CA ILE A 15 -6.22 -11.35 -3.39
C ILE A 15 -7.29 -10.44 -2.80
N PHE A 16 -7.26 -9.16 -3.20
CA PHE A 16 -8.23 -8.19 -2.72
C PHE A 16 -9.64 -8.47 -3.25
N GLY A 17 -9.77 -8.42 -4.57
CA GLY A 17 -11.07 -8.67 -5.20
C GLY A 17 -11.10 -8.24 -6.66
N LYS A 18 -10.07 -8.61 -7.41
CA LYS A 18 -9.96 -8.25 -8.83
C LYS A 18 -10.01 -6.73 -9.01
N GLN A 19 -9.46 -5.99 -8.06
CA GLN A 19 -9.44 -4.54 -8.13
C GLN A 19 -8.01 -4.02 -8.31
N ARG A 20 -7.69 -3.60 -9.54
CA ARG A 20 -6.35 -3.08 -9.84
C ARG A 20 -6.05 -1.84 -9.00
N VAL A 21 -6.76 -0.75 -9.30
CA VAL A 21 -6.57 0.50 -8.57
C VAL A 21 -7.63 0.67 -7.48
N HIS A 22 -7.18 0.98 -6.27
CA HIS A 22 -8.08 1.16 -5.13
C HIS A 22 -7.81 2.49 -4.41
N LYS A 23 -8.76 2.91 -3.58
CA LYS A 23 -8.63 4.16 -2.83
C LYS A 23 -8.87 3.94 -1.34
N ILE A 24 -8.00 4.51 -0.51
CA ILE A 24 -8.11 4.38 0.94
C ILE A 24 -8.32 5.74 1.60
N LYS A 25 -9.10 5.76 2.68
CA LYS A 25 -9.39 6.99 3.41
C LYS A 25 -9.04 6.82 4.90
N MET A 26 -7.80 7.14 5.26
CA MET A 26 -7.34 7.01 6.65
C MET A 26 -8.07 8.00 7.55
N ASP A 27 -8.26 7.61 8.82
CA ASP A 27 -8.94 8.47 9.79
C ASP A 27 -8.08 8.72 11.02
N LYS A 28 -7.47 9.90 11.08
CA LYS A 28 -6.60 10.28 12.20
C LYS A 28 -6.31 11.79 12.17
N GLU A 29 -5.81 12.27 11.03
CA GLU A 29 -5.48 13.69 10.86
C GLU A 29 -5.08 13.98 9.41
N ASP A 30 -4.49 15.16 9.17
CA ASP A 30 -4.05 15.54 7.84
C ASP A 30 -2.65 14.98 7.55
N PRO A 31 -1.64 15.35 8.36
CA PRO A 31 -0.25 14.88 8.17
C PRO A 31 -0.06 13.43 8.64
N VAL A 32 -0.82 12.52 8.05
CA VAL A 32 -0.74 11.10 8.38
C VAL A 32 0.41 10.44 7.64
N THR A 33 1.25 9.69 8.37
CA THR A 33 2.38 9.01 7.75
C THR A 33 1.91 7.92 6.79
N VAL A 34 2.67 7.71 5.72
CA VAL A 34 2.32 6.69 4.73
C VAL A 34 2.14 5.31 5.38
N GLY A 35 2.90 5.04 6.44
CA GLY A 35 2.79 3.78 7.13
C GLY A 35 1.38 3.56 7.69
N ASP A 36 0.66 4.65 7.92
CA ASP A 36 -0.70 4.59 8.44
C ASP A 36 -1.66 4.14 7.33
N LEU A 37 -1.44 4.65 6.11
CA LEU A 37 -2.27 4.30 4.97
C LEU A 37 -2.27 2.79 4.77
N ILE A 38 -1.09 2.20 4.62
CA ILE A 38 -0.96 0.76 4.44
C ILE A 38 -1.56 0.01 5.63
N ASP A 39 -1.41 0.60 6.83
CA ASP A 39 -1.96 0.00 8.04
C ASP A 39 -3.48 -0.08 7.96
N HIS A 40 -4.12 0.99 7.49
CA HIS A 40 -5.57 1.03 7.37
C HIS A 40 -6.08 -0.09 6.48
N ILE A 41 -5.34 -0.37 5.39
CA ILE A 41 -5.71 -1.42 4.46
C ILE A 41 -5.56 -2.80 5.09
N VAL A 42 -4.62 -2.92 6.03
CA VAL A 42 -4.37 -4.19 6.70
C VAL A 42 -5.08 -4.26 8.06
N SER A 43 -5.68 -3.15 8.49
CA SER A 43 -6.38 -3.11 9.78
C SER A 43 -7.90 -3.24 9.60
N THR A 44 -8.51 -2.26 8.94
CA THR A 44 -9.97 -2.26 8.72
C THR A 44 -10.32 -3.02 7.45
N MET A 45 -9.68 -2.66 6.34
CA MET A 45 -9.94 -3.31 5.05
C MET A 45 -9.70 -4.82 5.13
N ILE A 46 -8.53 -5.22 5.63
CA ILE A 46 -8.19 -6.63 5.75
C ILE A 46 -8.00 -7.03 7.21
N ASN A 47 -8.42 -8.25 7.56
CA ASN A 47 -8.29 -8.76 8.91
C ASN A 47 -8.44 -10.28 8.93
N ASN A 48 -7.84 -10.95 7.94
CA ASN A 48 -7.91 -12.40 7.83
C ASN A 48 -6.54 -12.98 7.55
N PRO A 49 -6.01 -13.83 8.46
CA PRO A 49 -4.69 -14.46 8.30
C PRO A 49 -4.60 -15.33 7.04
N ASN A 50 -4.49 -14.67 5.90
CA ASN A 50 -4.39 -15.36 4.61
C ASN A 50 -3.93 -14.38 3.52
N ASP A 51 -4.73 -13.34 3.30
CA ASP A 51 -4.41 -12.33 2.30
C ASP A 51 -3.39 -11.33 2.83
N VAL A 52 -3.45 -11.04 4.12
CA VAL A 52 -2.52 -10.09 4.73
C VAL A 52 -1.31 -10.83 5.32
N SER A 53 -1.57 -11.97 5.97
CA SER A 53 -0.50 -12.77 6.58
C SER A 53 0.56 -13.16 5.54
N ILE A 54 0.12 -13.42 4.30
CA ILE A 54 1.05 -13.80 3.24
C ILE A 54 1.58 -12.57 2.50
N PHE A 55 0.75 -11.53 2.37
CA PHE A 55 1.16 -10.30 1.70
C PHE A 55 2.19 -9.54 2.52
N ILE A 56 1.95 -9.44 3.84
CA ILE A 56 2.87 -8.73 4.72
C ILE A 56 3.19 -9.56 5.97
N GLU A 57 4.44 -9.49 6.42
CA GLU A 57 4.91 -10.22 7.60
C GLU A 57 4.60 -9.42 8.86
N ASP A 58 5.15 -9.87 10.01
CA ASP A 58 4.93 -9.19 11.28
C ASP A 58 5.52 -7.78 11.24
N ASP A 59 4.68 -6.80 10.88
CA ASP A 59 5.08 -5.41 10.78
C ASP A 59 6.28 -5.24 9.82
N SER A 60 6.23 -5.92 8.67
CA SER A 60 7.31 -5.84 7.68
C SER A 60 6.87 -6.43 6.34
N ILE A 61 7.06 -5.68 5.27
CA ILE A 61 6.68 -6.12 3.93
C ILE A 61 7.63 -7.21 3.42
N ARG A 62 7.13 -8.06 2.52
CA ARG A 62 7.93 -9.13 1.95
C ARG A 62 8.68 -8.67 0.71
N PRO A 63 9.95 -9.09 0.56
CA PRO A 63 10.78 -8.72 -0.60
C PRO A 63 10.13 -9.08 -1.93
N GLY A 64 9.99 -8.08 -2.81
CA GLY A 64 9.39 -8.32 -4.11
C GLY A 64 8.35 -7.27 -4.48
N ILE A 65 7.46 -6.96 -3.54
CA ILE A 65 6.41 -5.96 -3.78
C ILE A 65 7.03 -4.57 -4.00
N ILE A 66 6.88 -4.08 -5.23
CA ILE A 66 7.42 -2.76 -5.61
C ILE A 66 6.43 -1.63 -5.28
N THR A 67 6.97 -0.46 -4.92
CA THR A 67 6.14 0.70 -4.58
C THR A 67 6.74 2.00 -5.11
N LEU A 68 5.89 2.88 -5.65
CA LEU A 68 6.34 4.17 -6.19
C LEU A 68 5.27 5.25 -5.96
N ILE A 69 5.69 6.38 -5.37
CA ILE A 69 4.78 7.49 -5.10
C ILE A 69 4.74 8.49 -6.27
N ASN A 70 3.82 8.25 -7.21
CA ASN A 70 3.65 9.12 -8.37
C ASN A 70 4.97 9.25 -9.15
N ASP A 71 5.41 8.13 -9.74
CA ASP A 71 6.66 8.09 -10.52
C ASP A 71 7.87 8.43 -9.66
N THR A 72 7.75 8.22 -8.35
CA THR A 72 8.85 8.49 -7.42
C THR A 72 9.08 7.30 -6.51
N ASP A 73 10.23 7.27 -5.83
CA ASP A 73 10.57 6.17 -4.94
C ASP A 73 9.88 6.32 -3.58
N TRP A 74 9.88 5.23 -2.80
CA TRP A 74 9.25 5.24 -1.48
C TRP A 74 10.27 5.55 -0.39
N GLU A 75 11.48 4.99 -0.53
CA GLU A 75 12.55 5.21 0.45
C GLU A 75 13.27 6.54 0.19
N LEU A 76 13.28 7.00 -1.06
CA LEU A 76 13.94 8.26 -1.43
C LEU A 76 13.43 9.42 -0.58
N GLU A 77 12.18 9.33 -0.10
CA GLU A 77 11.59 10.38 0.72
C GLU A 77 11.01 9.82 2.02
N GLY A 78 11.57 8.70 2.49
CA GLY A 78 11.09 8.09 3.73
C GLY A 78 9.98 7.08 3.49
N GLU A 79 10.31 5.79 3.55
CA GLU A 79 9.32 4.72 3.33
C GLU A 79 8.12 4.87 4.27
N LYS A 80 8.34 5.35 5.49
CA LYS A 80 7.26 5.55 6.46
C LYS A 80 7.19 7.01 6.91
N ASP A 81 8.36 7.61 7.13
CA ASP A 81 8.45 9.01 7.55
C ASP A 81 7.70 9.94 6.60
N TYR A 82 7.63 9.54 5.32
CA TYR A 82 6.94 10.34 4.31
C TYR A 82 5.50 10.62 4.73
N ILE A 83 5.17 11.90 4.88
CA ILE A 83 3.82 12.31 5.28
C ILE A 83 2.87 12.25 4.09
N LEU A 84 1.65 11.76 4.32
CA LEU A 84 0.65 11.66 3.26
C LEU A 84 0.27 13.04 2.71
N GLU A 85 -0.56 13.05 1.68
CA GLU A 85 -1.00 14.29 1.06
C GLU A 85 -2.17 14.03 0.12
N ASP A 86 -3.38 14.35 0.59
CA ASP A 86 -4.59 14.15 -0.20
C ASP A 86 -4.40 14.65 -1.63
N GLY A 87 -4.43 13.72 -2.58
CA GLY A 87 -4.26 14.07 -3.98
C GLY A 87 -2.99 13.49 -4.58
N ASP A 88 -2.43 12.46 -3.93
CA ASP A 88 -1.21 11.81 -4.40
C ASP A 88 -1.49 10.39 -4.87
N ILE A 89 -0.46 9.71 -5.38
CA ILE A 89 -0.60 8.34 -5.86
C ILE A 89 0.44 7.40 -5.24
N ILE A 90 0.07 6.14 -5.10
CA ILE A 90 0.95 5.12 -4.53
C ILE A 90 0.77 3.78 -5.25
N SER A 91 1.69 3.48 -6.17
CA SER A 91 1.63 2.24 -6.94
C SER A 91 2.16 1.05 -6.14
N PHE A 92 1.53 -0.12 -6.31
CA PHE A 92 1.94 -1.34 -5.63
C PHE A 92 1.93 -2.52 -6.60
N THR A 93 3.01 -2.66 -7.36
CA THR A 93 3.13 -3.74 -8.34
C THR A 93 3.84 -4.96 -7.75
N SER A 94 3.48 -6.14 -8.26
CA SER A 94 4.09 -7.40 -7.81
C SER A 94 4.47 -8.27 -9.01
N THR A 95 5.74 -8.25 -9.38
CA THR A 95 6.22 -9.04 -10.52
C THR A 95 6.41 -10.50 -10.12
N LEU A 96 7.14 -10.72 -9.02
CA LEU A 96 7.40 -12.07 -8.51
C LEU A 96 8.26 -12.89 -9.47
N HIS A 97 7.70 -13.24 -10.63
CA HIS A 97 8.41 -14.02 -11.65
C HIS A 97 9.39 -13.14 -12.41
N GLY A 98 10.68 -13.50 -12.34
CA GLY A 98 11.70 -12.75 -13.03
C GLY A 98 12.47 -13.60 -14.03
N GLY A 99 12.56 -13.11 -15.27
CA GLY A 99 13.25 -13.85 -16.31
C GLY A 99 12.33 -14.75 -17.11
N MET A 1 -11.12 11.63 5.60
CA MET A 1 -10.02 12.57 5.95
C MET A 1 -9.09 12.81 4.75
N VAL A 2 -8.77 11.74 4.03
CA VAL A 2 -7.88 11.84 2.86
C VAL A 2 -8.28 10.85 1.77
N ASN A 3 -7.63 10.96 0.60
CA ASN A 3 -7.89 10.06 -0.52
C ASN A 3 -6.60 9.71 -1.26
N VAL A 4 -6.21 8.44 -1.20
CA VAL A 4 -4.99 7.96 -1.85
C VAL A 4 -5.32 6.92 -2.93
N LYS A 5 -4.73 7.09 -4.11
CA LYS A 5 -4.95 6.16 -5.22
C LYS A 5 -3.72 5.27 -5.43
N VAL A 6 -3.82 4.02 -5.02
CA VAL A 6 -2.73 3.07 -5.17
C VAL A 6 -2.99 2.07 -6.29
N GLU A 7 -1.94 1.69 -7.01
CA GLU A 7 -2.06 0.73 -8.11
C GLU A 7 -1.48 -0.62 -7.72
N PHE A 8 -2.20 -1.69 -8.05
CA PHE A 8 -1.74 -3.05 -7.73
C PHE A 8 -1.56 -3.86 -9.02
N LEU A 9 -0.32 -4.25 -9.29
CA LEU A 9 0.00 -5.03 -10.48
C LEU A 9 0.67 -6.35 -10.11
N GLY A 10 0.19 -7.44 -10.71
CA GLY A 10 0.76 -8.75 -10.43
C GLY A 10 -0.25 -9.69 -9.80
N GLY A 11 -0.06 -9.99 -8.52
CA GLY A 11 -0.96 -10.89 -7.81
C GLY A 11 -1.82 -10.19 -6.76
N LEU A 12 -1.35 -9.03 -6.27
CA LEU A 12 -2.08 -8.27 -5.26
C LEU A 12 -3.50 -7.94 -5.74
N ASP A 13 -3.62 -7.44 -6.96
CA ASP A 13 -4.92 -7.09 -7.53
C ASP A 13 -5.85 -8.30 -7.54
N ALA A 14 -5.28 -9.49 -7.80
CA ALA A 14 -6.07 -10.71 -7.85
C ALA A 14 -6.66 -11.06 -6.48
N ILE A 15 -5.89 -10.75 -5.43
CA ILE A 15 -6.34 -11.02 -4.06
C ILE A 15 -7.40 -10.01 -3.61
N PHE A 16 -7.21 -8.74 -3.99
CA PHE A 16 -8.16 -7.68 -3.61
C PHE A 16 -9.51 -7.88 -4.30
N GLY A 17 -9.58 -7.57 -5.58
CA GLY A 17 -10.82 -7.72 -6.33
C GLY A 17 -10.65 -7.47 -7.81
N LYS A 18 -9.55 -8.00 -8.38
CA LYS A 18 -9.26 -7.84 -9.80
C LYS A 18 -9.26 -6.37 -10.21
N GLN A 19 -8.81 -5.50 -9.29
CA GLN A 19 -8.76 -4.06 -9.55
C GLN A 19 -7.31 -3.59 -9.68
N ARG A 20 -6.95 -3.08 -10.86
CA ARG A 20 -5.59 -2.60 -11.11
C ARG A 20 -5.24 -1.43 -10.17
N VAL A 21 -6.26 -0.67 -9.75
CA VAL A 21 -6.05 0.46 -8.85
C VAL A 21 -7.09 0.46 -7.73
N HIS A 22 -6.65 0.84 -6.52
CA HIS A 22 -7.53 0.89 -5.36
C HIS A 22 -7.57 2.28 -4.74
N LYS A 23 -8.48 2.48 -3.80
CA LYS A 23 -8.62 3.78 -3.12
C LYS A 23 -8.78 3.59 -1.61
N ILE A 24 -7.88 4.20 -0.84
CA ILE A 24 -7.92 4.10 0.61
C ILE A 24 -8.15 5.48 1.24
N LYS A 25 -8.91 5.49 2.34
CA LYS A 25 -9.21 6.74 3.04
C LYS A 25 -9.04 6.56 4.55
N MET A 26 -7.85 6.85 5.05
CA MET A 26 -7.55 6.71 6.48
C MET A 26 -8.24 7.81 7.29
N ASP A 27 -8.46 7.55 8.58
CA ASP A 27 -9.11 8.52 9.45
C ASP A 27 -8.52 8.49 10.86
N LYS A 28 -7.87 9.59 11.24
CA LYS A 28 -7.26 9.72 12.56
C LYS A 28 -6.76 11.14 12.80
N GLU A 29 -6.04 11.68 11.82
CA GLU A 29 -5.50 13.04 11.90
C GLU A 29 -5.25 13.62 10.51
N ASP A 30 -4.71 14.84 10.47
CA ASP A 30 -4.41 15.48 9.18
C ASP A 30 -3.06 15.03 8.64
N PRO A 31 -1.96 15.24 9.40
CA PRO A 31 -0.62 14.85 8.96
C PRO A 31 -0.36 13.35 9.17
N VAL A 32 -1.20 12.52 8.55
CA VAL A 32 -1.08 11.07 8.65
C VAL A 32 0.10 10.57 7.81
N THR A 33 1.06 9.91 8.46
CA THR A 33 2.23 9.38 7.76
C THR A 33 1.83 8.23 6.84
N VAL A 34 2.62 8.03 5.79
CA VAL A 34 2.36 6.96 4.82
C VAL A 34 2.33 5.59 5.49
N GLY A 35 3.12 5.43 6.55
CA GLY A 35 3.14 4.17 7.28
C GLY A 35 1.77 3.79 7.79
N ASP A 36 0.93 4.80 8.04
CA ASP A 36 -0.43 4.59 8.51
C ASP A 36 -1.30 4.01 7.39
N LEU A 37 -1.07 4.49 6.17
CA LEU A 37 -1.80 4.01 4.99
C LEU A 37 -1.64 2.50 4.86
N ILE A 38 -0.40 2.02 4.99
CA ILE A 38 -0.12 0.59 4.90
C ILE A 38 -0.84 -0.17 6.01
N ASP A 39 -0.83 0.40 7.21
CA ASP A 39 -1.49 -0.22 8.36
C ASP A 39 -2.99 -0.39 8.11
N HIS A 40 -3.61 0.61 7.47
CA HIS A 40 -5.04 0.56 7.18
C HIS A 40 -5.37 -0.60 6.23
N ILE A 41 -4.57 -0.74 5.18
CA ILE A 41 -4.78 -1.81 4.20
C ILE A 41 -4.65 -3.19 4.85
N VAL A 42 -3.80 -3.28 5.87
CA VAL A 42 -3.58 -4.54 6.58
C VAL A 42 -4.42 -4.64 7.86
N SER A 43 -5.15 -3.56 8.18
CA SER A 43 -5.97 -3.54 9.39
C SER A 43 -7.41 -3.97 9.09
N THR A 44 -8.18 -3.07 8.47
CA THR A 44 -9.58 -3.37 8.14
C THR A 44 -9.73 -3.87 6.70
N MET A 45 -8.99 -3.27 5.78
CA MET A 45 -9.03 -3.66 4.37
C MET A 45 -8.71 -5.16 4.21
N ILE A 46 -7.74 -5.64 4.99
CA ILE A 46 -7.33 -7.05 4.94
C ILE A 46 -7.13 -7.60 6.35
N ASN A 47 -7.62 -8.81 6.60
CA ASN A 47 -7.48 -9.44 7.92
C ASN A 47 -7.66 -10.96 7.84
N ASN A 48 -6.68 -11.64 7.25
CA ASN A 48 -6.74 -13.10 7.13
C ASN A 48 -5.36 -13.67 6.83
N PRO A 49 -4.98 -14.77 7.51
CA PRO A 49 -3.68 -15.42 7.30
C PRO A 49 -3.63 -16.15 5.95
N ASN A 50 -3.72 -15.38 4.87
CA ASN A 50 -3.69 -15.93 3.53
C ASN A 50 -3.37 -14.85 2.50
N ASP A 51 -4.02 -13.69 2.62
CA ASP A 51 -3.79 -12.57 1.71
C ASP A 51 -2.69 -11.66 2.26
N VAL A 52 -2.72 -11.38 3.56
CA VAL A 52 -1.73 -10.53 4.19
C VAL A 52 -0.38 -11.22 4.27
N SER A 53 -0.39 -12.54 4.47
CA SER A 53 0.85 -13.31 4.58
C SER A 53 1.80 -13.02 3.42
N ILE A 54 1.26 -12.69 2.25
CA ILE A 54 2.09 -12.39 1.08
C ILE A 54 2.69 -10.99 1.17
N PHE A 55 1.83 -9.97 1.14
CA PHE A 55 2.28 -8.57 1.20
C PHE A 55 2.95 -8.27 2.55
N ILE A 56 2.43 -8.87 3.63
CA ILE A 56 2.98 -8.66 4.96
C ILE A 56 3.34 -9.99 5.63
N GLU A 57 4.59 -10.40 5.50
CA GLU A 57 5.08 -11.65 6.08
C GLU A 57 5.85 -11.38 7.38
N ASP A 58 5.34 -11.94 8.49
CA ASP A 58 5.97 -11.77 9.81
C ASP A 58 6.03 -10.29 10.20
N ASP A 59 4.86 -9.68 10.38
CA ASP A 59 4.73 -8.26 10.75
C ASP A 59 5.69 -7.37 9.96
N SER A 60 5.95 -7.74 8.71
CA SER A 60 6.85 -6.97 7.85
C SER A 60 6.55 -7.25 6.38
N ILE A 61 6.78 -6.24 5.53
CA ILE A 61 6.54 -6.40 4.11
C ILE A 61 7.47 -7.43 3.50
N ARG A 62 7.03 -8.06 2.41
CA ARG A 62 7.83 -9.07 1.72
C ARG A 62 8.88 -8.42 0.83
N PRO A 63 10.18 -8.62 1.14
CA PRO A 63 11.28 -8.04 0.35
C PRO A 63 11.17 -8.39 -1.13
N GLY A 64 10.68 -7.42 -1.92
CA GLY A 64 10.50 -7.64 -3.34
C GLY A 64 9.45 -6.73 -3.94
N ILE A 65 8.44 -6.36 -3.15
CA ILE A 65 7.37 -5.48 -3.61
C ILE A 65 7.92 -4.11 -3.96
N ILE A 66 7.46 -3.57 -5.08
CA ILE A 66 7.89 -2.25 -5.55
C ILE A 66 6.82 -1.18 -5.30
N THR A 67 7.26 0.03 -4.97
CA THR A 67 6.34 1.14 -4.72
C THR A 67 6.91 2.46 -5.24
N LEU A 68 6.03 3.30 -5.81
CA LEU A 68 6.44 4.59 -6.35
C LEU A 68 5.41 5.68 -6.05
N ILE A 69 5.83 6.73 -5.35
CA ILE A 69 4.93 7.84 -5.01
C ILE A 69 5.02 8.96 -6.04
N ASN A 70 4.03 9.03 -6.93
CA ASN A 70 3.98 10.04 -7.99
C ASN A 70 5.20 9.93 -8.90
N ASP A 71 5.39 8.75 -9.47
CA ASP A 71 6.52 8.49 -10.37
C ASP A 71 7.86 8.78 -9.69
N THR A 72 7.91 8.56 -8.37
CA THR A 72 9.11 8.81 -7.59
C THR A 72 9.36 7.66 -6.61
N ASP A 73 10.56 7.60 -6.03
CA ASP A 73 10.90 6.55 -5.08
C ASP A 73 10.34 6.85 -3.69
N TRP A 74 10.02 5.78 -2.95
CA TRP A 74 9.46 5.91 -1.60
C TRP A 74 10.50 6.45 -0.62
N GLU A 75 11.66 5.79 -0.56
CA GLU A 75 12.74 6.20 0.33
C GLU A 75 13.49 7.43 -0.20
N LEU A 76 13.18 7.86 -1.43
CA LEU A 76 13.83 9.03 -2.02
C LEU A 76 13.64 10.27 -1.14
N GLU A 77 12.52 10.34 -0.44
CA GLU A 77 12.22 11.46 0.45
C GLU A 77 11.91 10.99 1.86
N GLY A 78 10.97 10.05 1.96
CA GLY A 78 10.59 9.52 3.27
C GLY A 78 9.79 8.24 3.17
N GLU A 79 10.40 7.13 3.57
CA GLU A 79 9.75 5.83 3.55
C GLU A 79 8.47 5.85 4.38
N LYS A 80 8.57 6.35 5.60
CA LYS A 80 7.42 6.44 6.50
C LYS A 80 7.16 7.89 6.92
N ASP A 81 8.24 8.61 7.24
CA ASP A 81 8.15 10.01 7.66
C ASP A 81 7.39 10.86 6.64
N TYR A 82 7.38 10.43 5.37
CA TYR A 82 6.68 11.16 4.31
C TYR A 82 5.24 11.44 4.70
N ILE A 83 4.89 12.73 4.76
CA ILE A 83 3.53 13.14 5.12
C ILE A 83 2.56 12.91 3.95
N LEU A 84 1.41 12.31 4.24
CA LEU A 84 0.42 12.05 3.20
C LEU A 84 -0.15 13.35 2.64
N GLU A 85 -1.00 13.24 1.61
CA GLU A 85 -1.60 14.41 0.99
C GLU A 85 -2.71 13.98 0.03
N ASP A 86 -3.96 14.11 0.48
CA ASP A 86 -5.12 13.73 -0.33
C ASP A 86 -4.96 14.22 -1.77
N GLY A 87 -4.87 13.28 -2.70
CA GLY A 87 -4.72 13.61 -4.10
C GLY A 87 -3.42 13.06 -4.70
N ASP A 88 -2.66 12.30 -3.91
CA ASP A 88 -1.40 11.73 -4.39
C ASP A 88 -1.64 10.48 -5.23
N ILE A 89 -0.62 10.06 -5.97
CA ILE A 89 -0.72 8.88 -6.82
C ILE A 89 0.36 7.86 -6.47
N ILE A 90 0.01 6.91 -5.60
CA ILE A 90 0.95 5.87 -5.17
C ILE A 90 0.83 4.63 -6.06
N SER A 91 1.92 3.87 -6.17
CA SER A 91 1.94 2.66 -6.99
C SER A 91 2.48 1.47 -6.20
N PHE A 92 1.95 0.29 -6.49
CA PHE A 92 2.37 -0.94 -5.81
C PHE A 92 2.50 -2.10 -6.80
N THR A 93 3.72 -2.32 -7.29
CA THR A 93 3.98 -3.39 -8.25
C THR A 93 4.60 -4.60 -7.56
N SER A 94 4.07 -5.79 -7.86
CA SER A 94 4.56 -7.03 -7.28
C SER A 94 5.12 -7.97 -8.35
N THR A 95 6.44 -7.92 -8.54
CA THR A 95 7.10 -8.78 -9.53
C THR A 95 7.06 -10.25 -9.10
N LEU A 96 7.02 -10.48 -7.79
CA LEU A 96 6.99 -11.84 -7.25
C LEU A 96 5.75 -12.59 -7.74
N HIS A 97 5.97 -13.66 -8.49
CA HIS A 97 4.86 -14.47 -9.02
C HIS A 97 4.77 -15.82 -8.32
N GLY A 98 3.54 -16.25 -8.04
CA GLY A 98 3.32 -17.52 -7.37
C GLY A 98 2.53 -17.37 -6.09
N GLY A 99 1.20 -17.28 -6.22
CA GLY A 99 0.35 -17.14 -5.05
C GLY A 99 -0.18 -15.73 -4.89
N MET A 1 -8.56 12.87 8.22
CA MET A 1 -9.11 12.16 7.02
C MET A 1 -8.29 12.50 5.77
N VAL A 2 -7.85 11.45 5.06
CA VAL A 2 -7.07 11.63 3.84
C VAL A 2 -7.41 10.56 2.80
N ASN A 3 -7.74 11.01 1.59
CA ASN A 3 -8.09 10.10 0.50
C ASN A 3 -6.95 9.99 -0.50
N VAL A 4 -6.60 8.75 -0.87
CA VAL A 4 -5.51 8.51 -1.83
C VAL A 4 -5.93 7.49 -2.89
N LYS A 5 -5.40 7.67 -4.11
CA LYS A 5 -5.70 6.77 -5.22
C LYS A 5 -4.53 5.82 -5.48
N VAL A 6 -4.66 4.59 -5.00
CA VAL A 6 -3.62 3.57 -5.16
C VAL A 6 -4.02 2.53 -6.21
N GLU A 7 -3.03 1.93 -6.87
CA GLU A 7 -3.30 0.92 -7.88
C GLU A 7 -2.54 -0.38 -7.58
N PHE A 8 -3.01 -1.50 -8.15
CA PHE A 8 -2.38 -2.80 -7.93
C PHE A 8 -2.12 -3.52 -9.25
N LEU A 9 -0.99 -4.23 -9.32
CA LEU A 9 -0.61 -4.96 -10.52
C LEU A 9 0.01 -6.32 -10.19
N GLY A 10 0.23 -7.14 -11.21
CA GLY A 10 0.82 -8.45 -11.02
C GLY A 10 -0.17 -9.45 -10.46
N GLY A 11 0.05 -9.86 -9.21
CA GLY A 11 -0.84 -10.81 -8.56
C GLY A 11 -1.38 -10.30 -7.23
N LEU A 12 -1.50 -8.97 -7.10
CA LEU A 12 -2.00 -8.36 -5.88
C LEU A 12 -3.52 -8.19 -5.95
N ASP A 13 -3.98 -7.56 -7.04
CA ASP A 13 -5.42 -7.33 -7.26
C ASP A 13 -6.21 -8.63 -7.23
N ALA A 14 -5.55 -9.74 -7.57
CA ALA A 14 -6.21 -11.05 -7.58
C ALA A 14 -6.62 -11.46 -6.17
N ILE A 15 -5.81 -11.10 -5.18
CA ILE A 15 -6.09 -11.43 -3.79
C ILE A 15 -7.14 -10.49 -3.20
N PHE A 16 -7.01 -9.19 -3.49
CA PHE A 16 -7.94 -8.18 -2.99
C PHE A 16 -9.37 -8.46 -3.47
N GLY A 17 -9.60 -8.28 -4.77
CA GLY A 17 -10.92 -8.50 -5.35
C GLY A 17 -11.02 -8.05 -6.79
N LYS A 18 -9.98 -8.36 -7.58
CA LYS A 18 -9.95 -8.01 -9.00
C LYS A 18 -10.22 -6.51 -9.20
N GLN A 19 -9.39 -5.67 -8.57
CA GLN A 19 -9.54 -4.21 -8.69
C GLN A 19 -8.17 -3.53 -8.70
N ARG A 20 -7.87 -2.81 -9.79
CA ARG A 20 -6.60 -2.12 -9.92
C ARG A 20 -6.56 -0.88 -9.02
N VAL A 21 -7.32 0.14 -9.38
CA VAL A 21 -7.37 1.38 -8.61
C VAL A 21 -8.26 1.24 -7.37
N HIS A 22 -7.80 1.79 -6.25
CA HIS A 22 -8.55 1.73 -4.99
C HIS A 22 -8.35 3.01 -4.17
N LYS A 23 -9.41 3.43 -3.49
CA LYS A 23 -9.36 4.64 -2.65
C LYS A 23 -9.39 4.27 -1.17
N ILE A 24 -8.40 4.75 -0.42
CA ILE A 24 -8.32 4.47 1.01
C ILE A 24 -8.51 5.73 1.85
N LYS A 25 -9.15 5.57 3.01
CA LYS A 25 -9.40 6.68 3.93
C LYS A 25 -8.89 6.35 5.33
N MET A 26 -7.67 6.78 5.65
CA MET A 26 -7.06 6.50 6.95
C MET A 26 -7.86 7.14 8.09
N ASP A 27 -7.91 8.48 8.10
CA ASP A 27 -8.64 9.24 9.11
C ASP A 27 -8.12 8.94 10.52
N LYS A 28 -7.26 9.83 11.03
CA LYS A 28 -6.70 9.67 12.38
C LYS A 28 -5.89 10.91 12.77
N GLU A 29 -5.04 11.38 11.86
CA GLU A 29 -4.20 12.56 12.10
C GLU A 29 -3.91 13.30 10.80
N ASP A 30 -3.16 14.38 10.89
CA ASP A 30 -2.80 15.17 9.71
C ASP A 30 -1.60 14.56 9.00
N PRO A 31 -0.44 14.41 9.69
CA PRO A 31 0.77 13.84 9.10
C PRO A 31 0.71 12.31 9.02
N VAL A 32 -0.30 11.79 8.34
CA VAL A 32 -0.48 10.34 8.18
C VAL A 32 0.58 9.78 7.24
N THR A 33 1.45 8.91 7.75
CA THR A 33 2.50 8.32 6.94
C THR A 33 1.94 7.24 6.01
N VAL A 34 2.65 6.98 4.92
CA VAL A 34 2.23 5.98 3.95
C VAL A 34 2.06 4.60 4.60
N GLY A 35 2.87 4.33 5.63
CA GLY A 35 2.79 3.07 6.35
C GLY A 35 1.41 2.85 6.95
N ASP A 36 0.70 3.96 7.23
CA ASP A 36 -0.64 3.89 7.79
C ASP A 36 -1.65 3.48 6.72
N LEU A 37 -1.47 4.01 5.51
CA LEU A 37 -2.34 3.69 4.39
C LEU A 37 -2.41 2.18 4.17
N ILE A 38 -1.25 1.55 4.00
CA ILE A 38 -1.19 0.11 3.81
C ILE A 38 -1.76 -0.62 5.01
N ASP A 39 -1.52 -0.06 6.20
CA ASP A 39 -2.02 -0.65 7.45
C ASP A 39 -3.54 -0.64 7.47
N HIS A 40 -4.14 0.44 6.98
CA HIS A 40 -5.60 0.57 6.95
C HIS A 40 -6.22 -0.53 6.09
N ILE A 41 -5.58 -0.85 4.96
CA ILE A 41 -6.07 -1.89 4.06
C ILE A 41 -5.94 -3.26 4.72
N VAL A 42 -4.94 -3.42 5.57
CA VAL A 42 -4.71 -4.68 6.27
C VAL A 42 -5.41 -4.71 7.64
N SER A 43 -6.02 -3.59 8.05
CA SER A 43 -6.71 -3.53 9.33
C SER A 43 -8.22 -3.69 9.19
N THR A 44 -8.85 -2.77 8.46
CA THR A 44 -10.30 -2.83 8.25
C THR A 44 -10.66 -3.44 6.90
N MET A 45 -10.05 -2.92 5.83
CA MET A 45 -10.31 -3.41 4.48
C MET A 45 -10.13 -4.93 4.39
N ILE A 46 -9.07 -5.45 5.03
CA ILE A 46 -8.80 -6.88 5.03
C ILE A 46 -8.54 -7.39 6.45
N ASN A 47 -9.23 -8.46 6.84
CA ASN A 47 -9.06 -9.03 8.17
C ASN A 47 -9.25 -10.55 8.13
N ASN A 48 -8.36 -11.25 7.42
CA ASN A 48 -8.44 -12.71 7.30
C ASN A 48 -7.06 -13.33 7.11
N PRO A 49 -6.73 -14.37 7.90
CA PRO A 49 -5.44 -15.06 7.79
C PRO A 49 -5.32 -15.91 6.52
N ASN A 50 -5.14 -15.22 5.40
CA ASN A 50 -5.02 -15.89 4.09
C ASN A 50 -4.53 -14.90 3.04
N ASP A 51 -5.16 -13.73 2.99
CA ASP A 51 -4.80 -12.69 2.04
C ASP A 51 -3.82 -11.69 2.67
N VAL A 52 -4.05 -11.36 3.94
CA VAL A 52 -3.20 -10.42 4.65
C VAL A 52 -1.95 -11.11 5.20
N SER A 53 -2.09 -12.35 5.68
CA SER A 53 -0.95 -13.10 6.21
C SER A 53 0.21 -13.14 5.23
N ILE A 54 -0.10 -13.35 3.95
CA ILE A 54 0.92 -13.41 2.91
C ILE A 54 1.36 -12.00 2.47
N PHE A 55 0.41 -11.05 2.48
CA PHE A 55 0.70 -9.67 2.09
C PHE A 55 1.60 -9.00 3.13
N ILE A 56 1.23 -9.12 4.41
CA ILE A 56 2.00 -8.54 5.50
C ILE A 56 2.38 -9.60 6.53
N GLU A 57 3.69 -9.72 6.79
CA GLU A 57 4.19 -10.68 7.76
C GLU A 57 3.98 -10.16 9.20
N ASP A 58 4.67 -10.76 10.16
CA ASP A 58 4.54 -10.35 11.56
C ASP A 58 5.07 -8.92 11.77
N ASP A 59 4.19 -7.94 11.51
CA ASP A 59 4.54 -6.53 11.65
C ASP A 59 5.67 -6.14 10.70
N SER A 60 5.62 -6.66 9.46
CA SER A 60 6.63 -6.37 8.45
C SER A 60 6.18 -6.87 7.08
N ILE A 61 6.19 -5.98 6.10
CA ILE A 61 5.78 -6.33 4.73
C ILE A 61 6.74 -7.34 4.11
N ARG A 62 6.23 -8.13 3.18
CA ARG A 62 7.03 -9.16 2.50
C ARG A 62 7.87 -8.54 1.38
N PRO A 63 9.10 -9.03 1.18
CA PRO A 63 10.00 -8.53 0.12
C PRO A 63 9.52 -8.93 -1.27
N GLY A 64 9.37 -7.95 -2.14
CA GLY A 64 8.91 -8.22 -3.50
C GLY A 64 7.85 -7.23 -3.97
N ILE A 65 6.99 -6.79 -3.04
CA ILE A 65 5.94 -5.85 -3.38
C ILE A 65 6.52 -4.45 -3.60
N ILE A 66 6.41 -3.97 -4.83
CA ILE A 66 6.92 -2.65 -5.20
C ILE A 66 5.81 -1.60 -5.17
N THR A 67 6.19 -0.36 -4.87
CA THR A 67 5.22 0.74 -4.79
C THR A 67 5.83 2.04 -5.32
N LEU A 68 5.14 2.68 -6.26
CA LEU A 68 5.61 3.93 -6.85
C LEU A 68 4.78 5.12 -6.38
N ILE A 69 5.46 6.14 -5.86
CA ILE A 69 4.78 7.35 -5.37
C ILE A 69 4.99 8.52 -6.34
N ASN A 70 3.91 8.91 -7.02
CA ASN A 70 3.96 10.01 -7.99
C ASN A 70 5.01 9.74 -9.08
N ASP A 71 5.02 8.52 -9.59
CA ASP A 71 5.98 8.12 -10.63
C ASP A 71 7.42 8.26 -10.12
N THR A 72 7.64 7.86 -8.87
CA THR A 72 8.98 7.94 -8.26
C THR A 72 9.25 6.69 -7.42
N ASP A 73 10.51 6.53 -7.02
CA ASP A 73 10.90 5.38 -6.20
C ASP A 73 10.55 5.61 -4.73
N TRP A 74 9.80 4.66 -4.15
CA TRP A 74 9.40 4.76 -2.75
C TRP A 74 10.62 4.81 -1.81
N GLU A 75 11.74 4.25 -2.25
CA GLU A 75 12.97 4.25 -1.45
C GLU A 75 13.93 5.37 -1.86
N LEU A 76 13.55 6.16 -2.87
CA LEU A 76 14.37 7.28 -3.34
C LEU A 76 14.60 8.32 -2.23
N GLU A 77 13.61 8.48 -1.35
CA GLU A 77 13.70 9.45 -0.26
C GLU A 77 13.31 8.81 1.08
N GLY A 78 12.02 8.49 1.23
CA GLY A 78 11.55 7.88 2.46
C GLY A 78 10.45 6.87 2.25
N GLU A 79 10.76 5.59 2.47
CA GLU A 79 9.80 4.51 2.31
C GLU A 79 8.52 4.78 3.10
N LYS A 80 8.59 4.65 4.43
CA LYS A 80 7.43 4.89 5.29
C LYS A 80 7.39 6.35 5.73
N ASP A 81 8.57 6.97 5.87
CA ASP A 81 8.67 8.37 6.28
C ASP A 81 7.83 9.28 5.40
N TYR A 82 7.62 8.88 4.14
CA TYR A 82 6.81 9.66 3.21
C TYR A 82 5.41 9.89 3.76
N ILE A 83 5.09 11.14 4.06
CA ILE A 83 3.78 11.50 4.60
C ILE A 83 2.73 11.53 3.49
N LEU A 84 1.52 11.06 3.81
CA LEU A 84 0.43 11.02 2.83
C LEU A 84 0.05 12.43 2.38
N GLU A 85 -0.85 12.53 1.40
CA GLU A 85 -1.29 13.81 0.88
C GLU A 85 -2.54 13.64 0.04
N ASP A 86 -3.69 13.96 0.63
CA ASP A 86 -4.98 13.86 -0.06
C ASP A 86 -4.87 14.40 -1.48
N GLY A 87 -4.96 13.50 -2.46
CA GLY A 87 -4.86 13.90 -3.85
C GLY A 87 -3.57 13.45 -4.51
N ASP A 88 -2.97 12.36 -4.01
CA ASP A 88 -1.72 11.84 -4.55
C ASP A 88 -1.93 10.44 -5.14
N ILE A 89 -0.91 9.96 -5.87
CA ILE A 89 -0.97 8.64 -6.49
C ILE A 89 0.11 7.70 -5.94
N ILE A 90 -0.31 6.50 -5.53
CA ILE A 90 0.63 5.50 -5.00
C ILE A 90 0.34 4.12 -5.58
N SER A 91 1.16 3.71 -6.55
CA SER A 91 0.98 2.41 -7.22
C SER A 91 1.57 1.27 -6.38
N PHE A 92 1.01 0.07 -6.54
CA PHE A 92 1.47 -1.11 -5.80
C PHE A 92 1.61 -2.31 -6.73
N THR A 93 2.81 -2.51 -7.25
CA THR A 93 3.11 -3.62 -8.15
C THR A 93 3.72 -4.79 -7.38
N SER A 94 3.69 -5.98 -7.98
CA SER A 94 4.24 -7.18 -7.34
C SER A 94 4.73 -8.18 -8.39
N THR A 95 6.04 -8.22 -8.60
CA THR A 95 6.65 -9.12 -9.58
C THR A 95 7.70 -10.03 -8.93
N LEU A 96 8.56 -9.44 -8.09
CA LEU A 96 9.62 -10.19 -7.40
C LEU A 96 10.63 -10.77 -8.40
N HIS A 97 11.48 -9.92 -8.95
CA HIS A 97 12.50 -10.35 -9.91
C HIS A 97 13.58 -9.28 -10.09
N GLY A 98 13.97 -8.64 -8.99
CA GLY A 98 14.98 -7.60 -9.06
C GLY A 98 16.19 -7.90 -8.20
N GLY A 99 16.01 -7.84 -6.88
CA GLY A 99 17.12 -8.11 -5.97
C GLY A 99 16.63 -8.63 -4.62
N MET A 1 -10.61 11.11 6.06
CA MET A 1 -10.39 12.57 5.80
C MET A 1 -9.59 12.80 4.52
N VAL A 2 -8.61 11.95 4.26
CA VAL A 2 -7.76 12.06 3.07
C VAL A 2 -8.25 11.15 1.95
N ASN A 3 -7.78 11.41 0.73
CA ASN A 3 -8.15 10.60 -0.44
C ASN A 3 -6.92 10.19 -1.25
N VAL A 4 -6.59 8.90 -1.22
CA VAL A 4 -5.44 8.39 -1.96
C VAL A 4 -5.86 7.38 -3.03
N LYS A 5 -5.30 7.52 -4.23
CA LYS A 5 -5.61 6.63 -5.34
C LYS A 5 -4.45 5.65 -5.57
N VAL A 6 -4.62 4.42 -5.06
CA VAL A 6 -3.59 3.39 -5.21
C VAL A 6 -3.87 2.51 -6.42
N GLU A 7 -2.80 2.09 -7.10
CA GLU A 7 -2.92 1.25 -8.28
C GLU A 7 -2.28 -0.11 -8.05
N PHE A 8 -3.12 -1.12 -7.81
CA PHE A 8 -2.63 -2.48 -7.57
C PHE A 8 -2.51 -3.25 -8.89
N LEU A 9 -1.29 -3.68 -9.20
CA LEU A 9 -1.01 -4.41 -10.42
C LEU A 9 -0.32 -5.74 -10.13
N GLY A 10 -0.36 -6.65 -11.10
CA GLY A 10 0.27 -7.95 -10.94
C GLY A 10 -0.66 -8.96 -10.28
N GLY A 11 -0.39 -9.24 -9.00
CA GLY A 11 -1.21 -10.19 -8.26
C GLY A 11 -1.95 -9.56 -7.08
N LEU A 12 -1.58 -8.32 -6.71
CA LEU A 12 -2.22 -7.63 -5.59
C LEU A 12 -3.70 -7.38 -5.88
N ASP A 13 -4.00 -6.93 -7.09
CA ASP A 13 -5.39 -6.66 -7.49
C ASP A 13 -6.25 -7.93 -7.39
N ALA A 14 -5.64 -9.09 -7.64
CA ALA A 14 -6.35 -10.36 -7.58
C ALA A 14 -6.73 -10.72 -6.14
N ILE A 15 -5.92 -10.29 -5.18
CA ILE A 15 -6.17 -10.57 -3.77
C ILE A 15 -7.32 -9.71 -3.23
N PHE A 16 -7.26 -8.41 -3.51
CA PHE A 16 -8.28 -7.47 -3.04
C PHE A 16 -9.66 -7.85 -3.59
N GLY A 17 -9.80 -7.84 -4.91
CA GLY A 17 -11.07 -8.17 -5.53
C GLY A 17 -11.14 -7.73 -6.99
N LYS A 18 -10.07 -8.01 -7.74
CA LYS A 18 -9.99 -7.65 -9.15
C LYS A 18 -10.15 -6.14 -9.34
N GLN A 19 -9.19 -5.37 -8.83
CA GLN A 19 -9.24 -3.91 -8.95
C GLN A 19 -7.86 -3.35 -9.29
N ARG A 20 -7.72 -2.81 -10.51
CA ARG A 20 -6.46 -2.23 -10.96
C ARG A 20 -6.11 -0.98 -10.14
N VAL A 21 -7.13 -0.23 -9.73
CA VAL A 21 -6.94 0.98 -8.94
C VAL A 21 -7.97 1.09 -7.82
N HIS A 22 -7.50 1.19 -6.58
CA HIS A 22 -8.37 1.31 -5.41
C HIS A 22 -8.26 2.69 -4.78
N LYS A 23 -9.10 2.94 -3.76
CA LYS A 23 -9.09 4.22 -3.07
C LYS A 23 -9.22 4.03 -1.56
N ILE A 24 -8.31 4.66 -0.81
CA ILE A 24 -8.32 4.57 0.65
C ILE A 24 -8.43 5.95 1.29
N LYS A 25 -9.22 6.04 2.36
CA LYS A 25 -9.41 7.30 3.07
C LYS A 25 -9.26 7.12 4.58
N MET A 26 -8.02 7.21 5.05
CA MET A 26 -7.74 7.05 6.48
C MET A 26 -8.24 8.26 7.27
N ASP A 27 -9.00 7.99 8.33
CA ASP A 27 -9.56 9.05 9.16
C ASP A 27 -8.92 9.01 10.56
N LYS A 28 -7.73 9.60 10.68
CA LYS A 28 -7.00 9.64 11.94
C LYS A 28 -6.51 11.05 12.25
N GLU A 29 -5.58 11.53 11.42
CA GLU A 29 -5.00 12.86 11.59
C GLU A 29 -4.63 13.47 10.25
N ASP A 30 -3.97 14.63 10.29
CA ASP A 30 -3.55 15.31 9.07
C ASP A 30 -2.17 14.82 8.61
N PRO A 31 -1.15 14.87 9.50
CA PRO A 31 0.21 14.43 9.18
C PRO A 31 0.37 12.90 9.22
N VAL A 32 -0.49 12.21 8.48
CA VAL A 32 -0.46 10.75 8.41
C VAL A 32 0.63 10.27 7.46
N THR A 33 1.47 9.35 7.92
CA THR A 33 2.54 8.81 7.09
C THR A 33 2.02 7.71 6.16
N VAL A 34 2.72 7.49 5.07
CA VAL A 34 2.33 6.48 4.09
C VAL A 34 2.14 5.10 4.75
N GLY A 35 2.99 4.80 5.72
CA GLY A 35 2.89 3.52 6.43
C GLY A 35 1.53 3.33 7.08
N ASP A 36 0.89 4.44 7.44
CA ASP A 36 -0.43 4.39 8.07
C ASP A 36 -1.48 3.95 7.05
N LEU A 37 -1.37 4.48 5.83
CA LEU A 37 -2.29 4.13 4.75
C LEU A 37 -2.33 2.61 4.56
N ILE A 38 -1.15 2.00 4.36
CA ILE A 38 -1.06 0.56 4.19
C ILE A 38 -1.57 -0.17 5.44
N ASP A 39 -1.30 0.43 6.60
CA ASP A 39 -1.73 -0.16 7.87
C ASP A 39 -3.25 -0.25 7.96
N HIS A 40 -3.94 0.82 7.58
CA HIS A 40 -5.40 0.85 7.61
C HIS A 40 -5.97 -0.25 6.72
N ILE A 41 -5.36 -0.45 5.56
CA ILE A 41 -5.79 -1.47 4.61
C ILE A 41 -5.62 -2.87 5.20
N VAL A 42 -4.57 -3.03 6.03
CA VAL A 42 -4.29 -4.31 6.66
C VAL A 42 -4.99 -4.44 8.03
N SER A 43 -5.61 -3.35 8.50
CA SER A 43 -6.30 -3.37 9.79
C SER A 43 -7.75 -3.84 9.66
N THR A 44 -8.61 -2.97 9.14
CA THR A 44 -10.02 -3.31 8.96
C THR A 44 -10.33 -3.73 7.53
N MET A 45 -9.75 -3.02 6.56
CA MET A 45 -9.96 -3.32 5.15
C MET A 45 -9.65 -4.79 4.85
N ILE A 46 -8.61 -5.33 5.48
CA ILE A 46 -8.22 -6.72 5.29
C ILE A 46 -7.97 -7.41 6.62
N ASN A 47 -8.91 -8.24 7.06
CA ASN A 47 -8.79 -8.96 8.33
C ASN A 47 -8.97 -10.47 8.12
N ASN A 48 -7.97 -11.10 7.50
CA ASN A 48 -8.02 -12.53 7.24
C ASN A 48 -6.63 -13.08 6.93
N PRO A 49 -6.21 -14.18 7.60
CA PRO A 49 -4.90 -14.80 7.38
C PRO A 49 -4.81 -15.51 6.03
N ASN A 50 -4.68 -14.73 4.97
CA ASN A 50 -4.57 -15.27 3.60
C ASN A 50 -4.15 -14.18 2.62
N ASP A 51 -4.79 -13.02 2.72
CA ASP A 51 -4.48 -11.88 1.85
C ASP A 51 -3.44 -10.98 2.49
N VAL A 52 -3.54 -10.79 3.79
CA VAL A 52 -2.60 -9.95 4.52
C VAL A 52 -1.39 -10.75 5.01
N SER A 53 -1.63 -12.00 5.41
CA SER A 53 -0.55 -12.88 5.89
C SER A 53 0.58 -12.97 4.86
N ILE A 54 0.21 -13.03 3.58
CA ILE A 54 1.19 -13.12 2.50
C ILE A 54 1.87 -11.76 2.25
N PHE A 55 1.10 -10.69 2.40
CA PHE A 55 1.63 -9.33 2.20
C PHE A 55 2.56 -8.93 3.34
N ILE A 56 2.07 -9.05 4.57
CA ILE A 56 2.84 -8.69 5.76
C ILE A 56 3.07 -9.92 6.66
N GLU A 57 4.30 -10.39 6.72
CA GLU A 57 4.66 -11.55 7.53
C GLU A 57 5.55 -11.13 8.71
N ASP A 58 5.19 -11.56 9.91
CA ASP A 58 5.94 -11.24 11.13
C ASP A 58 6.00 -9.72 11.34
N ASP A 59 4.87 -9.05 11.08
CA ASP A 59 4.78 -7.60 11.24
C ASP A 59 5.80 -6.87 10.34
N SER A 60 6.15 -7.47 9.21
CA SER A 60 7.10 -6.88 8.27
C SER A 60 6.69 -7.16 6.83
N ILE A 61 6.95 -6.19 5.95
CA ILE A 61 6.61 -6.33 4.53
C ILE A 61 7.42 -7.44 3.87
N ARG A 62 6.86 -8.03 2.81
CA ARG A 62 7.52 -9.10 2.09
C ARG A 62 8.42 -8.55 0.98
N PRO A 63 9.56 -9.23 0.71
CA PRO A 63 10.51 -8.80 -0.33
C PRO A 63 9.96 -9.04 -1.73
N GLY A 64 9.24 -8.05 -2.25
CA GLY A 64 8.67 -8.15 -3.58
C GLY A 64 7.62 -7.08 -3.86
N ILE A 65 6.87 -6.70 -2.83
CA ILE A 65 5.85 -5.67 -2.97
C ILE A 65 6.46 -4.30 -3.25
N ILE A 66 6.12 -3.74 -4.40
CA ILE A 66 6.63 -2.43 -4.80
C ILE A 66 5.64 -1.32 -4.45
N THR A 67 6.15 -0.14 -4.13
CA THR A 67 5.31 1.00 -3.77
C THR A 67 5.83 2.29 -4.44
N LEU A 68 5.05 2.82 -5.38
CA LEU A 68 5.43 4.04 -6.08
C LEU A 68 4.60 5.23 -5.58
N ILE A 69 5.26 6.13 -4.84
CA ILE A 69 4.59 7.30 -4.30
C ILE A 69 4.68 8.47 -5.28
N ASN A 70 3.57 8.70 -6.00
CA ASN A 70 3.51 9.79 -6.97
C ASN A 70 4.59 9.63 -8.05
N ASP A 71 4.63 8.44 -8.68
CA ASP A 71 5.60 8.13 -9.72
C ASP A 71 7.04 8.23 -9.18
N THR A 72 7.22 7.90 -7.91
CA THR A 72 8.53 7.94 -7.28
C THR A 72 8.75 6.71 -6.40
N ASP A 73 10.01 6.33 -6.20
CA ASP A 73 10.35 5.17 -5.39
C ASP A 73 10.31 5.53 -3.90
N TRP A 74 9.59 4.72 -3.12
CA TRP A 74 9.46 4.96 -1.68
C TRP A 74 10.83 5.06 -1.00
N GLU A 75 11.80 4.30 -1.52
CA GLU A 75 13.16 4.32 -0.96
C GLU A 75 13.94 5.53 -1.47
N LEU A 76 13.65 5.96 -2.70
CA LEU A 76 14.33 7.11 -3.30
C LEU A 76 14.18 8.36 -2.43
N GLU A 77 13.05 8.46 -1.72
CA GLU A 77 12.80 9.61 -0.86
C GLU A 77 12.59 9.19 0.61
N GLY A 78 13.17 8.04 0.99
CA GLY A 78 13.03 7.56 2.35
C GLY A 78 12.49 6.14 2.42
N GLU A 79 11.19 6.03 2.73
CA GLU A 79 10.52 4.73 2.83
C GLU A 79 9.09 4.90 3.36
N LYS A 80 8.97 5.04 4.69
CA LYS A 80 7.66 5.22 5.32
C LYS A 80 7.50 6.64 5.87
N ASP A 81 8.63 7.28 6.18
CA ASP A 81 8.62 8.65 6.72
C ASP A 81 7.82 9.60 5.83
N TYR A 82 7.72 9.28 4.54
CA TYR A 82 6.97 10.11 3.60
C TYR A 82 5.55 10.37 4.11
N ILE A 83 5.25 11.64 4.39
CA ILE A 83 3.94 12.02 4.88
C ILE A 83 2.91 12.01 3.75
N LEU A 84 1.69 11.58 4.05
CA LEU A 84 0.63 11.52 3.06
C LEU A 84 0.27 12.93 2.54
N GLU A 85 -0.62 12.98 1.56
CA GLU A 85 -1.03 14.25 0.98
C GLU A 85 -2.36 14.10 0.24
N ASP A 86 -3.45 14.46 0.91
CA ASP A 86 -4.77 14.37 0.33
C ASP A 86 -4.79 14.95 -1.09
N GLY A 87 -4.97 14.07 -2.07
CA GLY A 87 -4.98 14.50 -3.47
C GLY A 87 -3.76 14.01 -4.24
N ASP A 88 -3.17 12.90 -3.79
CA ASP A 88 -1.99 12.33 -4.44
C ASP A 88 -2.30 10.94 -5.00
N ILE A 89 -1.31 10.35 -5.67
CA ILE A 89 -1.47 9.02 -6.27
C ILE A 89 -0.40 8.05 -5.76
N ILE A 90 -0.75 6.76 -5.75
CA ILE A 90 0.17 5.71 -5.28
C ILE A 90 0.04 4.45 -6.15
N SER A 91 1.11 3.67 -6.23
CA SER A 91 1.12 2.44 -7.02
C SER A 91 1.68 1.27 -6.21
N PHE A 92 1.06 0.10 -6.36
CA PHE A 92 1.50 -1.10 -5.65
C PHE A 92 1.70 -2.26 -6.62
N THR A 93 2.93 -2.40 -7.14
CA THR A 93 3.25 -3.47 -8.08
C THR A 93 3.82 -4.68 -7.36
N SER A 94 3.81 -5.83 -8.04
CA SER A 94 4.32 -7.07 -7.46
C SER A 94 4.76 -8.05 -8.55
N THR A 95 6.08 -8.16 -8.75
CA THR A 95 6.63 -9.05 -9.77
C THR A 95 7.22 -10.32 -9.13
N LEU A 96 8.46 -10.23 -8.64
CA LEU A 96 9.14 -11.35 -8.00
C LEU A 96 9.09 -12.61 -8.88
N HIS A 97 10.05 -12.73 -9.79
CA HIS A 97 10.13 -13.89 -10.69
C HIS A 97 11.51 -14.54 -10.65
N GLY A 98 12.08 -14.63 -9.44
CA GLY A 98 13.39 -15.24 -9.28
C GLY A 98 14.32 -14.39 -8.44
N GLY A 99 15.53 -14.91 -8.20
CA GLY A 99 16.51 -14.19 -7.41
C GLY A 99 17.26 -13.14 -8.21
N MET A 1 -10.45 11.45 6.08
CA MET A 1 -10.37 12.82 5.49
C MET A 1 -9.22 12.95 4.49
N VAL A 2 -8.83 11.83 3.86
CA VAL A 2 -7.76 11.83 2.88
C VAL A 2 -8.00 10.78 1.79
N ASN A 3 -8.44 11.23 0.62
CA ASN A 3 -8.72 10.34 -0.50
C ASN A 3 -7.44 10.03 -1.28
N VAL A 4 -6.97 8.78 -1.18
CA VAL A 4 -5.76 8.36 -1.89
C VAL A 4 -6.06 7.25 -2.91
N LYS A 5 -5.43 7.35 -4.08
CA LYS A 5 -5.62 6.36 -5.15
C LYS A 5 -4.45 5.38 -5.20
N VAL A 6 -4.74 4.11 -4.95
CA VAL A 6 -3.71 3.06 -4.95
C VAL A 6 -3.89 2.14 -6.16
N GLU A 7 -2.78 1.67 -6.70
CA GLU A 7 -2.81 0.76 -7.85
C GLU A 7 -1.98 -0.50 -7.58
N PHE A 8 -2.67 -1.58 -7.23
CA PHE A 8 -2.01 -2.86 -6.95
C PHE A 8 -1.82 -3.66 -8.23
N LEU A 9 -0.57 -4.03 -8.51
CA LEU A 9 -0.25 -4.81 -9.71
C LEU A 9 0.87 -5.82 -9.46
N GLY A 10 1.06 -6.74 -10.40
CA GLY A 10 2.10 -7.76 -10.26
C GLY A 10 1.62 -9.04 -9.59
N GLY A 11 0.51 -8.94 -8.84
CA GLY A 11 -0.03 -10.12 -8.15
C GLY A 11 -0.97 -9.75 -7.03
N LEU A 12 -0.70 -8.64 -6.35
CA LEU A 12 -1.54 -8.17 -5.24
C LEU A 12 -3.01 -8.03 -5.66
N ASP A 13 -3.23 -7.57 -6.90
CA ASP A 13 -4.59 -7.41 -7.41
C ASP A 13 -5.36 -8.73 -7.36
N ALA A 14 -4.66 -9.84 -7.62
CA ALA A 14 -5.28 -11.16 -7.61
C ALA A 14 -5.66 -11.58 -6.20
N ILE A 15 -4.89 -11.12 -5.21
CA ILE A 15 -5.14 -11.46 -3.81
C ILE A 15 -6.36 -10.71 -3.27
N PHE A 16 -6.46 -9.43 -3.63
CA PHE A 16 -7.57 -8.59 -3.18
C PHE A 16 -8.89 -9.03 -3.83
N GLY A 17 -9.03 -8.76 -5.13
CA GLY A 17 -10.23 -9.13 -5.85
C GLY A 17 -10.25 -8.59 -7.27
N LYS A 18 -9.11 -8.66 -7.96
CA LYS A 18 -8.98 -8.18 -9.32
C LYS A 18 -9.52 -6.75 -9.47
N GLN A 19 -9.15 -5.89 -8.52
CA GLN A 19 -9.60 -4.50 -8.54
C GLN A 19 -8.59 -3.60 -9.27
N ARG A 20 -7.31 -3.96 -9.19
CA ARG A 20 -6.24 -3.20 -9.85
C ARG A 20 -5.99 -1.89 -9.11
N VAL A 21 -6.96 -0.98 -9.16
CA VAL A 21 -6.84 0.32 -8.48
C VAL A 21 -7.92 0.46 -7.40
N HIS A 22 -7.48 0.72 -6.17
CA HIS A 22 -8.41 0.88 -5.06
C HIS A 22 -8.18 2.20 -4.32
N LYS A 23 -9.23 2.72 -3.68
CA LYS A 23 -9.14 3.98 -2.94
C LYS A 23 -9.31 3.74 -1.44
N ILE A 24 -8.59 4.52 -0.64
CA ILE A 24 -8.67 4.41 0.82
C ILE A 24 -8.70 5.78 1.48
N LYS A 25 -9.38 5.87 2.63
CA LYS A 25 -9.48 7.12 3.37
C LYS A 25 -9.23 6.89 4.86
N MET A 26 -8.07 7.36 5.34
CA MET A 26 -7.70 7.21 6.75
C MET A 26 -8.49 8.18 7.62
N ASP A 27 -8.57 7.87 8.92
CA ASP A 27 -9.30 8.71 9.87
C ASP A 27 -8.45 8.99 11.11
N LYS A 28 -7.74 10.12 11.09
CA LYS A 28 -6.89 10.51 12.21
C LYS A 28 -6.54 11.99 12.14
N GLU A 29 -5.74 12.36 11.14
CA GLU A 29 -5.30 13.75 10.95
C GLU A 29 -5.06 14.04 9.47
N ASP A 30 -4.58 15.25 9.18
CA ASP A 30 -4.30 15.64 7.80
C ASP A 30 -2.94 15.11 7.35
N PRO A 31 -1.84 15.49 8.05
CA PRO A 31 -0.50 15.04 7.70
C PRO A 31 -0.23 13.58 8.12
N VAL A 32 -1.04 12.67 7.60
CA VAL A 32 -0.89 11.24 7.90
C VAL A 32 0.32 10.66 7.19
N THR A 33 1.02 9.73 7.85
CA THR A 33 2.19 9.09 7.26
C THR A 33 1.77 7.92 6.36
N VAL A 34 2.57 7.64 5.35
CA VAL A 34 2.28 6.56 4.41
C VAL A 34 2.09 5.23 5.13
N GLY A 35 2.80 5.04 6.25
CA GLY A 35 2.66 3.82 7.01
C GLY A 35 1.25 3.62 7.53
N ASP A 36 0.52 4.73 7.70
CA ASP A 36 -0.86 4.69 8.18
C ASP A 36 -1.78 4.08 7.11
N LEU A 37 -1.56 4.47 5.85
CA LEU A 37 -2.34 3.96 4.74
C LEU A 37 -2.19 2.44 4.63
N ILE A 38 -0.94 1.97 4.70
CA ILE A 38 -0.66 0.53 4.63
C ILE A 38 -1.36 -0.20 5.78
N ASP A 39 -1.37 0.43 6.95
CA ASP A 39 -2.01 -0.15 8.13
C ASP A 39 -3.49 -0.35 7.89
N HIS A 40 -4.13 0.63 7.27
CA HIS A 40 -5.57 0.55 6.97
C HIS A 40 -5.88 -0.65 6.08
N ILE A 41 -5.00 -0.92 5.12
CA ILE A 41 -5.19 -2.04 4.20
C ILE A 41 -5.06 -3.38 4.93
N VAL A 42 -4.22 -3.41 5.97
CA VAL A 42 -4.01 -4.63 6.75
C VAL A 42 -4.85 -4.65 8.04
N SER A 43 -5.60 -3.56 8.29
CA SER A 43 -6.42 -3.47 9.49
C SER A 43 -7.86 -3.91 9.22
N THR A 44 -8.63 -3.05 8.56
CA THR A 44 -10.03 -3.35 8.25
C THR A 44 -10.17 -4.03 6.89
N MET A 45 -9.48 -3.48 5.89
CA MET A 45 -9.52 -4.02 4.54
C MET A 45 -9.15 -5.51 4.52
N ILE A 46 -8.10 -5.87 5.26
CA ILE A 46 -7.67 -7.27 5.33
C ILE A 46 -7.44 -7.71 6.77
N ASN A 47 -7.73 -8.98 7.05
CA ASN A 47 -7.55 -9.53 8.40
C ASN A 47 -7.61 -11.06 8.37
N ASN A 48 -6.90 -11.67 7.43
CA ASN A 48 -6.87 -13.13 7.31
C ASN A 48 -5.47 -13.62 7.01
N PRO A 49 -4.96 -14.58 7.83
CA PRO A 49 -3.62 -15.15 7.65
C PRO A 49 -3.46 -15.88 6.31
N ASN A 50 -3.31 -15.10 5.25
CA ASN A 50 -3.15 -15.64 3.91
C ASN A 50 -2.76 -14.54 2.93
N ASP A 51 -3.62 -13.52 2.83
CA ASP A 51 -3.36 -12.38 1.94
C ASP A 51 -2.43 -11.37 2.61
N VAL A 52 -2.59 -11.19 3.91
CA VAL A 52 -1.76 -10.26 4.66
C VAL A 52 -0.56 -10.97 5.28
N SER A 53 -0.77 -12.22 5.71
CA SER A 53 0.31 -13.02 6.31
C SER A 53 1.53 -13.07 5.39
N ILE A 54 1.29 -13.18 4.09
CA ILE A 54 2.38 -13.25 3.11
C ILE A 54 2.84 -11.85 2.69
N PHE A 55 1.89 -10.91 2.64
CA PHE A 55 2.19 -9.52 2.27
C PHE A 55 3.06 -8.85 3.34
N ILE A 56 2.60 -8.89 4.60
CA ILE A 56 3.31 -8.27 5.71
C ILE A 56 4.01 -9.33 6.57
N GLU A 57 5.29 -9.10 6.86
CA GLU A 57 6.09 -10.01 7.68
C GLU A 57 6.71 -9.28 8.87
N ASP A 58 6.08 -9.43 10.04
CA ASP A 58 6.54 -8.78 11.27
C ASP A 58 6.60 -7.27 11.10
N ASP A 59 5.42 -6.63 11.16
CA ASP A 59 5.28 -5.18 11.02
C ASP A 59 6.17 -4.60 9.92
N SER A 60 6.35 -5.37 8.83
CA SER A 60 7.17 -4.94 7.71
C SER A 60 6.84 -5.75 6.46
N ILE A 61 6.75 -5.07 5.32
CA ILE A 61 6.43 -5.74 4.05
C ILE A 61 7.47 -6.81 3.71
N ARG A 62 7.03 -7.83 2.97
CA ARG A 62 7.92 -8.93 2.57
C ARG A 62 8.74 -8.54 1.35
N PRO A 63 10.04 -8.94 1.32
CA PRO A 63 10.94 -8.64 0.20
C PRO A 63 10.38 -9.11 -1.14
N GLY A 64 10.15 -8.17 -2.04
CA GLY A 64 9.61 -8.50 -3.35
C GLY A 64 8.50 -7.55 -3.79
N ILE A 65 7.68 -7.11 -2.83
CA ILE A 65 6.59 -6.19 -3.12
C ILE A 65 7.11 -4.78 -3.37
N ILE A 66 6.53 -4.11 -4.36
CA ILE A 66 6.92 -2.75 -4.71
C ILE A 66 5.87 -1.73 -4.23
N THR A 67 6.34 -0.56 -3.82
CA THR A 67 5.46 0.50 -3.34
C THR A 67 5.92 1.87 -3.85
N LEU A 68 5.50 2.22 -5.07
CA LEU A 68 5.89 3.48 -5.68
C LEU A 68 5.02 4.64 -5.16
N ILE A 69 5.68 5.66 -4.62
CA ILE A 69 4.99 6.82 -4.08
C ILE A 69 5.14 8.02 -5.02
N ASN A 70 4.05 8.34 -5.74
CA ASN A 70 4.04 9.46 -6.69
C ASN A 70 5.10 9.26 -7.78
N ASP A 71 5.03 8.12 -8.46
CA ASP A 71 5.97 7.80 -9.54
C ASP A 71 7.42 7.80 -9.04
N THR A 72 7.61 7.45 -7.76
CA THR A 72 8.94 7.39 -7.16
C THR A 72 9.03 6.23 -6.18
N ASP A 73 10.24 5.94 -5.72
CA ASP A 73 10.47 4.85 -4.78
C ASP A 73 10.16 5.30 -3.34
N TRP A 74 9.97 4.33 -2.45
CA TRP A 74 9.67 4.61 -1.05
C TRP A 74 10.93 5.00 -0.28
N GLU A 75 12.02 4.28 -0.51
CA GLU A 75 13.28 4.55 0.17
C GLU A 75 14.01 5.73 -0.47
N LEU A 76 13.72 5.99 -1.75
CA LEU A 76 14.35 7.10 -2.48
C LEU A 76 14.17 8.42 -1.72
N GLU A 77 13.01 8.58 -1.08
CA GLU A 77 12.71 9.80 -0.32
C GLU A 77 12.87 9.54 1.18
N GLY A 78 12.58 8.31 1.61
CA GLY A 78 12.70 7.96 3.02
C GLY A 78 12.31 6.52 3.30
N GLU A 79 11.01 6.29 3.51
CA GLU A 79 10.48 4.96 3.78
C GLU A 79 9.01 5.04 4.22
N LYS A 80 8.80 5.36 5.50
CA LYS A 80 7.44 5.48 6.04
C LYS A 80 7.15 6.93 6.47
N ASP A 81 8.19 7.67 6.82
CA ASP A 81 8.04 9.06 7.25
C ASP A 81 7.31 9.91 6.20
N TYR A 82 7.33 9.46 4.94
CA TYR A 82 6.67 10.16 3.84
C TYR A 82 5.27 10.61 4.26
N ILE A 83 5.05 11.93 4.27
CA ILE A 83 3.75 12.49 4.64
C ILE A 83 2.76 12.37 3.49
N LEU A 84 1.57 11.84 3.78
CA LEU A 84 0.53 11.68 2.78
C LEU A 84 -0.02 13.03 2.34
N GLU A 85 -0.95 13.02 1.39
CA GLU A 85 -1.56 14.25 0.89
C GLU A 85 -2.69 13.95 -0.09
N ASP A 86 -3.91 14.09 0.39
CA ASP A 86 -5.11 13.85 -0.43
C ASP A 86 -4.91 14.35 -1.86
N GLY A 87 -4.72 13.40 -2.79
CA GLY A 87 -4.50 13.75 -4.18
C GLY A 87 -3.29 13.03 -4.77
N ASP A 88 -2.51 12.35 -3.93
CA ASP A 88 -1.32 11.63 -4.40
C ASP A 88 -1.70 10.27 -5.00
N ILE A 89 -0.76 9.68 -5.75
CA ILE A 89 -1.00 8.39 -6.39
C ILE A 89 0.07 7.37 -5.99
N ILE A 90 -0.36 6.30 -5.32
CA ILE A 90 0.56 5.25 -4.88
C ILE A 90 0.36 3.96 -5.68
N SER A 91 1.45 3.27 -5.98
CA SER A 91 1.38 2.02 -6.75
C SER A 91 1.99 0.85 -5.96
N PHE A 92 1.33 -0.31 -6.03
CA PHE A 92 1.81 -1.50 -5.34
C PHE A 92 2.11 -2.63 -6.34
N THR A 93 3.27 -2.54 -6.97
CA THR A 93 3.69 -3.55 -7.95
C THR A 93 4.33 -4.76 -7.26
N SER A 94 4.61 -5.80 -8.04
CA SER A 94 5.21 -7.02 -7.50
C SER A 94 6.20 -7.63 -8.49
N THR A 95 7.47 -7.70 -8.08
CA THR A 95 8.51 -8.27 -8.94
C THR A 95 8.77 -9.73 -8.59
N LEU A 96 7.70 -10.47 -8.29
CA LEU A 96 7.82 -11.89 -7.95
C LEU A 96 7.67 -12.77 -9.20
N HIS A 97 6.76 -12.38 -10.09
CA HIS A 97 6.52 -13.13 -11.32
C HIS A 97 5.98 -12.23 -12.44
N GLY A 98 5.00 -11.39 -12.11
CA GLY A 98 4.41 -10.48 -13.09
C GLY A 98 3.14 -11.04 -13.71
N GLY A 99 2.59 -10.31 -14.67
CA GLY A 99 1.37 -10.74 -15.33
C GLY A 99 0.99 -9.83 -16.48
N MET A 1 -10.43 13.69 6.83
CA MET A 1 -10.23 12.41 6.09
C MET A 1 -9.56 12.66 4.74
N VAL A 2 -8.49 11.91 4.45
CA VAL A 2 -7.76 12.05 3.20
C VAL A 2 -8.14 10.95 2.20
N ASN A 3 -7.93 11.23 0.91
CA ASN A 3 -8.24 10.27 -0.15
C ASN A 3 -7.06 10.10 -1.11
N VAL A 4 -6.64 8.85 -1.31
CA VAL A 4 -5.52 8.54 -2.19
C VAL A 4 -5.89 7.46 -3.20
N LYS A 5 -5.46 7.64 -4.46
CA LYS A 5 -5.75 6.67 -5.52
C LYS A 5 -4.62 5.64 -5.62
N VAL A 6 -4.87 4.44 -5.09
CA VAL A 6 -3.89 3.37 -5.12
C VAL A 6 -4.08 2.48 -6.35
N GLU A 7 -2.97 2.01 -6.91
CA GLU A 7 -3.03 1.14 -8.09
C GLU A 7 -2.25 -0.15 -7.85
N PHE A 8 -2.99 -1.25 -7.66
CA PHE A 8 -2.40 -2.55 -7.41
C PHE A 8 -2.22 -3.33 -8.71
N LEU A 9 -1.01 -3.81 -8.94
CA LEU A 9 -0.70 -4.57 -10.16
C LEU A 9 0.07 -5.85 -9.86
N GLY A 10 0.18 -6.71 -10.87
CA GLY A 10 0.89 -7.97 -10.71
C GLY A 10 -0.01 -9.07 -10.18
N GLY A 11 0.22 -9.47 -8.93
CA GLY A 11 -0.58 -10.51 -8.31
C GLY A 11 -1.32 -10.05 -7.07
N LEU A 12 -1.58 -8.74 -6.97
CA LEU A 12 -2.29 -8.17 -5.81
C LEU A 12 -3.76 -7.92 -6.14
N ASP A 13 -4.03 -7.48 -7.37
CA ASP A 13 -5.40 -7.20 -7.82
C ASP A 13 -6.28 -8.47 -7.82
N ALA A 14 -5.64 -9.64 -7.79
CA ALA A 14 -6.39 -10.90 -7.80
C ALA A 14 -6.77 -11.31 -6.38
N ILE A 15 -5.95 -10.92 -5.41
CA ILE A 15 -6.20 -11.25 -4.01
C ILE A 15 -6.97 -10.12 -3.30
N PHE A 16 -6.81 -8.89 -3.77
CA PHE A 16 -7.49 -7.74 -3.17
C PHE A 16 -9.00 -7.79 -3.43
N GLY A 17 -9.40 -7.48 -4.67
CA GLY A 17 -10.80 -7.50 -5.04
C GLY A 17 -11.04 -7.20 -6.52
N LYS A 18 -10.18 -7.75 -7.37
CA LYS A 18 -10.28 -7.56 -8.82
C LYS A 18 -10.39 -6.08 -9.19
N GLN A 19 -9.68 -5.22 -8.45
CA GLN A 19 -9.70 -3.78 -8.71
C GLN A 19 -8.34 -3.15 -8.40
N ARG A 20 -7.57 -2.86 -9.44
CA ARG A 20 -6.24 -2.26 -9.28
C ARG A 20 -6.36 -0.84 -8.73
N VAL A 21 -7.22 -0.04 -9.34
CA VAL A 21 -7.42 1.35 -8.91
C VAL A 21 -8.37 1.40 -7.70
N HIS A 22 -7.79 1.40 -6.50
CA HIS A 22 -8.57 1.43 -5.27
C HIS A 22 -8.32 2.72 -4.48
N LYS A 23 -9.29 3.12 -3.67
CA LYS A 23 -9.19 4.35 -2.86
C LYS A 23 -9.02 4.03 -1.38
N ILE A 24 -8.36 4.93 -0.65
CA ILE A 24 -8.13 4.76 0.78
C ILE A 24 -8.58 6.00 1.57
N LYS A 25 -9.07 5.78 2.79
CA LYS A 25 -9.53 6.86 3.65
C LYS A 25 -9.14 6.62 5.11
N MET A 26 -8.41 7.58 5.70
CA MET A 26 -7.98 7.46 7.09
C MET A 26 -8.56 8.60 7.95
N ASP A 27 -9.10 8.24 9.11
CA ASP A 27 -9.68 9.22 10.03
C ASP A 27 -8.69 9.60 11.12
N LYS A 28 -7.46 9.90 10.72
CA LYS A 28 -6.41 10.30 11.67
C LYS A 28 -6.12 11.80 11.58
N GLU A 29 -4.99 12.22 12.14
CA GLU A 29 -4.60 13.63 12.12
C GLU A 29 -4.24 14.08 10.70
N ASP A 30 -3.68 15.28 10.58
CA ASP A 30 -3.29 15.82 9.27
C ASP A 30 -1.98 15.20 8.79
N PRO A 31 -0.89 15.32 9.58
CA PRO A 31 0.42 14.76 9.18
C PRO A 31 0.46 13.23 9.28
N VAL A 32 -0.38 12.56 8.50
CA VAL A 32 -0.44 11.10 8.49
C VAL A 32 0.74 10.53 7.70
N THR A 33 1.51 9.63 8.33
CA THR A 33 2.66 9.02 7.68
C THR A 33 2.22 7.94 6.69
N VAL A 34 3.03 7.72 5.66
CA VAL A 34 2.73 6.72 4.64
C VAL A 34 2.56 5.33 5.24
N GLY A 35 3.32 5.03 6.30
CA GLY A 35 3.20 3.73 6.96
C GLY A 35 1.79 3.48 7.46
N ASP A 36 1.06 4.56 7.76
CA ASP A 36 -0.32 4.46 8.22
C ASP A 36 -1.24 3.99 7.09
N LEU A 37 -1.00 4.52 5.89
CA LEU A 37 -1.79 4.15 4.71
C LEU A 37 -1.73 2.64 4.50
N ILE A 38 -0.52 2.09 4.51
CA ILE A 38 -0.32 0.65 4.32
C ILE A 38 -1.06 -0.13 5.42
N ASP A 39 -1.03 0.40 6.64
CA ASP A 39 -1.70 -0.24 7.77
C ASP A 39 -3.20 -0.41 7.50
N HIS A 40 -3.81 0.63 6.92
CA HIS A 40 -5.24 0.58 6.59
C HIS A 40 -5.53 -0.53 5.59
N ILE A 41 -4.64 -0.70 4.61
CA ILE A 41 -4.80 -1.73 3.59
C ILE A 41 -4.76 -3.13 4.22
N VAL A 42 -4.00 -3.27 5.31
CA VAL A 42 -3.90 -4.55 6.00
C VAL A 42 -4.85 -4.62 7.20
N SER A 43 -5.56 -3.53 7.48
CA SER A 43 -6.49 -3.49 8.61
C SER A 43 -7.94 -3.71 8.16
N THR A 44 -8.44 -2.78 7.33
CA THR A 44 -9.82 -2.87 6.84
C THR A 44 -9.87 -3.48 5.44
N MET A 45 -9.05 -2.95 4.53
CA MET A 45 -9.01 -3.43 3.16
C MET A 45 -8.73 -4.94 3.11
N ILE A 46 -7.85 -5.41 4.01
CA ILE A 46 -7.49 -6.83 4.08
C ILE A 46 -7.47 -7.32 5.52
N ASN A 47 -7.87 -8.57 5.74
CA ASN A 47 -7.88 -9.17 7.07
C ASN A 47 -8.18 -10.66 7.00
N ASN A 48 -7.19 -11.44 6.54
CA ASN A 48 -7.35 -12.89 6.41
C ASN A 48 -6.00 -13.57 6.20
N PRO A 49 -5.67 -14.58 7.05
CA PRO A 49 -4.39 -15.31 6.95
C PRO A 49 -4.27 -16.09 5.64
N ASN A 50 -3.97 -15.37 4.56
CA ASN A 50 -3.82 -15.97 3.24
C ASN A 50 -3.34 -14.93 2.23
N ASP A 51 -4.08 -13.82 2.13
CA ASP A 51 -3.74 -12.74 1.22
C ASP A 51 -2.61 -11.89 1.80
N VAL A 52 -2.71 -11.62 3.11
CA VAL A 52 -1.71 -10.83 3.80
C VAL A 52 -0.49 -11.67 4.14
N SER A 53 -0.71 -12.94 4.50
CA SER A 53 0.39 -13.84 4.84
C SER A 53 1.46 -13.85 3.75
N ILE A 54 1.06 -13.65 2.50
CA ILE A 54 2.00 -13.64 1.38
C ILE A 54 2.48 -12.22 1.05
N PHE A 55 1.63 -11.22 1.28
CA PHE A 55 1.98 -9.82 0.99
C PHE A 55 2.73 -9.18 2.16
N ILE A 56 2.15 -9.28 3.36
CA ILE A 56 2.76 -8.72 4.57
C ILE A 56 3.39 -9.81 5.43
N GLU A 57 4.49 -9.47 6.09
CA GLU A 57 5.22 -10.41 6.95
C GLU A 57 5.24 -9.91 8.40
N ASP A 58 4.06 -9.77 9.00
CA ASP A 58 3.91 -9.31 10.38
C ASP A 58 4.54 -7.92 10.56
N ASP A 59 3.76 -6.89 10.24
CA ASP A 59 4.21 -5.49 10.36
C ASP A 59 5.47 -5.24 9.52
N SER A 60 5.53 -5.83 8.33
CA SER A 60 6.66 -5.67 7.42
C SER A 60 6.35 -6.26 6.06
N ILE A 61 6.37 -5.43 5.02
CA ILE A 61 6.07 -5.88 3.66
C ILE A 61 7.13 -6.89 3.18
N ARG A 62 6.71 -7.78 2.28
CA ARG A 62 7.61 -8.81 1.74
C ARG A 62 8.56 -8.21 0.69
N PRO A 63 9.79 -8.75 0.61
CA PRO A 63 10.81 -8.28 -0.34
C PRO A 63 10.46 -8.63 -1.79
N GLY A 64 10.48 -7.61 -2.66
CA GLY A 64 10.17 -7.83 -4.06
C GLY A 64 9.02 -6.97 -4.55
N ILE A 65 8.14 -6.58 -3.63
CA ILE A 65 6.99 -5.74 -3.98
C ILE A 65 7.42 -4.31 -4.28
N ILE A 66 6.96 -3.79 -5.41
CA ILE A 66 7.28 -2.43 -5.83
C ILE A 66 6.20 -1.45 -5.39
N THR A 67 6.60 -0.44 -4.61
CA THR A 67 5.67 0.58 -4.12
C THR A 67 6.16 1.98 -4.48
N LEU A 68 5.45 2.65 -5.39
CA LEU A 68 5.82 3.99 -5.82
C LEU A 68 4.85 5.04 -5.27
N ILE A 69 5.39 6.19 -4.86
CA ILE A 69 4.58 7.28 -4.33
C ILE A 69 4.73 8.53 -5.19
N ASN A 70 3.64 8.90 -5.88
CA ASN A 70 3.63 10.09 -6.75
C ASN A 70 4.67 9.95 -7.87
N ASP A 71 4.68 8.78 -8.52
CA ASP A 71 5.62 8.50 -9.61
C ASP A 71 7.07 8.57 -9.13
N THR A 72 7.29 8.16 -7.88
CA THR A 72 8.63 8.16 -7.29
C THR A 72 8.83 6.92 -6.41
N ASP A 73 10.02 6.78 -5.84
CA ASP A 73 10.33 5.64 -4.98
C ASP A 73 9.77 5.85 -3.57
N TRP A 74 10.02 4.87 -2.68
CA TRP A 74 9.55 4.94 -1.31
C TRP A 74 10.70 5.28 -0.35
N GLU A 75 11.83 4.59 -0.52
CA GLU A 75 13.01 4.83 0.33
C GLU A 75 13.82 6.02 -0.16
N LEU A 76 13.79 6.27 -1.47
CA LEU A 76 14.53 7.38 -2.07
C LEU A 76 14.10 8.73 -1.46
N GLU A 77 12.87 8.81 -0.95
CA GLU A 77 12.37 10.04 -0.35
C GLU A 77 12.04 9.84 1.13
N GLY A 78 11.04 8.99 1.41
CA GLY A 78 10.65 8.73 2.78
C GLY A 78 9.92 7.41 2.95
N GLU A 79 10.61 6.42 3.51
CA GLU A 79 10.04 5.09 3.71
C GLU A 79 8.71 5.18 4.48
N LYS A 80 8.77 5.60 5.73
CA LYS A 80 7.57 5.73 6.57
C LYS A 80 7.34 7.18 6.98
N ASP A 81 8.43 7.90 7.30
CA ASP A 81 8.35 9.29 7.71
C ASP A 81 7.64 10.17 6.66
N TYR A 82 7.69 9.72 5.39
CA TYR A 82 7.05 10.46 4.30
C TYR A 82 5.61 10.85 4.66
N ILE A 83 5.36 12.15 4.74
CA ILE A 83 4.05 12.68 5.09
C ILE A 83 3.06 12.48 3.94
N LEU A 84 1.87 11.97 4.25
CA LEU A 84 0.84 11.75 3.24
C LEU A 84 0.33 13.09 2.68
N GLU A 85 -0.52 13.01 1.66
CA GLU A 85 -1.07 14.20 1.03
C GLU A 85 -2.30 13.84 0.21
N ASP A 86 -3.48 14.09 0.77
CA ASP A 86 -4.75 13.80 0.09
C ASP A 86 -4.72 14.28 -1.36
N GLY A 87 -4.85 13.33 -2.28
CA GLY A 87 -4.82 13.65 -3.70
C GLY A 87 -3.58 13.11 -4.40
N ASP A 88 -2.90 12.17 -3.74
CA ASP A 88 -1.70 11.56 -4.30
C ASP A 88 -2.03 10.28 -5.06
N ILE A 89 -1.04 9.73 -5.76
CA ILE A 89 -1.21 8.51 -6.52
C ILE A 89 -0.15 7.47 -6.15
N ILE A 90 -0.53 6.50 -5.31
CA ILE A 90 0.39 5.46 -4.87
C ILE A 90 0.19 4.17 -5.69
N SER A 91 1.30 3.49 -5.99
CA SER A 91 1.25 2.26 -6.76
C SER A 91 1.80 1.07 -5.97
N PHE A 92 1.12 -0.08 -6.07
CA PHE A 92 1.55 -1.29 -5.38
C PHE A 92 1.60 -2.47 -6.35
N THR A 93 2.70 -2.58 -7.09
CA THR A 93 2.87 -3.67 -8.06
C THR A 93 3.70 -4.81 -7.47
N SER A 94 3.29 -6.04 -7.73
CA SER A 94 4.00 -7.22 -7.22
C SER A 94 4.74 -7.93 -8.34
N THR A 95 6.07 -7.89 -8.29
CA THR A 95 6.91 -8.54 -9.30
C THR A 95 7.77 -9.62 -8.65
N LEU A 96 7.13 -10.73 -8.28
CA LEU A 96 7.82 -11.85 -7.65
C LEU A 96 7.38 -13.18 -8.26
N HIS A 97 8.33 -13.90 -8.86
CA HIS A 97 8.03 -15.19 -9.47
C HIS A 97 8.72 -16.33 -8.71
N GLY A 98 9.98 -16.11 -8.34
CA GLY A 98 10.72 -17.13 -7.61
C GLY A 98 10.90 -16.77 -6.14
N GLY A 99 10.03 -17.32 -5.29
CA GLY A 99 10.12 -17.04 -3.86
C GLY A 99 8.77 -17.18 -3.17
N MET A 1 -9.25 11.97 7.63
CA MET A 1 -9.67 11.16 6.47
C MET A 1 -9.00 11.63 5.18
N VAL A 2 -8.10 10.81 4.64
CA VAL A 2 -7.40 11.15 3.40
C VAL A 2 -7.60 10.08 2.33
N ASN A 3 -7.95 10.52 1.12
CA ASN A 3 -8.18 9.60 0.01
C ASN A 3 -6.88 9.39 -0.78
N VAL A 4 -6.42 8.14 -0.80
CA VAL A 4 -5.19 7.79 -1.51
C VAL A 4 -5.47 6.83 -2.65
N LYS A 5 -4.87 7.11 -3.82
CA LYS A 5 -5.05 6.27 -5.00
C LYS A 5 -3.82 5.40 -5.22
N VAL A 6 -3.94 4.11 -4.90
CA VAL A 6 -2.83 3.17 -5.07
C VAL A 6 -3.14 2.15 -6.16
N GLU A 7 -2.07 1.58 -6.74
CA GLU A 7 -2.23 0.59 -7.81
C GLU A 7 -1.62 -0.76 -7.40
N PHE A 8 -2.13 -1.83 -8.00
CA PHE A 8 -1.65 -3.17 -7.71
C PHE A 8 -1.47 -3.99 -8.98
N LEU A 9 -0.22 -4.16 -9.39
CA LEU A 9 0.11 -4.91 -10.60
C LEU A 9 1.18 -5.96 -10.31
N GLY A 10 0.85 -7.23 -10.57
CA GLY A 10 1.80 -8.30 -10.35
C GLY A 10 1.33 -9.30 -9.31
N GLY A 11 0.06 -9.73 -9.42
CA GLY A 11 -0.49 -10.68 -8.47
C GLY A 11 -1.28 -10.02 -7.37
N LEU A 12 -0.83 -8.83 -6.93
CA LEU A 12 -1.51 -8.09 -5.87
C LEU A 12 -2.98 -7.85 -6.21
N ASP A 13 -3.26 -7.49 -7.46
CA ASP A 13 -4.62 -7.24 -7.91
C ASP A 13 -5.48 -8.50 -7.78
N ALA A 14 -4.88 -9.66 -8.05
CA ALA A 14 -5.59 -10.93 -7.96
C ALA A 14 -5.97 -11.26 -6.52
N ILE A 15 -5.12 -10.85 -5.58
CA ILE A 15 -5.35 -11.11 -4.17
C ILE A 15 -6.35 -10.11 -3.57
N PHE A 16 -6.21 -8.84 -3.94
CA PHE A 16 -7.10 -7.78 -3.44
C PHE A 16 -8.54 -8.01 -3.89
N GLY A 17 -8.81 -7.76 -5.17
CA GLY A 17 -10.16 -7.93 -5.70
C GLY A 17 -10.26 -7.58 -7.17
N LYS A 18 -9.25 -7.96 -7.94
CA LYS A 18 -9.21 -7.69 -9.38
C LYS A 18 -9.40 -6.20 -9.67
N GLN A 19 -8.49 -5.38 -9.14
CA GLN A 19 -8.55 -3.94 -9.34
C GLN A 19 -7.15 -3.36 -9.48
N ARG A 20 -6.84 -2.86 -10.69
CA ARG A 20 -5.52 -2.26 -10.95
C ARG A 20 -5.29 -1.05 -10.05
N VAL A 21 -6.37 -0.33 -9.74
CA VAL A 21 -6.28 0.85 -8.88
C VAL A 21 -7.24 0.72 -7.70
N HIS A 22 -6.70 0.75 -6.48
CA HIS A 22 -7.50 0.64 -5.27
C HIS A 22 -7.45 1.93 -4.46
N LYS A 23 -8.56 2.25 -3.80
CA LYS A 23 -8.65 3.47 -2.99
C LYS A 23 -8.67 3.15 -1.50
N ILE A 24 -8.08 4.03 -0.68
CA ILE A 24 -8.05 3.83 0.76
C ILE A 24 -8.54 5.06 1.52
N LYS A 25 -9.18 4.83 2.66
CA LYS A 25 -9.71 5.91 3.50
C LYS A 25 -9.23 5.74 4.94
N MET A 26 -8.05 6.28 5.25
CA MET A 26 -7.47 6.18 6.57
C MET A 26 -8.21 7.07 7.58
N ASP A 27 -8.48 6.53 8.77
CA ASP A 27 -9.18 7.27 9.81
C ASP A 27 -8.44 7.18 11.14
N LYS A 28 -7.54 8.15 11.38
CA LYS A 28 -6.76 8.20 12.61
C LYS A 28 -6.52 9.63 13.07
N GLU A 29 -5.72 10.36 12.30
CA GLU A 29 -5.39 11.75 12.61
C GLU A 29 -5.23 12.58 11.34
N ASP A 30 -4.76 13.81 11.50
CA ASP A 30 -4.55 14.71 10.35
C ASP A 30 -3.23 14.40 9.65
N PRO A 31 -2.09 14.48 10.36
CA PRO A 31 -0.77 14.20 9.78
C PRO A 31 -0.54 12.71 9.56
N VAL A 32 -1.37 12.10 8.71
CA VAL A 32 -1.27 10.68 8.41
C VAL A 32 -0.08 10.41 7.50
N THR A 33 0.74 9.42 7.87
CA THR A 33 1.92 9.06 7.07
C THR A 33 1.61 7.86 6.19
N VAL A 34 2.43 7.67 5.16
CA VAL A 34 2.25 6.57 4.21
C VAL A 34 2.17 5.22 4.95
N GLY A 35 2.90 5.10 6.05
CA GLY A 35 2.88 3.88 6.83
C GLY A 35 1.48 3.53 7.32
N ASP A 36 0.64 4.56 7.49
CA ASP A 36 -0.74 4.38 7.93
C ASP A 36 -1.56 3.74 6.82
N LEU A 37 -1.34 4.19 5.59
CA LEU A 37 -2.04 3.66 4.43
C LEU A 37 -1.85 2.14 4.36
N ILE A 38 -0.60 1.70 4.57
CA ILE A 38 -0.28 0.28 4.56
C ILE A 38 -0.91 -0.43 5.76
N ASP A 39 -0.99 0.27 6.88
CA ASP A 39 -1.58 -0.29 8.10
C ASP A 39 -3.09 -0.45 7.94
N HIS A 40 -3.76 0.61 7.51
CA HIS A 40 -5.21 0.60 7.32
C HIS A 40 -5.62 -0.45 6.28
N ILE A 41 -4.93 -0.45 5.14
CA ILE A 41 -5.22 -1.41 4.07
C ILE A 41 -4.98 -2.86 4.52
N VAL A 42 -4.02 -3.05 5.43
CA VAL A 42 -3.71 -4.37 5.93
C VAL A 42 -4.45 -4.70 7.23
N SER A 43 -5.07 -3.68 7.84
CA SER A 43 -5.81 -3.87 9.09
C SER A 43 -7.32 -3.96 8.87
N THR A 44 -7.93 -2.83 8.49
CA THR A 44 -9.38 -2.78 8.26
C THR A 44 -9.76 -3.42 6.92
N MET A 45 -9.19 -2.91 5.83
CA MET A 45 -9.48 -3.41 4.49
C MET A 45 -9.23 -4.93 4.42
N ILE A 46 -8.01 -5.34 4.76
CA ILE A 46 -7.65 -6.75 4.74
C ILE A 46 -7.47 -7.27 6.16
N ASN A 47 -8.12 -8.40 6.46
CA ASN A 47 -8.03 -8.99 7.79
C ASN A 47 -8.18 -10.51 7.71
N ASN A 48 -7.27 -11.14 6.96
CA ASN A 48 -7.30 -12.59 6.80
C ASN A 48 -5.89 -13.14 6.57
N PRO A 49 -5.51 -14.21 7.31
CA PRO A 49 -4.18 -14.83 7.17
C PRO A 49 -4.03 -15.61 5.88
N ASN A 50 -4.06 -14.89 4.76
CA ASN A 50 -3.91 -15.48 3.44
C ASN A 50 -3.46 -14.43 2.42
N ASP A 51 -4.15 -13.29 2.41
CA ASP A 51 -3.81 -12.19 1.51
C ASP A 51 -2.76 -11.28 2.13
N VAL A 52 -2.89 -11.03 3.44
CA VAL A 52 -1.95 -10.17 4.14
C VAL A 52 -0.82 -11.00 4.77
N SER A 53 -1.15 -12.19 5.26
CA SER A 53 -0.15 -13.07 5.87
C SER A 53 1.06 -13.28 4.96
N ILE A 54 0.80 -13.35 3.65
CA ILE A 54 1.87 -13.55 2.68
C ILE A 54 2.46 -12.21 2.21
N PHE A 55 1.60 -11.18 2.12
CA PHE A 55 2.05 -9.85 1.70
C PHE A 55 2.87 -9.15 2.79
N ILE A 56 2.31 -9.08 4.00
CA ILE A 56 2.98 -8.45 5.13
C ILE A 56 3.38 -9.47 6.19
N GLU A 57 4.59 -9.34 6.71
CA GLU A 57 5.10 -10.24 7.73
C GLU A 57 5.73 -9.46 8.89
N ASP A 58 5.38 -9.87 10.12
CA ASP A 58 5.91 -9.22 11.32
C ASP A 58 5.55 -7.73 11.34
N ASP A 59 4.32 -7.41 10.89
CA ASP A 59 3.84 -6.03 10.83
C ASP A 59 4.74 -5.17 9.94
N SER A 60 5.29 -5.77 8.90
CA SER A 60 6.17 -5.05 7.97
C SER A 60 6.06 -5.63 6.55
N ILE A 61 6.33 -4.79 5.56
CA ILE A 61 6.26 -5.22 4.16
C ILE A 61 7.34 -6.25 3.84
N ARG A 62 7.08 -7.08 2.83
CA ARG A 62 8.03 -8.12 2.42
C ARG A 62 8.81 -7.67 1.19
N PRO A 63 10.13 -7.97 1.15
CA PRO A 63 11.00 -7.61 0.02
C PRO A 63 10.48 -8.15 -1.30
N GLY A 64 10.46 -7.29 -2.33
CA GLY A 64 9.98 -7.70 -3.64
C GLY A 64 8.95 -6.76 -4.20
N ILE A 65 8.11 -6.21 -3.33
CA ILE A 65 7.06 -5.27 -3.75
C ILE A 65 7.62 -3.85 -3.89
N ILE A 66 7.67 -3.38 -5.13
CA ILE A 66 8.18 -2.04 -5.42
C ILE A 66 7.06 -0.99 -5.33
N THR A 67 7.43 0.21 -4.89
CA THR A 67 6.46 1.31 -4.77
C THR A 67 6.98 2.57 -5.45
N LEU A 68 6.09 3.25 -6.18
CA LEU A 68 6.45 4.48 -6.88
C LEU A 68 5.45 5.59 -6.59
N ILE A 69 5.91 6.64 -5.89
CA ILE A 69 5.06 7.77 -5.54
C ILE A 69 5.31 8.93 -6.49
N ASN A 70 4.32 9.22 -7.35
CA ASN A 70 4.43 10.30 -8.32
C ASN A 70 5.64 10.08 -9.25
N ASP A 71 5.73 8.87 -9.80
CA ASP A 71 6.83 8.51 -10.69
C ASP A 71 8.19 8.68 -10.01
N THR A 72 8.21 8.47 -8.69
CA THR A 72 9.45 8.59 -7.92
C THR A 72 9.59 7.42 -6.95
N ASP A 73 10.76 7.30 -6.33
CA ASP A 73 11.02 6.22 -5.39
C ASP A 73 10.40 6.51 -4.02
N TRP A 74 10.44 5.52 -3.14
CA TRP A 74 9.89 5.66 -1.79
C TRP A 74 11.00 5.84 -0.76
N GLU A 75 12.14 5.19 -1.00
CA GLU A 75 13.28 5.29 -0.09
C GLU A 75 14.18 6.48 -0.45
N LEU A 76 14.18 6.87 -1.72
CA LEU A 76 14.99 8.00 -2.19
C LEU A 76 14.64 9.31 -1.48
N GLU A 77 13.43 9.39 -0.91
CA GLU A 77 12.99 10.59 -0.22
C GLU A 77 12.58 10.28 1.22
N GLY A 78 11.45 9.60 1.38
CA GLY A 78 10.96 9.26 2.70
C GLY A 78 10.13 7.99 2.71
N GLU A 79 10.69 6.92 3.28
CA GLU A 79 9.99 5.63 3.34
C GLU A 79 8.62 5.78 4.01
N LYS A 80 8.62 5.99 5.33
CA LYS A 80 7.38 6.15 6.09
C LYS A 80 7.15 7.62 6.45
N ASP A 81 8.24 8.34 6.71
CA ASP A 81 8.18 9.75 7.07
C ASP A 81 7.42 10.57 6.02
N TYR A 82 7.37 10.06 4.79
CA TYR A 82 6.65 10.74 3.70
C TYR A 82 5.19 10.95 4.10
N ILE A 83 4.86 12.20 4.41
CA ILE A 83 3.50 12.56 4.81
C ILE A 83 2.52 12.33 3.66
N LEU A 84 1.32 11.84 4.00
CA LEU A 84 0.30 11.57 2.99
C LEU A 84 -0.15 12.87 2.31
N GLU A 85 -1.02 12.74 1.32
CA GLU A 85 -1.52 13.89 0.59
C GLU A 85 -2.82 13.56 -0.13
N ASP A 86 -3.94 13.91 0.48
CA ASP A 86 -5.26 13.65 -0.09
C ASP A 86 -5.31 14.08 -1.55
N GLY A 87 -5.26 13.10 -2.45
CA GLY A 87 -5.29 13.38 -3.87
C GLY A 87 -3.95 13.10 -4.56
N ASP A 88 -3.18 12.16 -4.00
CA ASP A 88 -1.87 11.80 -4.55
C ASP A 88 -1.94 10.46 -5.30
N ILE A 89 -0.86 10.13 -6.01
CA ILE A 89 -0.81 8.88 -6.78
C ILE A 89 0.31 7.97 -6.28
N ILE A 90 -0.04 6.70 -6.03
CA ILE A 90 0.93 5.71 -5.55
C ILE A 90 0.78 4.38 -6.30
N SER A 91 1.88 3.64 -6.44
CA SER A 91 1.86 2.34 -7.13
C SER A 91 2.49 1.24 -6.28
N PHE A 92 1.98 0.03 -6.42
CA PHE A 92 2.50 -1.12 -5.67
C PHE A 92 2.69 -2.32 -6.61
N THR A 93 3.82 -2.33 -7.32
CA THR A 93 4.13 -3.41 -8.26
C THR A 93 4.84 -4.56 -7.54
N SER A 94 4.51 -5.78 -7.93
CA SER A 94 5.12 -6.97 -7.34
C SER A 94 5.83 -7.78 -8.41
N THR A 95 7.15 -7.60 -8.52
CA THR A 95 7.96 -8.30 -9.51
C THR A 95 8.44 -9.65 -8.95
N LEU A 96 7.50 -10.46 -8.44
CA LEU A 96 7.82 -11.77 -7.88
C LEU A 96 6.60 -12.69 -7.90
N HIS A 97 5.70 -12.50 -8.87
CA HIS A 97 4.48 -13.31 -8.99
C HIS A 97 3.59 -13.15 -7.76
N GLY A 98 2.43 -13.82 -7.77
CA GLY A 98 1.52 -13.74 -6.65
C GLY A 98 0.24 -14.54 -6.88
N GLY A 99 0.29 -15.83 -6.60
CA GLY A 99 -0.88 -16.68 -6.77
C GLY A 99 -0.87 -17.88 -5.85
N MET A 1 -10.09 12.61 7.00
CA MET A 1 -9.86 11.48 6.05
C MET A 1 -8.93 11.88 4.92
N VAL A 2 -8.30 10.87 4.30
CA VAL A 2 -7.38 11.11 3.19
C VAL A 2 -7.48 10.01 2.14
N ASN A 3 -8.20 10.28 1.06
CA ASN A 3 -8.37 9.30 -0.01
C ASN A 3 -7.19 9.31 -0.97
N VAL A 4 -6.42 8.23 -0.96
CA VAL A 4 -5.24 8.11 -1.82
C VAL A 4 -5.46 7.06 -2.92
N LYS A 5 -5.18 7.47 -4.16
CA LYS A 5 -5.35 6.58 -5.31
C LYS A 5 -4.10 5.72 -5.52
N VAL A 6 -4.27 4.40 -5.41
CA VAL A 6 -3.15 3.47 -5.59
C VAL A 6 -3.43 2.46 -6.70
N GLU A 7 -2.38 2.05 -7.39
CA GLU A 7 -2.50 1.08 -8.48
C GLU A 7 -1.68 -0.17 -8.16
N PHE A 8 -2.38 -1.26 -7.85
CA PHE A 8 -1.73 -2.53 -7.52
C PHE A 8 -1.42 -3.33 -8.79
N LEU A 9 -0.17 -3.77 -8.92
CA LEU A 9 0.27 -4.54 -10.07
C LEU A 9 1.13 -5.73 -9.63
N GLY A 10 1.08 -6.80 -10.41
CA GLY A 10 1.87 -7.99 -10.10
C GLY A 10 1.02 -9.11 -9.53
N GLY A 11 1.08 -9.29 -8.22
CA GLY A 11 0.31 -10.34 -7.56
C GLY A 11 -0.44 -9.86 -6.33
N LEU A 12 -0.77 -8.56 -6.30
CA LEU A 12 -1.50 -7.99 -5.17
C LEU A 12 -2.99 -7.90 -5.48
N ASP A 13 -3.32 -7.49 -6.71
CA ASP A 13 -4.71 -7.38 -7.15
C ASP A 13 -5.43 -8.73 -7.11
N ALA A 14 -4.69 -9.80 -7.39
CA ALA A 14 -5.26 -11.15 -7.39
C ALA A 14 -5.70 -11.56 -5.99
N ILE A 15 -4.99 -11.08 -4.98
CA ILE A 15 -5.31 -11.39 -3.59
C ILE A 15 -6.56 -10.64 -3.11
N PHE A 16 -6.63 -9.35 -3.43
CA PHE A 16 -7.76 -8.53 -3.03
C PHE A 16 -9.05 -8.99 -3.70
N GLY A 17 -9.15 -8.75 -5.01
CA GLY A 17 -10.34 -9.14 -5.75
C GLY A 17 -10.22 -8.82 -7.24
N LYS A 18 -9.07 -9.15 -7.82
CA LYS A 18 -8.82 -8.91 -9.25
C LYS A 18 -8.99 -7.43 -9.59
N GLN A 19 -8.28 -6.56 -8.86
CA GLN A 19 -8.36 -5.12 -9.09
C GLN A 19 -6.96 -4.50 -9.17
N ARG A 20 -6.55 -4.13 -10.38
CA ARG A 20 -5.24 -3.51 -10.60
C ARG A 20 -5.16 -2.11 -9.99
N VAL A 21 -6.29 -1.57 -9.53
CA VAL A 21 -6.32 -0.24 -8.93
C VAL A 21 -7.25 -0.23 -7.71
N HIS A 22 -6.82 0.44 -6.66
CA HIS A 22 -7.61 0.52 -5.42
C HIS A 22 -7.47 1.89 -4.76
N LYS A 23 -8.32 2.14 -3.77
CA LYS A 23 -8.30 3.42 -3.05
C LYS A 23 -8.50 3.19 -1.56
N ILE A 24 -7.81 4.00 -0.74
CA ILE A 24 -7.90 3.88 0.72
C ILE A 24 -8.01 5.25 1.38
N LYS A 25 -8.69 5.29 2.53
CA LYS A 25 -8.87 6.53 3.27
C LYS A 25 -8.59 6.33 4.76
N MET A 26 -7.41 6.74 5.20
CA MET A 26 -7.02 6.60 6.61
C MET A 26 -7.70 7.67 7.46
N ASP A 27 -8.42 7.23 8.49
CA ASP A 27 -9.12 8.15 9.39
C ASP A 27 -8.20 8.58 10.53
N LYS A 28 -7.17 9.37 10.20
CA LYS A 28 -6.22 9.87 11.18
C LYS A 28 -5.99 11.38 11.00
N GLU A 29 -4.86 11.88 11.51
CA GLU A 29 -4.52 13.29 11.39
C GLU A 29 -4.29 13.69 9.94
N ASP A 30 -3.79 14.92 9.74
CA ASP A 30 -3.50 15.41 8.39
C ASP A 30 -2.21 14.81 7.85
N PRO A 31 -1.06 15.05 8.53
CA PRO A 31 0.24 14.52 8.08
C PRO A 31 0.42 13.04 8.41
N VAL A 32 -0.49 12.21 7.88
CA VAL A 32 -0.42 10.76 8.11
C VAL A 32 0.73 10.14 7.34
N THR A 33 1.52 9.31 8.02
CA THR A 33 2.65 8.65 7.38
C THR A 33 2.18 7.52 6.47
N VAL A 34 2.94 7.27 5.41
CA VAL A 34 2.60 6.22 4.44
C VAL A 34 2.47 4.86 5.12
N GLY A 35 3.32 4.59 6.12
CA GLY A 35 3.26 3.34 6.84
C GLY A 35 1.89 3.12 7.47
N ASP A 36 1.21 4.23 7.78
CA ASP A 36 -0.13 4.17 8.37
C ASP A 36 -1.15 3.69 7.34
N LEU A 37 -1.03 4.22 6.12
CA LEU A 37 -1.93 3.84 5.02
C LEU A 37 -1.95 2.32 4.85
N ILE A 38 -0.77 1.73 4.70
CA ILE A 38 -0.66 0.27 4.54
C ILE A 38 -1.23 -0.44 5.76
N ASP A 39 -1.00 0.14 6.94
CA ASP A 39 -1.50 -0.43 8.20
C ASP A 39 -3.02 -0.49 8.19
N HIS A 40 -3.66 0.57 7.70
CA HIS A 40 -5.12 0.63 7.63
C HIS A 40 -5.67 -0.48 6.74
N ILE A 41 -4.96 -0.79 5.66
CA ILE A 41 -5.37 -1.83 4.72
C ILE A 41 -5.18 -3.22 5.32
N VAL A 42 -4.23 -3.35 6.24
CA VAL A 42 -3.95 -4.63 6.89
C VAL A 42 -4.70 -4.79 8.22
N SER A 43 -5.38 -3.74 8.67
CA SER A 43 -6.11 -3.78 9.94
C SER A 43 -7.61 -4.02 9.73
N THR A 44 -8.32 -3.00 9.24
CA THR A 44 -9.75 -3.10 9.01
C THR A 44 -10.07 -3.67 7.63
N MET A 45 -9.43 -3.11 6.60
CA MET A 45 -9.63 -3.56 5.22
C MET A 45 -9.43 -5.06 5.08
N ILE A 46 -8.26 -5.55 5.51
CA ILE A 46 -7.95 -6.98 5.43
C ILE A 46 -7.91 -7.60 6.82
N ASN A 47 -8.68 -8.66 7.02
CA ASN A 47 -8.72 -9.34 8.31
C ASN A 47 -8.84 -10.86 8.14
N ASN A 48 -7.73 -11.49 7.75
CA ASN A 48 -7.71 -12.94 7.54
C ASN A 48 -6.29 -13.43 7.27
N PRO A 49 -5.76 -14.34 8.13
CA PRO A 49 -4.40 -14.89 7.97
C PRO A 49 -4.25 -15.67 6.68
N ASN A 50 -4.12 -14.94 5.57
CA ASN A 50 -3.97 -15.54 4.25
C ASN A 50 -3.51 -14.50 3.23
N ASP A 51 -4.28 -13.42 3.09
CA ASP A 51 -3.94 -12.34 2.17
C ASP A 51 -2.94 -11.38 2.81
N VAL A 52 -3.08 -11.15 4.12
CA VAL A 52 -2.18 -10.27 4.83
C VAL A 52 -0.97 -11.03 5.36
N SER A 53 -1.18 -12.28 5.79
CA SER A 53 -0.11 -13.11 6.32
C SER A 53 1.03 -13.28 5.31
N ILE A 54 0.68 -13.33 4.02
CA ILE A 54 1.68 -13.49 2.96
C ILE A 54 2.29 -12.13 2.59
N PHE A 55 1.46 -11.09 2.56
CA PHE A 55 1.91 -9.74 2.23
C PHE A 55 2.81 -9.17 3.33
N ILE A 56 2.47 -9.48 4.59
CA ILE A 56 3.23 -9.00 5.73
C ILE A 56 3.52 -10.14 6.72
N GLU A 57 4.79 -10.27 7.10
CA GLU A 57 5.21 -11.31 8.05
C GLU A 57 5.70 -10.69 9.36
N ASP A 58 5.07 -11.09 10.47
CA ASP A 58 5.43 -10.57 11.79
C ASP A 58 5.36 -9.04 11.83
N ASP A 59 4.21 -8.50 11.40
CA ASP A 59 4.01 -7.05 11.37
C ASP A 59 5.08 -6.33 10.53
N SER A 60 5.65 -7.04 9.56
CA SER A 60 6.68 -6.47 8.70
C SER A 60 6.45 -6.89 7.25
N ILE A 61 6.37 -5.90 6.36
CA ILE A 61 6.15 -6.16 4.93
C ILE A 61 7.21 -7.08 4.35
N ARG A 62 6.83 -7.83 3.33
CA ARG A 62 7.75 -8.77 2.67
C ARG A 62 8.56 -8.07 1.58
N PRO A 63 9.84 -8.45 1.41
CA PRO A 63 10.72 -7.87 0.39
C PRO A 63 10.33 -8.31 -1.03
N GLY A 64 10.07 -7.33 -1.90
CA GLY A 64 9.70 -7.65 -3.26
C GLY A 64 8.72 -6.63 -3.85
N ILE A 65 7.80 -6.16 -3.01
CA ILE A 65 6.80 -5.18 -3.45
C ILE A 65 7.45 -3.82 -3.70
N ILE A 66 7.16 -3.25 -4.86
CA ILE A 66 7.70 -1.95 -5.25
C ILE A 66 6.61 -0.88 -5.27
N THR A 67 7.00 0.38 -5.06
CA THR A 67 6.04 1.48 -5.04
C THR A 67 6.67 2.77 -5.59
N LEU A 68 5.90 3.54 -6.34
CA LEU A 68 6.37 4.80 -6.91
C LEU A 68 5.39 5.94 -6.64
N ILE A 69 5.80 6.85 -5.75
CA ILE A 69 4.97 8.00 -5.40
C ILE A 69 5.25 9.16 -6.35
N ASN A 70 4.27 9.47 -7.21
CA ASN A 70 4.40 10.55 -8.19
C ASN A 70 5.60 10.32 -9.11
N ASP A 71 5.77 9.08 -9.56
CA ASP A 71 6.88 8.72 -10.44
C ASP A 71 8.23 8.96 -9.75
N THR A 72 8.24 8.81 -8.43
CA THR A 72 9.46 9.01 -7.64
C THR A 72 9.70 7.82 -6.71
N ASP A 73 10.92 7.71 -6.19
CA ASP A 73 11.28 6.62 -5.29
C ASP A 73 10.78 6.90 -3.87
N TRP A 74 9.89 6.05 -3.39
CA TRP A 74 9.30 6.18 -2.05
C TRP A 74 10.39 6.36 -0.98
N GLU A 75 11.50 5.63 -1.13
CA GLU A 75 12.61 5.71 -0.18
C GLU A 75 13.21 7.11 -0.17
N LEU A 76 13.42 7.67 -1.36
CA LEU A 76 14.00 9.01 -1.49
C LEU A 76 13.13 10.06 -0.79
N GLU A 77 11.82 9.77 -0.66
CA GLU A 77 10.90 10.70 -0.01
C GLU A 77 10.40 10.13 1.33
N GLY A 78 11.24 9.33 1.99
CA GLY A 78 10.88 8.73 3.26
C GLY A 78 10.04 7.48 3.10
N GLU A 79 10.69 6.32 3.15
CA GLU A 79 10.01 5.03 3.01
C GLU A 79 8.71 4.99 3.82
N LYS A 80 8.81 5.32 5.11
CA LYS A 80 7.64 5.34 5.98
C LYS A 80 7.33 6.76 6.43
N ASP A 81 8.37 7.56 6.66
CA ASP A 81 8.20 8.95 7.09
C ASP A 81 7.85 9.85 5.90
N TYR A 82 6.78 9.50 5.20
CA TYR A 82 6.31 10.27 4.05
C TYR A 82 4.91 10.80 4.31
N ILE A 83 4.79 12.12 4.39
CA ILE A 83 3.49 12.75 4.64
C ILE A 83 2.53 12.50 3.47
N LEU A 84 1.41 11.84 3.77
CA LEU A 84 0.41 11.53 2.76
C LEU A 84 -0.24 12.81 2.21
N GLU A 85 -1.11 12.66 1.23
CA GLU A 85 -1.79 13.80 0.61
C GLU A 85 -2.95 13.32 -0.25
N ASP A 86 -4.16 13.42 0.29
CA ASP A 86 -5.38 13.00 -0.42
C ASP A 86 -5.36 13.50 -1.86
N GLY A 87 -5.46 12.56 -2.81
CA GLY A 87 -5.44 12.92 -4.22
C GLY A 87 -4.08 12.73 -4.84
N ASP A 88 -3.28 11.83 -4.26
CA ASP A 88 -1.94 11.55 -4.76
C ASP A 88 -1.91 10.26 -5.57
N ILE A 89 -0.79 10.01 -6.25
CA ILE A 89 -0.63 8.82 -7.06
C ILE A 89 0.45 7.90 -6.49
N ILE A 90 0.02 6.81 -5.86
CA ILE A 90 0.95 5.85 -5.27
C ILE A 90 0.81 4.47 -5.92
N SER A 91 1.70 4.15 -6.84
CA SER A 91 1.68 2.86 -7.54
C SER A 91 2.29 1.75 -6.67
N PHE A 92 1.77 0.53 -6.83
CA PHE A 92 2.25 -0.61 -6.06
C PHE A 92 2.45 -1.83 -6.96
N THR A 93 3.71 -2.12 -7.30
CA THR A 93 4.05 -3.26 -8.14
C THR A 93 4.60 -4.41 -7.29
N SER A 94 4.55 -5.62 -7.84
CA SER A 94 5.03 -6.80 -7.14
C SER A 94 5.73 -7.75 -8.11
N THR A 95 7.05 -7.87 -7.98
CA THR A 95 7.83 -8.77 -8.84
C THR A 95 7.96 -10.16 -8.22
N LEU A 96 6.82 -10.74 -7.86
CA LEU A 96 6.79 -12.07 -7.25
C LEU A 96 6.19 -13.10 -8.22
N HIS A 97 4.96 -12.82 -8.69
CA HIS A 97 4.29 -13.70 -9.63
C HIS A 97 4.40 -13.19 -11.06
N GLY A 98 4.25 -11.87 -11.24
CA GLY A 98 4.34 -11.27 -12.56
C GLY A 98 3.15 -10.40 -12.89
N GLY A 99 1.97 -11.02 -13.02
CA GLY A 99 0.76 -10.28 -13.33
C GLY A 99 -0.48 -11.16 -13.34
N MET A 1 -9.15 12.12 6.67
CA MET A 1 -9.83 13.02 5.70
C MET A 1 -9.00 13.19 4.43
N VAL A 2 -8.52 12.07 3.89
CA VAL A 2 -7.71 12.08 2.67
C VAL A 2 -8.05 10.89 1.78
N ASN A 3 -8.33 11.17 0.51
CA ASN A 3 -8.67 10.13 -0.46
C ASN A 3 -7.51 9.86 -1.41
N VAL A 4 -6.64 8.92 -1.03
CA VAL A 4 -5.48 8.57 -1.84
C VAL A 4 -5.85 7.55 -2.93
N LYS A 5 -5.14 7.62 -4.05
CA LYS A 5 -5.37 6.71 -5.17
C LYS A 5 -4.20 5.73 -5.34
N VAL A 6 -4.44 4.45 -5.04
CA VAL A 6 -3.41 3.43 -5.15
C VAL A 6 -3.64 2.56 -6.38
N GLU A 7 -2.54 2.13 -7.02
CA GLU A 7 -2.62 1.28 -8.20
C GLU A 7 -1.90 -0.04 -7.99
N PHE A 8 -2.66 -1.09 -7.71
CA PHE A 8 -2.10 -2.42 -7.47
C PHE A 8 -1.98 -3.21 -8.78
N LEU A 9 -0.79 -3.75 -9.03
CA LEU A 9 -0.55 -4.52 -10.25
C LEU A 9 0.29 -5.76 -9.95
N GLY A 10 -0.30 -6.93 -10.22
CA GLY A 10 0.40 -8.18 -9.98
C GLY A 10 -0.51 -9.24 -9.39
N GLY A 11 -0.38 -9.45 -8.07
CA GLY A 11 -1.21 -10.44 -7.39
C GLY A 11 -2.28 -9.82 -6.52
N LEU A 12 -1.98 -8.66 -5.93
CA LEU A 12 -2.92 -7.96 -5.06
C LEU A 12 -4.27 -7.71 -5.75
N ASP A 13 -4.23 -7.35 -7.04
CA ASP A 13 -5.47 -7.10 -7.78
C ASP A 13 -6.39 -8.32 -7.77
N ALA A 14 -5.79 -9.51 -7.86
CA ALA A 14 -6.55 -10.76 -7.84
C ALA A 14 -7.14 -11.03 -6.45
N ILE A 15 -6.32 -10.82 -5.42
CA ILE A 15 -6.76 -11.04 -4.04
C ILE A 15 -7.84 -10.03 -3.64
N PHE A 16 -7.75 -8.80 -4.16
CA PHE A 16 -8.71 -7.75 -3.84
C PHE A 16 -10.06 -8.02 -4.51
N GLY A 17 -10.06 -8.06 -5.84
CA GLY A 17 -11.28 -8.30 -6.59
C GLY A 17 -11.20 -7.79 -8.02
N LYS A 18 -10.10 -8.14 -8.69
CA LYS A 18 -9.87 -7.72 -10.07
C LYS A 18 -9.89 -6.19 -10.21
N GLN A 19 -9.43 -5.49 -9.17
CA GLN A 19 -9.40 -4.03 -9.18
C GLN A 19 -7.97 -3.52 -9.07
N ARG A 20 -7.42 -3.07 -10.20
CA ARG A 20 -6.05 -2.55 -10.23
C ARG A 20 -5.92 -1.34 -9.31
N VAL A 21 -6.61 -0.25 -9.66
CA VAL A 21 -6.58 0.97 -8.87
C VAL A 21 -7.68 0.98 -7.81
N HIS A 22 -7.32 1.38 -6.59
CA HIS A 22 -8.27 1.44 -5.48
C HIS A 22 -8.03 2.65 -4.59
N LYS A 23 -9.09 3.32 -4.20
CA LYS A 23 -8.99 4.51 -3.34
C LYS A 23 -9.25 4.15 -1.88
N ILE A 24 -8.49 4.79 -0.98
CA ILE A 24 -8.63 4.54 0.46
C ILE A 24 -8.70 5.84 1.24
N LYS A 25 -9.51 5.86 2.30
CA LYS A 25 -9.66 7.04 3.14
C LYS A 25 -9.24 6.76 4.58
N MET A 26 -8.29 7.56 5.08
CA MET A 26 -7.80 7.39 6.45
C MET A 26 -7.97 8.68 7.25
N ASP A 27 -8.73 8.60 8.34
CA ASP A 27 -8.97 9.75 9.20
C ASP A 27 -8.64 9.43 10.66
N LYS A 28 -7.47 8.84 10.89
CA LYS A 28 -7.05 8.48 12.24
C LYS A 28 -6.40 9.68 12.95
N GLU A 29 -5.66 10.48 12.18
CA GLU A 29 -4.98 11.67 12.72
C GLU A 29 -4.69 12.68 11.62
N ASP A 30 -4.06 13.79 11.99
CA ASP A 30 -3.71 14.82 11.02
C ASP A 30 -2.37 14.52 10.35
N PRO A 31 -1.29 14.29 11.13
CA PRO A 31 0.03 13.99 10.60
C PRO A 31 0.16 12.52 10.17
N VAL A 32 -0.75 12.07 9.32
CA VAL A 32 -0.74 10.70 8.82
C VAL A 32 0.38 10.47 7.80
N THR A 33 1.04 9.30 7.89
CA THR A 33 2.12 8.96 6.97
C THR A 33 1.69 7.83 6.04
N VAL A 34 2.44 7.64 4.96
CA VAL A 34 2.15 6.61 3.98
C VAL A 34 2.05 5.22 4.61
N GLY A 35 2.94 4.94 5.57
CA GLY A 35 2.92 3.65 6.26
C GLY A 35 1.59 3.38 6.92
N ASP A 36 0.89 4.46 7.32
CA ASP A 36 -0.42 4.33 7.96
C ASP A 36 -1.45 3.86 6.94
N LEU A 37 -1.39 4.44 5.74
CA LEU A 37 -2.30 4.07 4.65
C LEU A 37 -2.31 2.55 4.46
N ILE A 38 -1.12 1.97 4.28
CA ILE A 38 -0.99 0.53 4.10
C ILE A 38 -1.56 -0.21 5.31
N ASP A 39 -1.32 0.34 6.51
CA ASP A 39 -1.82 -0.24 7.74
C ASP A 39 -3.34 -0.33 7.75
N HIS A 40 -4.00 0.73 7.27
CA HIS A 40 -5.46 0.77 7.20
C HIS A 40 -5.99 -0.36 6.33
N ILE A 41 -5.29 -0.62 5.21
CA ILE A 41 -5.68 -1.67 4.28
C ILE A 41 -5.57 -3.05 4.94
N VAL A 42 -4.60 -3.18 5.86
CA VAL A 42 -4.38 -4.44 6.56
C VAL A 42 -5.07 -4.46 7.94
N SER A 43 -5.73 -3.36 8.30
CA SER A 43 -6.41 -3.27 9.59
C SER A 43 -7.92 -3.50 9.45
N THR A 44 -8.64 -2.53 8.88
CA THR A 44 -10.09 -2.64 8.71
C THR A 44 -10.43 -3.33 7.38
N MET A 45 -9.71 -2.99 6.31
CA MET A 45 -9.96 -3.59 5.01
C MET A 45 -9.73 -5.11 5.03
N ILE A 46 -8.51 -5.52 5.38
CA ILE A 46 -8.16 -6.94 5.44
C ILE A 46 -7.79 -7.36 6.85
N ASN A 47 -8.08 -8.61 7.19
CA ASN A 47 -7.76 -9.14 8.51
C ASN A 47 -7.86 -10.68 8.53
N ASN A 48 -7.37 -11.31 7.46
CA ASN A 48 -7.41 -12.77 7.35
C ASN A 48 -6.04 -13.34 6.95
N PRO A 49 -5.64 -14.48 7.56
CA PRO A 49 -4.36 -15.12 7.28
C PRO A 49 -4.35 -15.82 5.91
N ASN A 50 -4.31 -15.03 4.86
CA ASN A 50 -4.29 -15.54 3.49
C ASN A 50 -3.96 -14.42 2.51
N ASP A 51 -4.65 -13.30 2.66
CA ASP A 51 -4.44 -12.15 1.78
C ASP A 51 -3.43 -11.17 2.37
N VAL A 52 -3.43 -11.03 3.69
CA VAL A 52 -2.50 -10.12 4.36
C VAL A 52 -1.21 -10.82 4.76
N SER A 53 -1.31 -12.10 5.16
CA SER A 53 -0.14 -12.88 5.56
C SER A 53 0.94 -12.86 4.47
N ILE A 54 0.52 -12.83 3.21
CA ILE A 54 1.46 -12.81 2.09
C ILE A 54 1.94 -11.39 1.79
N PHE A 55 1.08 -10.40 1.99
CA PHE A 55 1.43 -9.00 1.74
C PHE A 55 2.29 -8.44 2.88
N ILE A 56 2.01 -8.88 4.12
CA ILE A 56 2.75 -8.41 5.29
C ILE A 56 3.37 -9.59 6.04
N GLU A 57 4.65 -9.46 6.41
CA GLU A 57 5.37 -10.49 7.15
C GLU A 57 5.17 -10.31 8.66
N ASP A 58 6.10 -10.82 9.47
CA ASP A 58 5.99 -10.71 10.93
C ASP A 58 6.23 -9.26 11.39
N ASP A 59 5.15 -8.47 11.37
CA ASP A 59 5.21 -7.06 11.78
C ASP A 59 6.18 -6.27 10.89
N SER A 60 6.15 -6.56 9.59
CA SER A 60 7.01 -5.89 8.61
C SER A 60 6.72 -6.40 7.20
N ILE A 61 6.70 -5.49 6.22
CA ILE A 61 6.43 -5.87 4.84
C ILE A 61 7.54 -6.75 4.29
N ARG A 62 7.18 -7.73 3.46
CA ARG A 62 8.15 -8.65 2.87
C ARG A 62 8.67 -8.11 1.54
N PRO A 63 9.88 -8.54 1.12
CA PRO A 63 10.49 -8.11 -0.14
C PRO A 63 9.75 -8.64 -1.37
N GLY A 64 9.72 -7.84 -2.43
CA GLY A 64 9.04 -8.24 -3.64
C GLY A 64 8.04 -7.21 -4.12
N ILE A 65 7.27 -6.65 -3.18
CA ILE A 65 6.27 -5.63 -3.51
C ILE A 65 6.93 -4.31 -3.86
N ILE A 66 6.64 -3.81 -5.07
CA ILE A 66 7.20 -2.55 -5.54
C ILE A 66 6.23 -1.40 -5.27
N THR A 67 6.76 -0.31 -4.70
CA THR A 67 5.93 0.86 -4.38
C THR A 67 6.49 2.11 -5.07
N LEU A 68 5.71 2.66 -6.01
CA LEU A 68 6.11 3.86 -6.74
C LEU A 68 5.22 5.04 -6.38
N ILE A 69 5.78 6.00 -5.64
CA ILE A 69 5.04 7.19 -5.23
C ILE A 69 5.14 8.28 -6.30
N ASN A 70 4.11 8.38 -7.15
CA ASN A 70 4.07 9.37 -8.23
C ASN A 70 5.28 9.20 -9.15
N ASP A 71 5.45 7.99 -9.68
CA ASP A 71 6.56 7.68 -10.58
C ASP A 71 7.92 7.89 -9.91
N THR A 72 7.96 7.67 -8.60
CA THR A 72 9.20 7.83 -7.83
C THR A 72 9.38 6.67 -6.86
N ASP A 73 10.62 6.45 -6.41
CA ASP A 73 10.90 5.37 -5.47
C ASP A 73 10.53 5.77 -4.05
N TRP A 74 9.62 5.00 -3.45
CA TRP A 74 9.16 5.27 -2.08
C TRP A 74 10.33 5.29 -1.09
N GLU A 75 11.37 4.51 -1.37
CA GLU A 75 12.55 4.45 -0.50
C GLU A 75 13.46 5.65 -0.73
N LEU A 76 13.48 6.16 -1.96
CA LEU A 76 14.31 7.32 -2.30
C LEU A 76 13.85 8.58 -1.56
N GLU A 77 12.63 8.58 -1.04
CA GLU A 77 12.10 9.74 -0.31
C GLU A 77 11.43 9.31 1.00
N GLY A 78 12.01 8.32 1.68
CA GLY A 78 11.46 7.85 2.94
C GLY A 78 10.28 6.90 2.77
N GLU A 79 10.54 5.60 2.96
CA GLU A 79 9.48 4.58 2.81
C GLU A 79 8.21 4.98 3.57
N LYS A 80 8.33 5.13 4.90
CA LYS A 80 7.18 5.52 5.73
C LYS A 80 7.27 7.00 6.12
N ASP A 81 8.50 7.52 6.22
CA ASP A 81 8.72 8.92 6.60
C ASP A 81 7.90 9.87 5.72
N TYR A 82 7.63 9.47 4.48
CA TYR A 82 6.85 10.28 3.56
C TYR A 82 5.46 10.56 4.13
N ILE A 83 5.20 11.84 4.42
CA ILE A 83 3.92 12.26 4.97
C ILE A 83 2.84 12.30 3.89
N LEU A 84 1.61 11.95 4.26
CA LEU A 84 0.49 11.95 3.32
C LEU A 84 0.19 13.35 2.81
N GLU A 85 -0.70 13.45 1.82
CA GLU A 85 -1.08 14.72 1.24
C GLU A 85 -2.25 14.55 0.29
N ASP A 86 -3.44 14.95 0.74
CA ASP A 86 -4.66 14.85 -0.05
C ASP A 86 -4.43 15.35 -1.48
N GLY A 87 -4.55 14.44 -2.44
CA GLY A 87 -4.35 14.78 -3.84
C GLY A 87 -3.11 14.12 -4.44
N ASP A 88 -2.65 13.04 -3.80
CA ASP A 88 -1.46 12.32 -4.27
C ASP A 88 -1.83 10.94 -4.81
N ILE A 89 -0.86 10.28 -5.46
CA ILE A 89 -1.09 8.94 -6.02
C ILE A 89 -0.03 7.94 -5.55
N ILE A 90 -0.42 6.67 -5.52
CA ILE A 90 0.47 5.59 -5.09
C ILE A 90 0.36 4.38 -6.02
N SER A 91 1.45 3.63 -6.15
CA SER A 91 1.48 2.44 -7.00
C SER A 91 2.04 1.23 -6.25
N PHE A 92 1.42 0.07 -6.45
CA PHE A 92 1.86 -1.17 -5.79
C PHE A 92 2.00 -2.30 -6.81
N THR A 93 3.19 -2.45 -7.37
CA THR A 93 3.46 -3.49 -8.35
C THR A 93 4.08 -4.73 -7.68
N SER A 94 3.26 -5.77 -7.52
CA SER A 94 3.71 -7.00 -6.89
C SER A 94 3.80 -8.14 -7.91
N THR A 95 4.89 -8.16 -8.68
CA THR A 95 5.10 -9.18 -9.71
C THR A 95 6.52 -9.72 -9.64
N LEU A 96 6.76 -10.65 -8.71
CA LEU A 96 8.09 -11.25 -8.55
C LEU A 96 8.40 -12.22 -9.69
N HIS A 97 9.63 -12.13 -10.21
CA HIS A 97 10.06 -13.00 -11.30
C HIS A 97 10.60 -14.33 -10.77
N GLY A 98 11.44 -14.26 -9.73
CA GLY A 98 12.00 -15.47 -9.14
C GLY A 98 12.75 -15.19 -7.84
N GLY A 99 13.37 -16.23 -7.30
CA GLY A 99 14.12 -16.08 -6.05
C GLY A 99 13.39 -16.66 -4.86
N MET A 1 -9.62 12.37 7.26
CA MET A 1 -10.18 13.19 6.17
C MET A 1 -9.24 13.22 4.95
N VAL A 2 -8.93 12.02 4.43
CA VAL A 2 -8.06 11.90 3.26
C VAL A 2 -8.52 10.78 2.32
N ASN A 3 -7.99 10.77 1.11
CA ASN A 3 -8.34 9.76 0.12
C ASN A 3 -7.23 9.59 -0.92
N VAL A 4 -6.36 8.60 -0.70
CA VAL A 4 -5.24 8.34 -1.61
C VAL A 4 -5.67 7.41 -2.76
N LYS A 5 -4.96 7.53 -3.89
CA LYS A 5 -5.25 6.71 -5.06
C LYS A 5 -4.07 5.80 -5.38
N VAL A 6 -4.23 4.50 -5.11
CA VAL A 6 -3.18 3.51 -5.37
C VAL A 6 -3.56 2.57 -6.50
N GLU A 7 -2.55 1.99 -7.16
CA GLU A 7 -2.78 1.07 -8.26
C GLU A 7 -2.09 -0.27 -8.02
N PHE A 8 -2.64 -1.34 -8.60
CA PHE A 8 -2.08 -2.67 -8.43
C PHE A 8 -1.88 -3.36 -9.78
N LEU A 9 -0.61 -3.59 -10.13
CA LEU A 9 -0.26 -4.23 -11.39
C LEU A 9 0.68 -5.41 -11.15
N GLY A 10 0.17 -6.64 -11.32
CA GLY A 10 0.98 -7.81 -11.12
C GLY A 10 0.24 -8.91 -10.37
N GLY A 11 0.53 -9.04 -9.08
CA GLY A 11 -0.13 -10.06 -8.26
C GLY A 11 -0.72 -9.50 -6.98
N LEU A 12 -1.11 -8.22 -7.01
CA LEU A 12 -1.71 -7.58 -5.83
C LEU A 12 -3.21 -7.37 -6.03
N ASP A 13 -3.59 -6.88 -7.20
CA ASP A 13 -5.00 -6.65 -7.54
C ASP A 13 -5.81 -7.94 -7.45
N ALA A 14 -5.17 -9.07 -7.78
CA ALA A 14 -5.83 -10.37 -7.74
C ALA A 14 -6.23 -10.73 -6.30
N ILE A 15 -5.37 -10.38 -5.35
CA ILE A 15 -5.62 -10.66 -3.95
C ILE A 15 -6.73 -9.77 -3.40
N PHE A 16 -6.72 -8.48 -3.77
CA PHE A 16 -7.73 -7.54 -3.31
C PHE A 16 -9.12 -7.88 -3.87
N GLY A 17 -9.30 -7.65 -5.17
CA GLY A 17 -10.58 -7.94 -5.81
C GLY A 17 -10.61 -7.51 -7.26
N LYS A 18 -9.52 -7.79 -7.98
CA LYS A 18 -9.40 -7.44 -9.40
C LYS A 18 -9.66 -5.94 -9.64
N GLN A 19 -9.24 -5.11 -8.67
CA GLN A 19 -9.40 -3.66 -8.78
C GLN A 19 -8.05 -2.98 -8.97
N ARG A 20 -7.85 -2.41 -10.17
CA ARG A 20 -6.59 -1.72 -10.48
C ARG A 20 -6.36 -0.55 -9.53
N VAL A 21 -7.20 0.48 -9.65
CA VAL A 21 -7.10 1.67 -8.80
C VAL A 21 -7.93 1.51 -7.53
N HIS A 22 -7.26 1.52 -6.38
CA HIS A 22 -7.93 1.39 -5.09
C HIS A 22 -7.81 2.67 -4.27
N LYS A 23 -8.83 2.95 -3.44
CA LYS A 23 -8.84 4.14 -2.60
C LYS A 23 -8.83 3.77 -1.12
N ILE A 24 -8.03 4.49 -0.33
CA ILE A 24 -7.92 4.24 1.10
C ILE A 24 -7.99 5.55 1.90
N LYS A 25 -8.70 5.52 3.03
CA LYS A 25 -8.84 6.69 3.88
C LYS A 25 -8.67 6.32 5.36
N MET A 26 -7.73 6.98 6.03
CA MET A 26 -7.46 6.73 7.44
C MET A 26 -8.52 7.37 8.35
N ASP A 27 -8.96 8.57 7.97
CA ASP A 27 -9.97 9.30 8.75
C ASP A 27 -9.52 9.49 10.20
N LYS A 28 -8.24 9.85 10.38
CA LYS A 28 -7.68 10.07 11.71
C LYS A 28 -7.25 11.52 11.89
N GLU A 29 -6.14 11.88 11.26
CA GLU A 29 -5.59 13.24 11.34
C GLU A 29 -5.19 13.76 9.96
N ASP A 30 -4.59 14.94 9.92
CA ASP A 30 -4.16 15.54 8.66
C ASP A 30 -2.80 14.99 8.21
N PRO A 31 -1.74 15.17 9.04
CA PRO A 31 -0.39 14.68 8.72
C PRO A 31 -0.25 13.18 8.95
N VAL A 32 -1.09 12.38 8.29
CA VAL A 32 -1.05 10.94 8.43
C VAL A 32 0.15 10.36 7.67
N THR A 33 1.05 9.70 8.40
CA THR A 33 2.24 9.12 7.78
C THR A 33 1.85 7.98 6.84
N VAL A 34 2.63 7.81 5.77
CA VAL A 34 2.36 6.76 4.79
C VAL A 34 2.27 5.38 5.45
N GLY A 35 3.06 5.17 6.52
CA GLY A 35 3.03 3.91 7.23
C GLY A 35 1.64 3.59 7.77
N ASP A 36 0.85 4.65 8.01
CA ASP A 36 -0.51 4.47 8.52
C ASP A 36 -1.43 3.96 7.41
N LEU A 37 -1.28 4.52 6.21
CA LEU A 37 -2.08 4.11 5.05
C LEU A 37 -1.99 2.60 4.87
N ILE A 38 -0.76 2.09 4.78
CA ILE A 38 -0.53 0.66 4.61
C ILE A 38 -1.08 -0.13 5.80
N ASP A 39 -0.89 0.43 7.00
CA ASP A 39 -1.38 -0.21 8.22
C ASP A 39 -2.90 -0.33 8.20
N HIS A 40 -3.58 0.72 7.76
CA HIS A 40 -5.05 0.72 7.70
C HIS A 40 -5.55 -0.41 6.80
N ILE A 41 -4.89 -0.60 5.66
CA ILE A 41 -5.28 -1.64 4.71
C ILE A 41 -5.07 -3.03 5.32
N VAL A 42 -4.07 -3.16 6.18
CA VAL A 42 -3.77 -4.44 6.82
C VAL A 42 -4.38 -4.54 8.24
N SER A 43 -5.02 -3.46 8.70
CA SER A 43 -5.63 -3.44 10.03
C SER A 43 -7.10 -3.85 9.96
N THR A 44 -7.96 -2.94 9.48
CA THR A 44 -9.39 -3.21 9.38
C THR A 44 -9.77 -3.72 8.00
N MET A 45 -9.20 -3.08 6.96
CA MET A 45 -9.47 -3.47 5.58
C MET A 45 -9.17 -4.96 5.36
N ILE A 46 -8.11 -5.46 5.99
CA ILE A 46 -7.72 -6.87 5.86
C ILE A 46 -7.32 -7.45 7.22
N ASN A 47 -7.78 -8.67 7.50
CA ASN A 47 -7.46 -9.35 8.75
C ASN A 47 -7.65 -10.87 8.61
N ASN A 48 -7.29 -11.41 7.45
CA ASN A 48 -7.41 -12.84 7.20
C ASN A 48 -6.10 -13.42 6.70
N PRO A 49 -5.61 -14.51 7.33
CA PRO A 49 -4.34 -15.16 6.94
C PRO A 49 -4.43 -15.77 5.53
N ASN A 50 -4.34 -14.91 4.53
CA ASN A 50 -4.40 -15.34 3.13
C ASN A 50 -4.00 -14.20 2.19
N ASP A 51 -4.54 -13.01 2.44
CA ASP A 51 -4.24 -11.82 1.63
C ASP A 51 -3.15 -10.97 2.30
N VAL A 52 -3.12 -10.98 3.62
CA VAL A 52 -2.12 -10.20 4.36
C VAL A 52 -0.99 -11.09 4.88
N SER A 53 -1.34 -12.32 5.27
CA SER A 53 -0.35 -13.27 5.79
C SER A 53 0.83 -13.44 4.82
N ILE A 54 0.53 -13.42 3.52
CA ILE A 54 1.57 -13.58 2.50
C ILE A 54 2.09 -12.23 2.00
N PHE A 55 1.28 -11.17 2.16
CA PHE A 55 1.66 -9.83 1.72
C PHE A 55 2.65 -9.19 2.70
N ILE A 56 2.32 -9.24 3.99
CA ILE A 56 3.16 -8.68 5.04
C ILE A 56 3.87 -9.78 5.83
N GLU A 57 5.05 -9.48 6.34
CA GLU A 57 5.83 -10.44 7.13
C GLU A 57 5.98 -9.95 8.57
N ASP A 58 4.97 -10.26 9.39
CA ASP A 58 4.95 -9.84 10.79
C ASP A 58 5.06 -8.32 10.90
N ASP A 59 4.02 -7.64 10.43
CA ASP A 59 3.95 -6.17 10.44
C ASP A 59 4.82 -5.53 9.35
N SER A 60 6.03 -6.05 9.16
CA SER A 60 6.95 -5.53 8.15
C SER A 60 6.63 -6.10 6.77
N ILE A 61 6.52 -5.21 5.79
CA ILE A 61 6.20 -5.62 4.41
C ILE A 61 7.30 -6.53 3.84
N ARG A 62 6.91 -7.37 2.89
CA ARG A 62 7.86 -8.30 2.27
C ARG A 62 8.64 -7.61 1.15
N PRO A 63 9.96 -7.83 1.07
CA PRO A 63 10.82 -7.24 0.03
C PRO A 63 10.53 -7.83 -1.34
N GLY A 64 9.87 -7.03 -2.19
CA GLY A 64 9.55 -7.48 -3.53
C GLY A 64 8.52 -6.60 -4.21
N ILE A 65 7.58 -6.07 -3.43
CA ILE A 65 6.54 -5.19 -3.97
C ILE A 65 7.13 -3.88 -4.45
N ILE A 66 6.93 -3.59 -5.74
CA ILE A 66 7.44 -2.37 -6.34
C ILE A 66 6.41 -1.23 -6.23
N THR A 67 6.58 -0.38 -5.21
CA THR A 67 5.68 0.74 -5.00
C THR A 67 6.31 2.06 -5.43
N LEU A 68 5.54 2.89 -6.12
CA LEU A 68 6.02 4.18 -6.60
C LEU A 68 5.10 5.31 -6.15
N ILE A 69 5.65 6.24 -5.37
CA ILE A 69 4.90 7.39 -4.87
C ILE A 69 5.23 8.64 -5.68
N ASN A 70 4.27 9.09 -6.48
CA ASN A 70 4.45 10.27 -7.32
C ASN A 70 5.64 10.11 -8.27
N ASP A 71 5.69 8.96 -8.95
CA ASP A 71 6.77 8.66 -9.88
C ASP A 71 8.14 8.67 -9.19
N THR A 72 8.18 8.16 -7.95
CA THR A 72 9.42 8.12 -7.18
C THR A 72 9.46 6.86 -6.31
N ASP A 73 10.66 6.49 -5.85
CA ASP A 73 10.84 5.32 -5.01
C ASP A 73 10.47 5.63 -3.56
N TRP A 74 9.55 4.84 -3.00
CA TRP A 74 9.11 5.03 -1.62
C TRP A 74 10.30 4.99 -0.64
N GLU A 75 11.31 4.17 -0.95
CA GLU A 75 12.50 4.05 -0.10
C GLU A 75 13.46 5.21 -0.35
N LEU A 76 13.52 5.68 -1.59
CA LEU A 76 14.39 6.80 -1.96
C LEU A 76 13.91 8.12 -1.36
N GLU A 77 12.61 8.22 -1.07
CA GLU A 77 12.03 9.43 -0.50
C GLU A 77 11.76 9.25 0.99
N GLY A 78 10.94 8.26 1.34
CA GLY A 78 10.60 8.01 2.73
C GLY A 78 9.62 6.87 2.91
N GLU A 79 10.13 5.68 3.22
CA GLU A 79 9.29 4.49 3.41
C GLU A 79 8.08 4.79 4.30
N LYS A 80 8.36 5.29 5.52
CA LYS A 80 7.30 5.63 6.46
C LYS A 80 7.32 7.13 6.79
N ASP A 81 8.51 7.73 6.76
CA ASP A 81 8.68 9.16 7.04
C ASP A 81 8.30 10.01 5.83
N TYR A 82 7.07 9.83 5.35
CA TYR A 82 6.56 10.56 4.20
C TYR A 82 5.11 11.00 4.46
N ILE A 83 4.92 12.32 4.58
CA ILE A 83 3.60 12.87 4.84
C ILE A 83 2.64 12.55 3.69
N LEU A 84 1.48 11.97 4.02
CA LEU A 84 0.50 11.61 3.01
C LEU A 84 -0.06 12.86 2.32
N GLU A 85 -0.93 12.65 1.34
CA GLU A 85 -1.53 13.76 0.59
C GLU A 85 -2.76 13.27 -0.15
N ASP A 86 -3.94 13.54 0.41
CA ASP A 86 -5.20 13.13 -0.20
C ASP A 86 -5.25 13.52 -1.67
N GLY A 87 -5.17 12.51 -2.54
CA GLY A 87 -5.19 12.76 -3.97
C GLY A 87 -3.84 12.54 -4.62
N ASP A 88 -3.01 11.68 -4.01
CA ASP A 88 -1.67 11.39 -4.53
C ASP A 88 -1.67 10.09 -5.34
N ILE A 89 -0.53 9.77 -5.94
CA ILE A 89 -0.40 8.55 -6.73
C ILE A 89 0.61 7.58 -6.12
N ILE A 90 0.12 6.45 -5.62
CA ILE A 90 0.98 5.43 -5.01
C ILE A 90 0.74 4.07 -5.64
N SER A 91 1.59 3.70 -6.61
CA SER A 91 1.46 2.42 -7.29
C SER A 91 2.02 1.27 -6.47
N PHE A 92 1.57 0.05 -6.78
CA PHE A 92 2.03 -1.14 -6.06
C PHE A 92 2.11 -2.34 -7.01
N THR A 93 3.25 -2.46 -7.71
CA THR A 93 3.46 -3.56 -8.65
C THR A 93 4.14 -4.73 -7.95
N SER A 94 4.08 -5.92 -8.57
CA SER A 94 4.69 -7.11 -8.00
C SER A 94 5.15 -8.06 -9.10
N THR A 95 6.43 -7.94 -9.49
CA THR A 95 7.00 -8.79 -10.54
C THR A 95 7.98 -9.79 -9.94
N LEU A 96 7.65 -10.34 -8.78
CA LEU A 96 8.50 -11.32 -8.11
C LEU A 96 8.53 -12.64 -8.89
N HIS A 97 9.72 -13.06 -9.30
CA HIS A 97 9.88 -14.30 -10.06
C HIS A 97 9.77 -15.51 -9.14
N GLY A 98 8.53 -15.86 -8.78
CA GLY A 98 8.31 -17.00 -7.90
C GLY A 98 7.48 -18.09 -8.55
N GLY A 99 6.30 -18.34 -7.98
CA GLY A 99 5.41 -19.35 -8.53
C GLY A 99 4.59 -18.85 -9.70
N MET A 1 -10.41 10.96 6.81
CA MET A 1 -11.03 11.95 5.89
C MET A 1 -10.14 12.22 4.66
N VAL A 2 -9.39 11.19 4.22
CA VAL A 2 -8.51 11.33 3.06
C VAL A 2 -8.87 10.31 1.98
N ASN A 3 -8.77 10.74 0.72
CA ASN A 3 -9.10 9.87 -0.41
C ASN A 3 -7.84 9.55 -1.22
N VAL A 4 -7.19 8.44 -0.90
CA VAL A 4 -5.97 8.03 -1.61
C VAL A 4 -6.29 7.07 -2.75
N LYS A 5 -5.52 7.20 -3.84
CA LYS A 5 -5.71 6.35 -5.02
C LYS A 5 -4.47 5.49 -5.26
N VAL A 6 -4.51 4.24 -4.78
CA VAL A 6 -3.41 3.31 -4.95
C VAL A 6 -3.58 2.46 -6.21
N GLU A 7 -2.47 2.11 -6.85
CA GLU A 7 -2.50 1.31 -8.05
C GLU A 7 -1.80 -0.03 -7.84
N PHE A 8 -2.58 -1.08 -7.55
CA PHE A 8 -2.02 -2.41 -7.32
C PHE A 8 -1.88 -3.17 -8.63
N LEU A 9 -0.63 -3.52 -8.96
CA LEU A 9 -0.33 -4.24 -10.20
C LEU A 9 0.49 -5.51 -9.92
N GLY A 10 0.75 -6.27 -10.99
CA GLY A 10 1.53 -7.50 -10.85
C GLY A 10 0.70 -8.65 -10.33
N GLY A 11 1.00 -9.08 -9.11
CA GLY A 11 0.28 -10.18 -8.50
C GLY A 11 -0.51 -9.76 -7.26
N LEU A 12 -0.83 -8.46 -7.17
CA LEU A 12 -1.59 -7.93 -6.03
C LEU A 12 -3.06 -7.75 -6.38
N ASP A 13 -3.33 -7.21 -7.58
CA ASP A 13 -4.70 -6.99 -8.03
C ASP A 13 -5.50 -8.29 -8.05
N ALA A 14 -4.84 -9.40 -8.34
CA ALA A 14 -5.50 -10.70 -8.37
C ALA A 14 -5.96 -11.12 -6.97
N ILE A 15 -5.19 -10.74 -5.95
CA ILE A 15 -5.51 -11.06 -4.57
C ILE A 15 -6.58 -10.11 -4.01
N PHE A 16 -6.45 -8.82 -4.33
CA PHE A 16 -7.40 -7.81 -3.85
C PHE A 16 -8.82 -8.09 -4.37
N GLY A 17 -9.03 -7.82 -5.66
CA GLY A 17 -10.33 -8.04 -6.26
C GLY A 17 -10.35 -7.74 -7.75
N LYS A 18 -9.28 -8.16 -8.45
CA LYS A 18 -9.16 -7.94 -9.88
C LYS A 18 -9.33 -6.45 -10.24
N GLN A 19 -8.73 -5.58 -9.43
CA GLN A 19 -8.82 -4.13 -9.67
C GLN A 19 -7.42 -3.53 -9.81
N ARG A 20 -7.18 -2.90 -10.96
CA ARG A 20 -5.88 -2.27 -11.24
C ARG A 20 -5.57 -1.15 -10.24
N VAL A 21 -6.56 -0.30 -9.98
CA VAL A 21 -6.39 0.81 -9.04
C VAL A 21 -7.41 0.73 -7.91
N HIS A 22 -6.93 0.76 -6.67
CA HIS A 22 -7.80 0.68 -5.50
C HIS A 22 -7.69 1.94 -4.63
N LYS A 23 -8.85 2.44 -4.19
CA LYS A 23 -8.91 3.63 -3.35
C LYS A 23 -9.14 3.28 -1.89
N ILE A 24 -8.56 4.08 -0.99
CA ILE A 24 -8.70 3.86 0.46
C ILE A 24 -9.06 5.16 1.18
N LYS A 25 -9.85 5.03 2.25
CA LYS A 25 -10.27 6.19 3.05
C LYS A 25 -9.81 6.04 4.50
N MET A 26 -8.69 6.68 4.83
CA MET A 26 -8.16 6.62 6.20
C MET A 26 -8.60 7.84 7.01
N ASP A 27 -8.93 7.60 8.29
CA ASP A 27 -9.36 8.67 9.18
C ASP A 27 -8.74 8.51 10.57
N LYS A 28 -7.50 8.95 10.72
CA LYS A 28 -6.78 8.86 11.98
C LYS A 28 -6.36 10.23 12.49
N GLU A 29 -5.50 10.89 11.73
CA GLU A 29 -5.00 12.22 12.09
C GLU A 29 -4.73 13.06 10.84
N ASP A 30 -4.18 14.27 11.04
CA ASP A 30 -3.86 15.15 9.90
C ASP A 30 -2.48 14.82 9.33
N PRO A 31 -1.41 14.93 10.14
CA PRO A 31 -0.05 14.63 9.69
C PRO A 31 0.26 13.13 9.67
N VAL A 32 -0.55 12.38 8.93
CA VAL A 32 -0.38 10.92 8.83
C VAL A 32 0.71 10.55 7.83
N THR A 33 1.33 9.40 8.05
CA THR A 33 2.40 8.92 7.17
C THR A 33 1.90 7.81 6.24
N VAL A 34 2.68 7.54 5.18
CA VAL A 34 2.33 6.52 4.21
C VAL A 34 2.17 5.14 4.84
N GLY A 35 2.97 4.87 5.88
CA GLY A 35 2.89 3.59 6.57
C GLY A 35 1.51 3.35 7.15
N ASP A 36 0.81 4.44 7.48
CA ASP A 36 -0.54 4.34 8.05
C ASP A 36 -1.54 3.88 6.97
N LEU A 37 -1.39 4.43 5.76
CA LEU A 37 -2.26 4.08 4.64
C LEU A 37 -2.25 2.57 4.42
N ILE A 38 -1.04 2.00 4.31
CA ILE A 38 -0.89 0.56 4.10
C ILE A 38 -1.53 -0.21 5.26
N ASP A 39 -1.35 0.31 6.49
CA ASP A 39 -1.92 -0.32 7.67
C ASP A 39 -3.45 -0.42 7.56
N HIS A 40 -4.07 0.66 7.07
CA HIS A 40 -5.52 0.69 6.91
C HIS A 40 -6.00 -0.41 5.96
N ILE A 41 -5.30 -0.57 4.83
CA ILE A 41 -5.67 -1.59 3.84
C ILE A 41 -5.54 -3.00 4.42
N VAL A 42 -4.64 -3.18 5.40
CA VAL A 42 -4.44 -4.48 6.02
C VAL A 42 -5.15 -4.59 7.38
N SER A 43 -5.67 -3.47 7.88
CA SER A 43 -6.37 -3.46 9.16
C SER A 43 -7.77 -4.06 9.03
N THR A 44 -8.69 -3.28 8.45
CA THR A 44 -10.06 -3.74 8.26
C THR A 44 -10.30 -4.21 6.82
N MET A 45 -9.67 -3.54 5.86
CA MET A 45 -9.80 -3.89 4.45
C MET A 45 -9.43 -5.35 4.19
N ILE A 46 -8.22 -5.73 4.63
CA ILE A 46 -7.74 -7.10 4.43
C ILE A 46 -7.33 -7.72 5.77
N ASN A 47 -8.30 -8.33 6.45
CA ASN A 47 -8.03 -8.98 7.73
C ASN A 47 -7.98 -10.50 7.57
N ASN A 48 -7.16 -10.97 6.63
CA ASN A 48 -7.02 -12.40 6.37
C ASN A 48 -5.57 -12.73 6.02
N PRO A 49 -4.90 -13.55 6.86
CA PRO A 49 -3.51 -13.94 6.64
C PRO A 49 -3.27 -14.49 5.23
N ASN A 50 -4.30 -15.11 4.65
CA ASN A 50 -4.20 -15.67 3.31
C ASN A 50 -3.77 -14.61 2.28
N ASP A 51 -4.44 -13.45 2.32
CA ASP A 51 -4.15 -12.36 1.39
C ASP A 51 -3.48 -11.18 2.10
N VAL A 52 -2.71 -11.46 3.15
CA VAL A 52 -2.01 -10.41 3.90
C VAL A 52 -0.70 -10.93 4.50
N SER A 53 -0.76 -12.07 5.19
CA SER A 53 0.42 -12.65 5.82
C SER A 53 1.54 -12.89 4.78
N ILE A 54 1.15 -13.10 3.52
CA ILE A 54 2.12 -13.33 2.46
C ILE A 54 2.65 -12.00 1.91
N PHE A 55 1.77 -10.98 1.89
CA PHE A 55 2.15 -9.66 1.41
C PHE A 55 3.03 -8.92 2.42
N ILE A 56 2.65 -8.99 3.70
CA ILE A 56 3.41 -8.34 4.76
C ILE A 56 4.08 -9.35 5.69
N GLU A 57 5.24 -8.97 6.23
CA GLU A 57 6.00 -9.83 7.13
C GLU A 57 5.91 -9.33 8.58
N ASP A 58 6.88 -9.71 9.42
CA ASP A 58 6.89 -9.30 10.82
C ASP A 58 7.02 -7.78 10.96
N ASP A 59 5.88 -7.10 11.05
CA ASP A 59 5.84 -5.65 11.18
C ASP A 59 6.64 -4.94 10.07
N SER A 60 6.60 -5.50 8.86
CA SER A 60 7.33 -4.94 7.72
C SER A 60 6.93 -5.66 6.42
N ILE A 61 6.79 -4.90 5.33
CA ILE A 61 6.40 -5.49 4.04
C ILE A 61 7.40 -6.56 3.60
N ARG A 62 6.92 -7.54 2.84
CA ARG A 62 7.75 -8.64 2.35
C ARG A 62 8.85 -8.09 1.42
N PRO A 63 10.13 -8.31 1.78
CA PRO A 63 11.27 -7.84 0.97
C PRO A 63 11.19 -8.33 -0.48
N GLY A 64 10.76 -7.43 -1.37
CA GLY A 64 10.64 -7.78 -2.77
C GLY A 64 9.61 -6.95 -3.49
N ILE A 65 8.46 -6.72 -2.85
CA ILE A 65 7.38 -5.93 -3.45
C ILE A 65 7.86 -4.52 -3.76
N ILE A 66 7.40 -4.00 -4.90
CA ILE A 66 7.78 -2.66 -5.35
C ILE A 66 6.61 -1.69 -5.22
N THR A 67 6.89 -0.47 -4.74
CA THR A 67 5.87 0.55 -4.56
C THR A 67 6.37 1.91 -5.03
N LEU A 68 5.63 2.55 -5.93
CA LEU A 68 5.99 3.86 -6.45
C LEU A 68 5.07 4.95 -5.92
N ILE A 69 5.62 5.81 -5.07
CA ILE A 69 4.85 6.91 -4.48
C ILE A 69 5.07 8.20 -5.28
N ASN A 70 4.01 8.66 -5.95
CA ASN A 70 4.08 9.88 -6.77
C ASN A 70 5.15 9.75 -7.85
N ASP A 71 5.14 8.62 -8.56
CA ASP A 71 6.12 8.36 -9.62
C ASP A 71 7.55 8.43 -9.09
N THR A 72 7.74 8.01 -7.84
CA THR A 72 9.05 8.02 -7.20
C THR A 72 9.24 6.76 -6.34
N ASP A 73 10.49 6.45 -6.02
CA ASP A 73 10.81 5.28 -5.22
C ASP A 73 10.57 5.54 -3.73
N TRP A 74 10.24 4.47 -3.00
CA TRP A 74 9.97 4.56 -1.56
C TRP A 74 11.22 5.02 -0.80
N GLU A 75 12.38 4.47 -1.17
CA GLU A 75 13.64 4.83 -0.51
C GLU A 75 14.25 6.10 -1.10
N LEU A 76 13.69 6.58 -2.21
CA LEU A 76 14.17 7.80 -2.87
C LEU A 76 14.03 9.02 -1.96
N GLU A 77 12.95 9.06 -1.17
CA GLU A 77 12.70 10.18 -0.27
C GLU A 77 12.55 9.71 1.18
N GLY A 78 13.21 8.60 1.52
CA GLY A 78 13.13 8.07 2.87
C GLY A 78 12.59 6.65 2.90
N GLU A 79 11.33 6.50 3.28
CA GLU A 79 10.66 5.20 3.36
C GLU A 79 9.22 5.36 3.82
N LYS A 80 9.03 5.50 5.13
CA LYS A 80 7.69 5.68 5.71
C LYS A 80 7.46 7.13 6.14
N ASP A 81 8.54 7.87 6.42
CA ASP A 81 8.46 9.26 6.84
C ASP A 81 7.63 10.10 5.86
N TYR A 82 7.56 9.66 4.60
CA TYR A 82 6.78 10.36 3.58
C TYR A 82 5.41 10.76 4.12
N ILE A 83 5.22 12.05 4.36
CA ILE A 83 3.96 12.56 4.90
C ILE A 83 2.84 12.43 3.87
N LEU A 84 1.66 12.02 4.33
CA LEU A 84 0.51 11.86 3.46
C LEU A 84 0.05 13.21 2.91
N GLU A 85 -0.92 13.17 2.00
CA GLU A 85 -1.46 14.39 1.40
C GLU A 85 -2.69 14.08 0.57
N ASP A 86 -3.86 14.42 1.12
CA ASP A 86 -5.14 14.17 0.44
C ASP A 86 -5.05 14.51 -1.03
N GLY A 87 -5.07 13.48 -1.88
CA GLY A 87 -4.98 13.66 -3.31
C GLY A 87 -3.67 13.15 -3.89
N ASP A 88 -3.06 12.17 -3.23
CA ASP A 88 -1.80 11.60 -3.68
C ASP A 88 -2.04 10.34 -4.52
N ILE A 89 -0.99 9.89 -5.23
CA ILE A 89 -1.08 8.70 -6.06
C ILE A 89 0.03 7.70 -5.70
N ILE A 90 -0.37 6.53 -5.23
CA ILE A 90 0.58 5.48 -4.83
C ILE A 90 0.42 4.25 -5.72
N SER A 91 1.51 3.50 -5.92
CA SER A 91 1.49 2.31 -6.75
C SER A 91 2.12 1.12 -6.03
N PHE A 92 1.54 -0.07 -6.23
CA PHE A 92 2.05 -1.30 -5.61
C PHE A 92 2.19 -2.40 -6.66
N THR A 93 3.39 -2.55 -7.20
CA THR A 93 3.67 -3.56 -8.21
C THR A 93 4.35 -4.78 -7.59
N SER A 94 4.24 -5.93 -8.26
CA SER A 94 4.85 -7.16 -7.78
C SER A 94 5.14 -8.12 -8.93
N THR A 95 6.23 -7.87 -9.65
CA THR A 95 6.62 -8.73 -10.78
C THR A 95 7.07 -10.10 -10.30
N LEU A 96 7.74 -10.13 -9.14
CA LEU A 96 8.23 -11.38 -8.57
C LEU A 96 7.09 -12.35 -8.25
N HIS A 97 5.88 -11.81 -8.03
CA HIS A 97 4.70 -12.62 -7.73
C HIS A 97 4.73 -13.13 -6.29
N GLY A 98 3.68 -12.79 -5.52
CA GLY A 98 3.60 -13.21 -4.14
C GLY A 98 3.54 -14.72 -3.98
N GLY A 99 2.53 -15.35 -4.59
CA GLY A 99 2.38 -16.78 -4.50
C GLY A 99 2.08 -17.42 -5.85
N MET A 1 -9.34 12.49 7.21
CA MET A 1 -10.07 12.60 5.91
C MET A 1 -9.09 12.69 4.73
N VAL A 2 -8.84 11.56 4.08
CA VAL A 2 -7.93 11.51 2.93
C VAL A 2 -8.49 10.62 1.82
N ASN A 3 -7.87 10.68 0.64
CA ASN A 3 -8.29 9.87 -0.50
C ASN A 3 -7.15 9.69 -1.50
N VAL A 4 -6.42 8.59 -1.36
CA VAL A 4 -5.30 8.29 -2.25
C VAL A 4 -5.66 7.20 -3.26
N LYS A 5 -5.29 7.42 -4.52
CA LYS A 5 -5.56 6.46 -5.58
C LYS A 5 -4.43 5.44 -5.71
N VAL A 6 -4.74 4.18 -5.43
CA VAL A 6 -3.74 3.11 -5.51
C VAL A 6 -4.03 2.17 -6.68
N GLU A 7 -2.96 1.62 -7.26
CA GLU A 7 -3.10 0.70 -8.38
C GLU A 7 -2.52 -0.68 -8.02
N PHE A 8 -3.39 -1.60 -7.66
CA PHE A 8 -2.98 -2.96 -7.29
C PHE A 8 -2.82 -3.84 -8.52
N LEU A 9 -1.70 -4.58 -8.57
CA LEU A 9 -1.41 -5.47 -9.69
C LEU A 9 -0.78 -6.78 -9.21
N GLY A 10 -0.99 -7.84 -9.99
CA GLY A 10 -0.45 -9.14 -9.64
C GLY A 10 -1.43 -9.99 -8.85
N GLY A 11 -1.24 -10.05 -7.54
CA GLY A 11 -2.11 -10.83 -6.68
C GLY A 11 -3.04 -9.97 -5.83
N LEU A 12 -2.59 -8.76 -5.48
CA LEU A 12 -3.38 -7.84 -4.66
C LEU A 12 -4.75 -7.56 -5.27
N ASP A 13 -4.80 -7.41 -6.60
CA ASP A 13 -6.06 -7.14 -7.29
C ASP A 13 -7.00 -8.34 -7.20
N ALA A 14 -6.43 -9.55 -7.19
CA ALA A 14 -7.23 -10.77 -7.09
C ALA A 14 -7.91 -10.88 -5.72
N ILE A 15 -7.20 -10.46 -4.68
CA ILE A 15 -7.71 -10.50 -3.33
C ILE A 15 -8.64 -9.31 -3.02
N PHE A 16 -8.33 -8.16 -3.61
CA PHE A 16 -9.14 -6.96 -3.40
C PHE A 16 -10.53 -7.11 -4.01
N GLY A 17 -10.60 -7.06 -5.34
CA GLY A 17 -11.87 -7.20 -6.03
C GLY A 17 -11.73 -7.16 -7.55
N LYS A 18 -10.71 -7.85 -8.05
CA LYS A 18 -10.44 -7.91 -9.48
C LYS A 18 -10.36 -6.52 -10.11
N GLN A 19 -9.83 -5.55 -9.35
CA GLN A 19 -9.68 -4.18 -9.84
C GLN A 19 -8.23 -3.74 -9.81
N ARG A 20 -7.71 -3.31 -10.96
CA ARG A 20 -6.32 -2.86 -11.07
C ARG A 20 -6.08 -1.58 -10.26
N VAL A 21 -7.14 -0.79 -10.07
CA VAL A 21 -7.02 0.47 -9.31
C VAL A 21 -8.15 0.58 -8.28
N HIS A 22 -7.80 0.98 -7.06
CA HIS A 22 -8.77 1.13 -5.98
C HIS A 22 -8.39 2.29 -5.06
N LYS A 23 -9.42 3.02 -4.59
CA LYS A 23 -9.19 4.16 -3.70
C LYS A 23 -9.10 3.70 -2.24
N ILE A 24 -8.21 4.34 -1.47
CA ILE A 24 -8.02 3.99 -0.06
C ILE A 24 -8.21 5.22 0.83
N LYS A 25 -8.85 5.02 1.97
CA LYS A 25 -9.10 6.10 2.93
C LYS A 25 -8.93 5.62 4.37
N MET A 26 -7.94 6.17 5.06
CA MET A 26 -7.67 5.81 6.45
C MET A 26 -8.47 6.67 7.42
N ASP A 27 -8.53 7.98 7.13
CA ASP A 27 -9.26 8.94 7.96
C ASP A 27 -8.71 8.96 9.39
N LYS A 28 -7.68 9.79 9.58
CA LYS A 28 -7.05 9.91 10.90
C LYS A 28 -6.61 11.36 11.16
N GLU A 29 -5.64 11.83 10.39
CA GLU A 29 -5.13 13.19 10.52
C GLU A 29 -4.36 13.62 9.27
N ASP A 30 -3.66 14.75 9.36
CA ASP A 30 -2.88 15.27 8.24
C ASP A 30 -1.47 14.65 8.22
N PRO A 31 -0.72 14.75 9.34
CA PRO A 31 0.64 14.21 9.43
C PRO A 31 0.66 12.68 9.55
N VAL A 32 0.03 12.01 8.59
CA VAL A 32 -0.01 10.55 8.57
C VAL A 32 1.08 9.98 7.68
N THR A 33 1.92 9.10 8.23
CA THR A 33 3.00 8.49 7.48
C THR A 33 2.49 7.37 6.58
N VAL A 34 3.21 7.11 5.49
CA VAL A 34 2.83 6.06 4.55
C VAL A 34 2.70 4.69 5.23
N GLY A 35 3.53 4.46 6.25
CA GLY A 35 3.46 3.20 6.99
C GLY A 35 2.06 2.96 7.55
N ASP A 36 1.34 4.04 7.81
CA ASP A 36 -0.02 3.96 8.34
C ASP A 36 -0.98 3.47 7.27
N LEU A 37 -0.81 3.97 6.05
CA LEU A 37 -1.65 3.57 4.92
C LEU A 37 -1.64 2.06 4.76
N ILE A 38 -0.44 1.47 4.68
CA ILE A 38 -0.30 0.03 4.54
C ILE A 38 -0.93 -0.67 5.74
N ASP A 39 -0.71 -0.11 6.93
CA ASP A 39 -1.27 -0.67 8.17
C ASP A 39 -2.78 -0.68 8.13
N HIS A 40 -3.37 0.40 7.58
CA HIS A 40 -4.82 0.52 7.50
C HIS A 40 -5.43 -0.64 6.70
N ILE A 41 -4.82 -0.93 5.54
CA ILE A 41 -5.29 -2.01 4.68
C ILE A 41 -5.18 -3.37 5.38
N VAL A 42 -4.20 -3.49 6.27
CA VAL A 42 -3.98 -4.75 6.99
C VAL A 42 -4.61 -4.73 8.38
N SER A 43 -5.18 -3.59 8.79
CA SER A 43 -5.81 -3.46 10.09
C SER A 43 -7.33 -3.61 10.02
N THR A 44 -8.01 -2.57 9.51
CA THR A 44 -9.46 -2.58 9.41
C THR A 44 -9.92 -3.22 8.09
N MET A 45 -9.27 -2.85 6.99
CA MET A 45 -9.61 -3.37 5.68
C MET A 45 -9.57 -4.90 5.66
N ILE A 46 -8.45 -5.47 6.13
CA ILE A 46 -8.29 -6.91 6.18
C ILE A 46 -8.02 -7.39 7.61
N ASN A 47 -8.43 -8.63 7.90
CA ASN A 47 -8.22 -9.20 9.24
C ASN A 47 -8.33 -10.73 9.21
N ASN A 48 -7.40 -11.39 8.52
CA ASN A 48 -7.41 -12.85 8.43
C ASN A 48 -6.12 -13.37 7.77
N PRO A 49 -5.55 -14.48 8.31
CA PRO A 49 -4.33 -15.09 7.78
C PRO A 49 -4.57 -15.83 6.46
N ASN A 50 -4.74 -15.08 5.37
CA ASN A 50 -4.97 -15.65 4.05
C ASN A 50 -4.78 -14.59 2.97
N ASP A 51 -5.30 -13.39 3.24
CA ASP A 51 -5.19 -12.27 2.30
C ASP A 51 -4.08 -11.30 2.73
N VAL A 52 -3.94 -11.11 4.05
CA VAL A 52 -2.92 -10.22 4.59
C VAL A 52 -1.57 -10.91 4.68
N SER A 53 -1.58 -12.21 4.98
CA SER A 53 -0.35 -13.00 5.12
C SER A 53 0.56 -12.82 3.90
N ILE A 54 -0.03 -12.61 2.73
CA ILE A 54 0.75 -12.42 1.50
C ILE A 54 1.28 -10.99 1.41
N PHE A 55 0.41 -10.02 1.67
CA PHE A 55 0.78 -8.61 1.61
C PHE A 55 1.79 -8.25 2.70
N ILE A 56 1.51 -8.68 3.95
CA ILE A 56 2.39 -8.40 5.08
C ILE A 56 2.69 -9.68 5.86
N GLU A 57 3.93 -9.77 6.36
CA GLU A 57 4.35 -10.94 7.14
C GLU A 57 5.17 -10.52 8.36
N ASP A 58 4.77 -11.00 9.53
CA ASP A 58 5.47 -10.67 10.78
C ASP A 58 5.46 -9.15 11.01
N ASP A 59 4.29 -8.53 10.80
CA ASP A 59 4.14 -7.09 10.97
C ASP A 59 5.18 -6.31 10.13
N SER A 60 5.54 -6.87 8.97
CA SER A 60 6.51 -6.22 8.09
C SER A 60 6.24 -6.58 6.63
N ILE A 61 6.50 -5.62 5.73
CA ILE A 61 6.27 -5.83 4.30
C ILE A 61 7.18 -6.94 3.75
N ARG A 62 6.71 -7.60 2.70
CA ARG A 62 7.47 -8.68 2.07
C ARG A 62 8.34 -8.15 0.93
N PRO A 63 9.61 -8.64 0.84
CA PRO A 63 10.53 -8.22 -0.22
C PRO A 63 10.07 -8.67 -1.60
N GLY A 64 9.45 -7.75 -2.34
CA GLY A 64 8.97 -8.07 -3.67
C GLY A 64 7.90 -7.10 -4.15
N ILE A 65 7.07 -6.63 -3.23
CA ILE A 65 6.01 -5.67 -3.56
C ILE A 65 6.59 -4.34 -4.01
N ILE A 66 6.05 -3.81 -5.11
CA ILE A 66 6.50 -2.53 -5.65
C ILE A 66 5.55 -1.40 -5.27
N THR A 67 6.07 -0.42 -4.54
CA THR A 67 5.26 0.72 -4.11
C THR A 67 5.86 2.04 -4.62
N LEU A 68 5.40 2.48 -5.79
CA LEU A 68 5.88 3.71 -6.39
C LEU A 68 4.89 4.86 -6.18
N ILE A 69 5.37 5.94 -5.54
CA ILE A 69 4.53 7.10 -5.27
C ILE A 69 4.80 8.21 -6.28
N ASN A 70 3.85 8.43 -7.20
CA ASN A 70 3.97 9.47 -8.22
C ASN A 70 5.21 9.23 -9.09
N ASP A 71 5.32 8.01 -9.64
CA ASP A 71 6.46 7.65 -10.48
C ASP A 71 7.78 7.81 -9.73
N THR A 72 7.75 7.63 -8.42
CA THR A 72 8.94 7.75 -7.59
C THR A 72 9.04 6.58 -6.63
N ASP A 73 10.21 6.40 -6.03
CA ASP A 73 10.43 5.30 -5.10
C ASP A 73 9.86 5.63 -3.72
N TRP A 74 9.98 4.67 -2.80
CA TRP A 74 9.47 4.85 -1.43
C TRP A 74 10.63 5.12 -0.47
N GLU A 75 11.75 4.42 -0.67
CA GLU A 75 12.92 4.59 0.18
C GLU A 75 13.79 5.76 -0.28
N LEU A 76 13.74 6.09 -1.57
CA LEU A 76 14.53 7.19 -2.12
C LEU A 76 14.27 8.50 -1.37
N GLU A 77 13.06 8.66 -0.83
CA GLU A 77 12.70 9.86 -0.09
C GLU A 77 12.41 9.54 1.37
N GLY A 78 11.37 8.73 1.60
CA GLY A 78 11.02 8.36 2.96
C GLY A 78 10.22 7.07 3.03
N GLU A 79 10.89 6.00 3.45
CA GLU A 79 10.24 4.69 3.55
C GLU A 79 8.93 4.79 4.32
N LYS A 80 8.99 5.28 5.55
CA LYS A 80 7.81 5.44 6.38
C LYS A 80 7.56 6.91 6.72
N ASP A 81 8.64 7.62 7.08
CA ASP A 81 8.57 9.05 7.43
C ASP A 81 7.81 9.86 6.37
N TYR A 82 7.82 9.39 5.13
CA TYR A 82 7.12 10.07 4.03
C TYR A 82 5.69 10.42 4.44
N ILE A 83 5.43 11.71 4.63
CA ILE A 83 4.11 12.17 5.04
C ILE A 83 3.09 11.99 3.91
N LEU A 84 1.93 11.45 4.25
CA LEU A 84 0.87 11.22 3.27
C LEU A 84 0.29 12.55 2.77
N GLU A 85 -0.57 12.48 1.76
CA GLU A 85 -1.19 13.67 1.18
C GLU A 85 -2.30 13.27 0.23
N ASP A 86 -3.55 13.40 0.69
CA ASP A 86 -4.71 13.06 -0.14
C ASP A 86 -4.61 13.70 -1.52
N GLY A 87 -4.49 12.85 -2.53
CA GLY A 87 -4.37 13.33 -3.89
C GLY A 87 -3.17 12.74 -4.63
N ASP A 88 -2.29 12.05 -3.90
CA ASP A 88 -1.11 11.45 -4.49
C ASP A 88 -1.45 10.12 -5.19
N ILE A 89 -0.60 9.73 -6.14
CA ILE A 89 -0.81 8.49 -6.89
C ILE A 89 0.20 7.44 -6.46
N ILE A 90 -0.30 6.26 -6.07
CA ILE A 90 0.56 5.16 -5.64
C ILE A 90 0.25 3.89 -6.42
N SER A 91 1.30 3.13 -6.74
CA SER A 91 1.15 1.88 -7.48
C SER A 91 1.61 0.69 -6.64
N PHE A 92 0.89 -0.42 -6.76
CA PHE A 92 1.21 -1.65 -6.02
C PHE A 92 1.34 -2.83 -6.97
N THR A 93 2.57 -3.07 -7.44
CA THR A 93 2.84 -4.18 -8.35
C THR A 93 3.60 -5.30 -7.65
N SER A 94 2.87 -6.30 -7.14
CA SER A 94 3.50 -7.43 -6.45
C SER A 94 3.89 -8.52 -7.45
N THR A 95 5.10 -8.43 -7.97
CA THR A 95 5.60 -9.40 -8.93
C THR A 95 6.80 -10.17 -8.36
N LEU A 96 7.99 -9.58 -8.46
CA LEU A 96 9.21 -10.20 -7.94
C LEU A 96 10.44 -9.34 -8.27
N HIS A 97 10.57 -8.96 -9.54
CA HIS A 97 11.69 -8.13 -10.01
C HIS A 97 12.99 -8.95 -10.06
N GLY A 98 13.51 -9.32 -8.88
CA GLY A 98 14.73 -10.11 -8.82
C GLY A 98 15.97 -9.33 -9.22
N GLY A 99 16.26 -9.30 -10.51
CA GLY A 99 17.42 -8.59 -11.01
C GLY A 99 17.30 -7.08 -10.85
N MET A 1 -10.18 12.21 5.40
CA MET A 1 -9.13 13.23 5.62
C MET A 1 -8.14 13.28 4.44
N VAL A 2 -7.55 12.14 4.12
CA VAL A 2 -6.59 12.04 3.02
C VAL A 2 -6.99 10.94 2.04
N ASN A 3 -7.44 11.34 0.84
CA ASN A 3 -7.85 10.39 -0.19
C ASN A 3 -6.65 9.99 -1.05
N VAL A 4 -6.32 8.69 -1.02
CA VAL A 4 -5.20 8.16 -1.79
C VAL A 4 -5.69 7.18 -2.86
N LYS A 5 -5.08 7.27 -4.05
CA LYS A 5 -5.44 6.38 -5.16
C LYS A 5 -4.35 5.34 -5.39
N VAL A 6 -4.62 4.09 -4.99
CA VAL A 6 -3.67 3.01 -5.15
C VAL A 6 -3.99 2.17 -6.39
N GLU A 7 -2.95 1.65 -7.03
CA GLU A 7 -3.11 0.83 -8.23
C GLU A 7 -2.40 -0.51 -8.07
N PHE A 8 -3.15 -1.54 -7.70
CA PHE A 8 -2.59 -2.88 -7.51
C PHE A 8 -2.47 -3.62 -8.84
N LEU A 9 -1.39 -4.40 -8.98
CA LEU A 9 -1.14 -5.16 -10.20
C LEU A 9 -0.43 -6.48 -9.88
N GLY A 10 -0.30 -7.33 -10.91
CA GLY A 10 0.35 -8.61 -10.73
C GLY A 10 -0.58 -9.64 -10.09
N GLY A 11 -0.30 -9.96 -8.83
CA GLY A 11 -1.12 -10.93 -8.10
C GLY A 11 -1.82 -10.35 -6.88
N LEU A 12 -1.53 -9.09 -6.54
CA LEU A 12 -2.16 -8.44 -5.40
C LEU A 12 -3.66 -8.25 -5.61
N ASP A 13 -4.03 -7.79 -6.80
CA ASP A 13 -5.44 -7.57 -7.14
C ASP A 13 -6.24 -8.88 -7.07
N ALA A 14 -5.57 -10.00 -7.34
CA ALA A 14 -6.22 -11.31 -7.29
C ALA A 14 -6.65 -11.67 -5.87
N ILE A 15 -5.80 -11.32 -4.90
CA ILE A 15 -6.09 -11.60 -3.49
C ILE A 15 -7.23 -10.71 -2.98
N PHE A 16 -7.23 -9.46 -3.39
CA PHE A 16 -8.25 -8.50 -2.97
C PHE A 16 -9.62 -8.89 -3.52
N GLY A 17 -9.78 -8.73 -4.84
CA GLY A 17 -11.04 -9.06 -5.49
C GLY A 17 -11.08 -8.61 -6.94
N LYS A 18 -10.02 -8.94 -7.68
CA LYS A 18 -9.89 -8.58 -9.09
C LYS A 18 -10.01 -7.06 -9.29
N GLN A 19 -9.53 -6.29 -8.33
CA GLN A 19 -9.57 -4.84 -8.39
C GLN A 19 -8.20 -4.26 -8.75
N ARG A 20 -8.10 -3.72 -9.96
CA ARG A 20 -6.84 -3.14 -10.43
C ARG A 20 -6.48 -1.88 -9.62
N VAL A 21 -7.35 -0.86 -9.69
CA VAL A 21 -7.12 0.38 -8.96
C VAL A 21 -8.15 0.57 -7.85
N HIS A 22 -7.72 1.14 -6.73
CA HIS A 22 -8.60 1.39 -5.59
C HIS A 22 -8.30 2.73 -4.94
N LYS A 23 -9.06 3.07 -3.89
CA LYS A 23 -8.88 4.33 -3.17
C LYS A 23 -9.20 4.18 -1.69
N ILE A 24 -8.41 4.85 -0.85
CA ILE A 24 -8.61 4.79 0.60
C ILE A 24 -8.52 6.18 1.23
N LYS A 25 -9.31 6.40 2.29
CA LYS A 25 -9.32 7.67 3.00
C LYS A 25 -9.19 7.45 4.51
N MET A 26 -7.96 7.31 4.98
CA MET A 26 -7.69 7.10 6.40
C MET A 26 -8.15 8.29 7.24
N ASP A 27 -8.96 8.01 8.25
CA ASP A 27 -9.48 9.06 9.13
C ASP A 27 -8.79 9.02 10.49
N LYS A 28 -7.72 9.80 10.63
CA LYS A 28 -6.97 9.87 11.89
C LYS A 28 -6.46 11.28 12.13
N GLU A 29 -5.55 11.73 11.27
CA GLU A 29 -4.97 13.07 11.39
C GLU A 29 -4.46 13.58 10.03
N ASP A 30 -3.87 14.77 10.03
CA ASP A 30 -3.34 15.36 8.80
C ASP A 30 -1.92 14.84 8.53
N PRO A 31 -0.97 15.07 9.46
CA PRO A 31 0.42 14.61 9.28
C PRO A 31 0.58 13.11 9.55
N VAL A 32 -0.14 12.30 8.79
CA VAL A 32 -0.09 10.86 8.93
C VAL A 32 0.94 10.25 7.98
N THR A 33 1.78 9.35 8.52
CA THR A 33 2.81 8.70 7.71
C THR A 33 2.21 7.63 6.81
N VAL A 34 2.88 7.37 5.68
CA VAL A 34 2.41 6.37 4.72
C VAL A 34 2.22 4.99 5.37
N GLY A 35 3.05 4.70 6.38
CA GLY A 35 2.95 3.43 7.08
C GLY A 35 1.56 3.22 7.67
N ASP A 36 0.87 4.33 7.97
CA ASP A 36 -0.48 4.27 8.53
C ASP A 36 -1.46 3.74 7.49
N LEU A 37 -1.38 4.27 6.27
CA LEU A 37 -2.25 3.85 5.17
C LEU A 37 -2.17 2.32 4.99
N ILE A 38 -0.94 1.81 4.98
CA ILE A 38 -0.72 0.36 4.84
C ILE A 38 -1.44 -0.40 5.95
N ASP A 39 -1.37 0.15 7.18
CA ASP A 39 -2.00 -0.46 8.34
C ASP A 39 -3.52 -0.56 8.12
N HIS A 40 -4.10 0.46 7.50
CA HIS A 40 -5.53 0.48 7.22
C HIS A 40 -5.94 -0.68 6.30
N ILE A 41 -5.10 -0.94 5.30
CA ILE A 41 -5.35 -2.03 4.35
C ILE A 41 -5.29 -3.39 5.05
N VAL A 42 -4.46 -3.49 6.07
CA VAL A 42 -4.30 -4.74 6.82
C VAL A 42 -5.15 -4.75 8.10
N SER A 43 -5.85 -3.65 8.39
CA SER A 43 -6.67 -3.55 9.59
C SER A 43 -8.15 -3.79 9.28
N THR A 44 -8.80 -2.80 8.68
CA THR A 44 -10.22 -2.91 8.34
C THR A 44 -10.41 -3.54 6.97
N MET A 45 -9.68 -3.05 5.98
CA MET A 45 -9.77 -3.58 4.61
C MET A 45 -9.59 -5.10 4.59
N ILE A 46 -8.53 -5.58 5.25
CA ILE A 46 -8.24 -7.01 5.30
C ILE A 46 -8.08 -7.48 6.74
N ASN A 47 -8.68 -8.63 7.06
CA ASN A 47 -8.59 -9.18 8.42
C ASN A 47 -8.74 -10.71 8.40
N ASN A 48 -8.06 -11.36 7.45
CA ASN A 48 -8.13 -12.81 7.32
C ASN A 48 -6.72 -13.41 7.22
N PRO A 49 -6.42 -14.44 8.04
CA PRO A 49 -5.11 -15.11 8.03
C PRO A 49 -4.87 -15.90 6.75
N ASN A 50 -4.62 -15.18 5.66
CA ASN A 50 -4.37 -15.81 4.36
C ASN A 50 -3.91 -14.77 3.35
N ASP A 51 -4.68 -13.69 3.21
CA ASP A 51 -4.34 -12.62 2.28
C ASP A 51 -3.37 -11.63 2.93
N VAL A 52 -3.52 -11.40 4.22
CA VAL A 52 -2.64 -10.49 4.94
C VAL A 52 -1.43 -11.22 5.50
N SER A 53 -1.62 -12.47 5.94
CA SER A 53 -0.53 -13.28 6.48
C SER A 53 0.60 -13.44 5.47
N ILE A 54 0.25 -13.62 4.19
CA ILE A 54 1.25 -13.79 3.14
C ILE A 54 1.76 -12.43 2.63
N PHE A 55 0.87 -11.45 2.56
CA PHE A 55 1.22 -10.11 2.09
C PHE A 55 2.13 -9.40 3.10
N ILE A 56 1.70 -9.37 4.36
CA ILE A 56 2.47 -8.72 5.43
C ILE A 56 3.02 -9.76 6.41
N GLU A 57 4.34 -9.72 6.62
CA GLU A 57 4.99 -10.65 7.54
C GLU A 57 5.60 -9.89 8.73
N ASP A 58 5.17 -10.29 9.94
CA ASP A 58 5.65 -9.65 11.17
C ASP A 58 5.38 -8.15 11.14
N ASP A 59 4.16 -7.78 10.74
CA ASP A 59 3.75 -6.38 10.66
C ASP A 59 4.69 -5.57 9.74
N SER A 60 5.23 -6.23 8.71
CA SER A 60 6.13 -5.58 7.77
C SER A 60 5.91 -6.12 6.36
N ILE A 61 6.13 -5.25 5.37
CA ILE A 61 5.95 -5.63 3.95
C ILE A 61 6.90 -6.75 3.57
N ARG A 62 6.49 -7.55 2.58
CA ARG A 62 7.30 -8.67 2.10
C ARG A 62 8.17 -8.25 0.91
N PRO A 63 9.36 -8.86 0.77
CA PRO A 63 10.27 -8.55 -0.34
C PRO A 63 9.74 -9.01 -1.69
N GLY A 64 9.61 -8.06 -2.62
CA GLY A 64 9.11 -8.38 -3.95
C GLY A 64 8.01 -7.44 -4.40
N ILE A 65 7.05 -7.17 -3.52
CA ILE A 65 5.93 -6.29 -3.84
C ILE A 65 6.43 -4.85 -4.08
N ILE A 66 6.22 -4.36 -5.29
CA ILE A 66 6.64 -3.02 -5.67
C ILE A 66 5.63 -1.98 -5.17
N THR A 67 6.13 -0.79 -4.84
CA THR A 67 5.30 0.30 -4.37
C THR A 67 5.87 1.66 -4.80
N LEU A 68 5.29 2.22 -5.88
CA LEU A 68 5.75 3.50 -6.40
C LEU A 68 4.81 4.63 -5.99
N ILE A 69 5.39 5.80 -5.72
CA ILE A 69 4.61 6.97 -5.32
C ILE A 69 4.93 8.17 -6.20
N ASN A 70 3.95 8.58 -7.01
CA ASN A 70 4.11 9.71 -7.93
C ASN A 70 5.24 9.44 -8.93
N ASP A 71 5.26 8.23 -9.50
CA ASP A 71 6.27 7.82 -10.47
C ASP A 71 7.68 7.95 -9.88
N THR A 72 7.82 7.57 -8.60
CA THR A 72 9.10 7.63 -7.92
C THR A 72 9.26 6.45 -6.96
N ASP A 73 10.49 6.22 -6.49
CA ASP A 73 10.76 5.13 -5.56
C ASP A 73 10.35 5.50 -4.14
N TRP A 74 9.49 4.66 -3.55
CA TRP A 74 9.01 4.89 -2.19
C TRP A 74 10.15 5.11 -1.20
N GLU A 75 11.27 4.41 -1.40
CA GLU A 75 12.43 4.55 -0.52
C GLU A 75 13.24 5.81 -0.85
N LEU A 76 13.38 6.10 -2.14
CA LEU A 76 14.13 7.28 -2.59
C LEU A 76 13.54 8.57 -2.02
N GLU A 77 12.24 8.54 -1.68
CA GLU A 77 11.56 9.71 -1.13
C GLU A 77 11.29 9.52 0.37
N GLY A 78 10.98 8.29 0.79
CA GLY A 78 10.71 8.02 2.19
C GLY A 78 9.90 6.75 2.37
N GLU A 79 10.59 5.65 2.70
CA GLU A 79 9.93 4.35 2.90
C GLU A 79 8.63 4.50 3.70
N LYS A 80 8.75 4.83 4.99
CA LYS A 80 7.58 5.01 5.85
C LYS A 80 7.49 6.45 6.35
N ASP A 81 8.65 7.07 6.64
CA ASP A 81 8.71 8.44 7.11
C ASP A 81 7.98 9.40 6.17
N TYR A 82 7.88 9.02 4.89
CA TYR A 82 7.19 9.84 3.89
C TYR A 82 5.79 10.23 4.38
N ILE A 83 5.61 11.52 4.67
CA ILE A 83 4.34 12.03 5.15
C ILE A 83 3.29 11.98 4.04
N LEU A 84 2.06 11.63 4.41
CA LEU A 84 0.96 11.54 3.44
C LEU A 84 0.68 12.91 2.81
N GLU A 85 -0.25 12.93 1.86
CA GLU A 85 -0.61 14.17 1.18
C GLU A 85 -1.86 13.95 0.32
N ASP A 86 -2.99 14.44 0.81
CA ASP A 86 -4.26 14.31 0.11
C ASP A 86 -4.10 14.60 -1.38
N GLY A 87 -4.18 13.55 -2.18
CA GLY A 87 -4.02 13.69 -3.62
C GLY A 87 -2.74 13.05 -4.13
N ASP A 88 -2.27 11.99 -3.45
CA ASP A 88 -1.06 11.30 -3.84
C ASP A 88 -1.38 9.97 -4.53
N ILE A 89 -0.38 9.39 -5.20
CA ILE A 89 -0.55 8.12 -5.91
C ILE A 89 0.33 7.04 -5.30
N ILE A 90 -0.21 5.83 -5.23
CA ILE A 90 0.52 4.69 -4.66
C ILE A 90 0.30 3.43 -5.50
N SER A 91 1.17 3.22 -6.48
CA SER A 91 1.08 2.05 -7.37
C SER A 91 1.69 0.82 -6.70
N PHE A 92 0.98 -0.31 -6.76
CA PHE A 92 1.45 -1.56 -6.17
C PHE A 92 1.59 -2.64 -7.25
N THR A 93 2.83 -3.01 -7.56
CA THR A 93 3.10 -4.04 -8.57
C THR A 93 3.77 -5.25 -7.94
N SER A 94 2.99 -6.30 -7.69
CA SER A 94 3.51 -7.53 -7.08
C SER A 94 3.93 -8.52 -8.17
N THR A 95 5.18 -8.41 -8.62
CA THR A 95 5.72 -9.30 -9.66
C THR A 95 6.92 -10.10 -9.15
N LEU A 96 7.33 -9.87 -7.89
CA LEU A 96 8.47 -10.58 -7.30
C LEU A 96 9.77 -10.20 -8.01
N HIS A 97 10.57 -9.34 -7.36
CA HIS A 97 11.85 -8.89 -7.91
C HIS A 97 11.65 -8.01 -9.16
N GLY A 98 12.67 -7.22 -9.49
CA GLY A 98 12.59 -6.35 -10.65
C GLY A 98 13.94 -6.11 -11.32
N GLY A 99 14.80 -7.14 -11.32
CA GLY A 99 16.11 -7.01 -11.93
C GLY A 99 16.23 -7.81 -13.22
N MET A 1 -10.16 12.19 6.45
CA MET A 1 -10.57 13.29 5.55
C MET A 1 -9.61 13.43 4.36
N VAL A 2 -9.08 12.30 3.88
CA VAL A 2 -8.14 12.31 2.75
C VAL A 2 -8.48 11.20 1.75
N ASN A 3 -7.94 11.33 0.54
CA ASN A 3 -8.17 10.33 -0.51
C ASN A 3 -6.86 9.96 -1.20
N VAL A 4 -6.43 8.72 -1.01
CA VAL A 4 -5.19 8.23 -1.60
C VAL A 4 -5.48 7.23 -2.73
N LYS A 5 -4.78 7.40 -3.85
CA LYS A 5 -4.96 6.52 -5.01
C LYS A 5 -3.81 5.50 -5.10
N VAL A 6 -4.15 4.22 -4.96
CA VAL A 6 -3.15 3.16 -5.02
C VAL A 6 -3.48 2.14 -6.12
N GLU A 7 -2.44 1.64 -6.79
CA GLU A 7 -2.61 0.67 -7.86
C GLU A 7 -2.08 -0.71 -7.45
N PHE A 8 -2.64 -1.76 -8.05
CA PHE A 8 -2.23 -3.13 -7.75
C PHE A 8 -1.89 -3.89 -9.02
N LEU A 9 -0.64 -4.33 -9.13
CA LEU A 9 -0.16 -5.07 -10.29
C LEU A 9 0.40 -6.44 -9.89
N GLY A 10 0.69 -7.27 -10.88
CA GLY A 10 1.23 -8.60 -10.62
C GLY A 10 0.18 -9.56 -10.13
N GLY A 11 0.20 -9.82 -8.81
CA GLY A 11 -0.77 -10.72 -8.21
C GLY A 11 -1.39 -10.17 -6.93
N LEU A 12 -1.46 -8.85 -6.82
CA LEU A 12 -2.03 -8.21 -5.64
C LEU A 12 -3.54 -8.03 -5.80
N ASP A 13 -3.96 -7.62 -7.00
CA ASP A 13 -5.37 -7.42 -7.30
C ASP A 13 -6.18 -8.71 -7.08
N ALA A 14 -5.55 -9.86 -7.37
CA ALA A 14 -6.21 -11.15 -7.21
C ALA A 14 -6.51 -11.43 -5.74
N ILE A 15 -5.66 -10.93 -4.85
CA ILE A 15 -5.83 -11.14 -3.41
C ILE A 15 -6.95 -10.26 -2.87
N PHE A 16 -6.94 -8.99 -3.25
CA PHE A 16 -7.97 -8.04 -2.79
C PHE A 16 -9.36 -8.45 -3.26
N GLY A 17 -9.57 -8.41 -4.58
CA GLY A 17 -10.85 -8.77 -5.13
C GLY A 17 -10.96 -8.40 -6.60
N LYS A 18 -9.94 -8.74 -7.38
CA LYS A 18 -9.90 -8.44 -8.81
C LYS A 18 -10.07 -6.94 -9.06
N GLN A 19 -9.25 -6.14 -8.38
CA GLN A 19 -9.29 -4.68 -8.53
C GLN A 19 -7.91 -4.13 -8.89
N ARG A 20 -7.84 -3.42 -10.02
CA ARG A 20 -6.59 -2.83 -10.49
C ARG A 20 -6.14 -1.68 -9.57
N VAL A 21 -6.95 -0.62 -9.54
CA VAL A 21 -6.64 0.54 -8.70
C VAL A 21 -7.67 0.71 -7.58
N HIS A 22 -7.18 1.02 -6.38
CA HIS A 22 -8.04 1.21 -5.21
C HIS A 22 -7.77 2.55 -4.54
N LYS A 23 -8.76 3.05 -3.80
CA LYS A 23 -8.63 4.33 -3.10
C LYS A 23 -8.90 4.16 -1.60
N ILE A 24 -8.02 4.71 -0.78
CA ILE A 24 -8.16 4.63 0.68
C ILE A 24 -8.35 6.01 1.30
N LYS A 25 -9.17 6.06 2.35
CA LYS A 25 -9.44 7.31 3.05
C LYS A 25 -9.21 7.16 4.55
N MET A 26 -8.13 7.77 5.05
CA MET A 26 -7.79 7.70 6.47
C MET A 26 -8.23 8.95 7.21
N ASP A 27 -9.25 8.82 8.06
CA ASP A 27 -9.75 9.95 8.83
C ASP A 27 -9.27 9.89 10.27
N LYS A 28 -7.95 10.00 10.44
CA LYS A 28 -7.33 9.98 11.77
C LYS A 28 -6.73 11.33 12.13
N GLU A 29 -6.02 11.94 11.18
CA GLU A 29 -5.40 13.24 11.38
C GLU A 29 -4.85 13.79 10.06
N ASP A 30 -4.20 14.95 10.13
CA ASP A 30 -3.61 15.57 8.94
C ASP A 30 -2.22 15.03 8.66
N PRO A 31 -1.32 15.05 9.66
CA PRO A 31 0.06 14.55 9.52
C PRO A 31 0.13 13.03 9.58
N VAL A 32 -0.66 12.36 8.75
CA VAL A 32 -0.68 10.90 8.70
C VAL A 32 0.42 10.36 7.80
N THR A 33 1.28 9.52 8.37
CA THR A 33 2.38 8.91 7.60
C THR A 33 1.83 7.82 6.69
N VAL A 34 2.51 7.62 5.57
CA VAL A 34 2.10 6.60 4.60
C VAL A 34 1.92 5.23 5.26
N GLY A 35 2.71 4.98 6.31
CA GLY A 35 2.60 3.72 7.03
C GLY A 35 1.20 3.50 7.60
N ASP A 36 0.49 4.60 7.86
CA ASP A 36 -0.86 4.53 8.39
C ASP A 36 -1.82 3.96 7.34
N LEU A 37 -1.68 4.44 6.11
CA LEU A 37 -2.51 3.97 5.00
C LEU A 37 -2.39 2.45 4.88
N ILE A 38 -1.15 1.97 4.91
CA ILE A 38 -0.88 0.52 4.83
C ILE A 38 -1.58 -0.19 5.97
N ASP A 39 -1.55 0.42 7.16
CA ASP A 39 -2.18 -0.14 8.35
C ASP A 39 -3.68 -0.32 8.13
N HIS A 40 -4.31 0.67 7.50
CA HIS A 40 -5.74 0.62 7.22
C HIS A 40 -6.09 -0.58 6.36
N ILE A 41 -5.25 -0.85 5.34
CA ILE A 41 -5.47 -1.99 4.46
C ILE A 41 -5.38 -3.31 5.21
N VAL A 42 -4.52 -3.35 6.23
CA VAL A 42 -4.33 -4.56 7.03
C VAL A 42 -5.14 -4.53 8.33
N SER A 43 -5.82 -3.42 8.60
CA SER A 43 -6.61 -3.29 9.82
C SER A 43 -8.08 -3.64 9.58
N THR A 44 -8.81 -2.73 8.93
CA THR A 44 -10.23 -2.96 8.65
C THR A 44 -10.43 -3.58 7.28
N MET A 45 -9.64 -3.14 6.30
CA MET A 45 -9.74 -3.67 4.93
C MET A 45 -9.47 -5.17 4.90
N ILE A 46 -8.40 -5.60 5.57
CA ILE A 46 -8.03 -7.01 5.62
C ILE A 46 -7.80 -7.49 7.06
N ASN A 47 -8.04 -8.77 7.31
CA ASN A 47 -7.84 -9.34 8.64
C ASN A 47 -7.88 -10.87 8.59
N ASN A 48 -7.24 -11.45 7.56
CA ASN A 48 -7.21 -12.90 7.40
C ASN A 48 -5.78 -13.40 7.19
N PRO A 49 -5.35 -14.41 7.99
CA PRO A 49 -4.00 -14.98 7.87
C PRO A 49 -3.77 -15.66 6.53
N ASN A 50 -3.60 -14.85 5.49
CA ASN A 50 -3.37 -15.35 4.14
C ASN A 50 -3.01 -14.20 3.20
N ASP A 51 -3.90 -13.23 3.10
CA ASP A 51 -3.67 -12.06 2.24
C ASP A 51 -2.79 -11.04 2.95
N VAL A 52 -2.94 -10.92 4.26
CA VAL A 52 -2.15 -9.99 5.05
C VAL A 52 -0.87 -10.65 5.57
N SER A 53 -0.97 -11.93 5.94
CA SER A 53 0.18 -12.67 6.46
C SER A 53 1.33 -12.70 5.44
N ILE A 54 0.99 -12.77 4.15
CA ILE A 54 2.00 -12.80 3.10
C ILE A 54 2.43 -11.38 2.70
N PHE A 55 1.46 -10.45 2.68
CA PHE A 55 1.73 -9.06 2.32
C PHE A 55 2.59 -8.37 3.40
N ILE A 56 2.33 -8.71 4.67
CA ILE A 56 3.06 -8.12 5.79
C ILE A 56 3.64 -9.19 6.70
N GLU A 57 4.93 -9.07 7.00
CA GLU A 57 5.62 -10.01 7.89
C GLU A 57 5.60 -9.52 9.33
N ASP A 58 6.53 -10.02 10.16
CA ASP A 58 6.61 -9.61 11.56
C ASP A 58 6.99 -8.14 11.69
N ASP A 59 5.98 -7.27 11.63
CA ASP A 59 6.18 -5.82 11.73
C ASP A 59 7.07 -5.30 10.61
N SER A 60 6.78 -5.72 9.37
CA SER A 60 7.55 -5.30 8.21
C SER A 60 6.94 -5.85 6.92
N ILE A 61 7.51 -5.46 5.78
CA ILE A 61 7.02 -5.91 4.49
C ILE A 61 7.83 -7.10 3.98
N ARG A 62 7.21 -7.93 3.14
CA ARG A 62 7.89 -9.10 2.58
C ARG A 62 8.75 -8.72 1.38
N PRO A 63 10.05 -9.06 1.41
CA PRO A 63 10.98 -8.75 0.31
C PRO A 63 10.46 -9.25 -1.03
N GLY A 64 9.98 -8.32 -1.85
CA GLY A 64 9.46 -8.68 -3.16
C GLY A 64 8.39 -7.71 -3.65
N ILE A 65 7.64 -7.12 -2.71
CA ILE A 65 6.59 -6.17 -3.05
C ILE A 65 7.19 -4.85 -3.56
N ILE A 66 6.72 -4.43 -4.73
CA ILE A 66 7.19 -3.19 -5.35
C ILE A 66 6.19 -2.05 -5.12
N THR A 67 6.71 -0.89 -4.73
CA THR A 67 5.87 0.29 -4.50
C THR A 67 6.49 1.56 -5.07
N LEU A 68 5.64 2.45 -5.59
CA LEU A 68 6.12 3.70 -6.17
C LEU A 68 5.20 4.88 -5.80
N ILE A 69 5.79 5.93 -5.24
CA ILE A 69 5.03 7.12 -4.83
C ILE A 69 5.17 8.24 -5.88
N ASN A 70 4.15 8.41 -6.70
CA ASN A 70 4.14 9.45 -7.75
C ASN A 70 5.29 9.25 -8.73
N ASP A 71 5.31 8.09 -9.39
CA ASP A 71 6.36 7.77 -10.36
C ASP A 71 7.75 7.83 -9.72
N THR A 72 7.80 7.61 -8.40
CA THR A 72 9.06 7.63 -7.66
C THR A 72 9.16 6.38 -6.78
N ASP A 73 10.32 6.18 -6.15
CA ASP A 73 10.54 5.02 -5.29
C ASP A 73 9.90 5.22 -3.92
N TRP A 74 9.63 4.09 -3.24
CA TRP A 74 9.02 4.13 -1.91
C TRP A 74 10.05 4.48 -0.85
N GLU A 75 11.09 3.65 -0.73
CA GLU A 75 12.17 3.87 0.25
C GLU A 75 12.86 5.21 0.01
N LEU A 76 13.02 5.59 -1.25
CA LEU A 76 13.66 6.86 -1.60
C LEU A 76 12.88 8.04 -1.02
N GLU A 77 11.57 7.88 -0.88
CA GLU A 77 10.70 8.92 -0.33
C GLU A 77 10.53 8.74 1.19
N GLY A 78 11.52 8.14 1.84
CA GLY A 78 11.45 7.92 3.28
C GLY A 78 10.81 6.61 3.67
N GLU A 79 10.28 5.87 2.68
CA GLU A 79 9.63 4.59 2.92
C GLU A 79 8.33 4.77 3.71
N LYS A 80 8.45 5.09 5.00
CA LYS A 80 7.28 5.29 5.84
C LYS A 80 7.18 6.72 6.37
N ASP A 81 8.33 7.39 6.55
CA ASP A 81 8.34 8.77 7.04
C ASP A 81 8.00 9.76 5.92
N TYR A 82 6.86 9.53 5.27
CA TYR A 82 6.38 10.39 4.18
C TYR A 82 4.98 10.90 4.50
N ILE A 83 4.86 12.21 4.70
CA ILE A 83 3.57 12.82 5.02
C ILE A 83 2.57 12.60 3.88
N LEU A 84 1.38 12.09 4.23
CA LEU A 84 0.36 11.83 3.23
C LEU A 84 -0.12 13.13 2.57
N GLU A 85 -0.98 13.02 1.57
CA GLU A 85 -1.51 14.17 0.86
C GLU A 85 -2.63 13.75 -0.08
N ASP A 86 -3.86 14.02 0.31
CA ASP A 86 -5.03 13.66 -0.49
C ASP A 86 -4.84 14.07 -1.95
N GLY A 87 -4.76 13.06 -2.84
CA GLY A 87 -4.56 13.32 -4.25
C GLY A 87 -3.19 12.90 -4.74
N ASP A 88 -2.57 11.95 -4.03
CA ASP A 88 -1.24 11.45 -4.40
C ASP A 88 -1.34 10.10 -5.11
N ILE A 89 -0.18 9.58 -5.53
CA ILE A 89 -0.11 8.30 -6.23
C ILE A 89 0.79 7.31 -5.49
N ILE A 90 0.30 6.09 -5.30
CA ILE A 90 1.07 5.04 -4.62
C ILE A 90 0.81 3.68 -5.27
N SER A 91 1.65 3.31 -6.23
CA SER A 91 1.51 2.03 -6.94
C SER A 91 2.06 0.87 -6.13
N PHE A 92 1.47 -0.31 -6.32
CA PHE A 92 1.90 -1.52 -5.61
C PHE A 92 2.00 -2.70 -6.57
N THR A 93 3.16 -2.84 -7.22
CA THR A 93 3.39 -3.93 -8.16
C THR A 93 3.99 -5.14 -7.45
N SER A 94 3.62 -6.34 -7.90
CA SER A 94 4.13 -7.57 -7.29
C SER A 94 4.22 -8.69 -8.33
N THR A 95 5.28 -8.65 -9.14
CA THR A 95 5.51 -9.65 -10.18
C THR A 95 6.22 -10.89 -9.62
N LEU A 96 7.37 -10.66 -8.98
CA LEU A 96 8.16 -11.76 -8.40
C LEU A 96 8.56 -12.78 -9.47
N HIS A 97 8.71 -12.32 -10.71
CA HIS A 97 9.09 -13.20 -11.83
C HIS A 97 9.29 -12.40 -13.11
N GLY A 98 8.21 -11.77 -13.60
CA GLY A 98 8.29 -10.99 -14.82
C GLY A 98 8.81 -9.57 -14.57
N GLY A 99 9.17 -8.90 -15.66
CA GLY A 99 9.69 -7.54 -15.55
C GLY A 99 8.58 -6.51 -15.44
N MET A 1 -11.36 13.26 6.34
CA MET A 1 -11.05 12.01 5.59
C MET A 1 -10.06 12.29 4.47
N VAL A 2 -8.96 11.51 4.45
CA VAL A 2 -7.94 11.66 3.42
C VAL A 2 -8.08 10.58 2.35
N ASN A 3 -8.65 10.97 1.20
CA ASN A 3 -8.83 10.04 0.09
C ASN A 3 -7.53 9.87 -0.69
N VAL A 4 -7.09 8.62 -0.85
CA VAL A 4 -5.86 8.33 -1.56
C VAL A 4 -6.08 7.26 -2.64
N LYS A 5 -5.44 7.46 -3.79
CA LYS A 5 -5.56 6.53 -4.91
C LYS A 5 -4.27 5.72 -5.09
N VAL A 6 -4.37 4.40 -4.93
CA VAL A 6 -3.22 3.51 -5.06
C VAL A 6 -3.43 2.51 -6.21
N GLU A 7 -2.32 2.04 -6.78
CA GLU A 7 -2.36 1.08 -7.88
C GLU A 7 -1.50 -0.14 -7.55
N PHE A 8 -1.78 -1.26 -8.22
CA PHE A 8 -1.02 -2.49 -7.99
C PHE A 8 -1.16 -3.46 -9.17
N LEU A 9 -0.12 -4.23 -9.41
CA LEU A 9 -0.08 -5.20 -10.51
C LEU A 9 0.56 -6.52 -10.05
N GLY A 10 0.59 -7.48 -10.97
CA GLY A 10 1.19 -8.78 -10.67
C GLY A 10 0.26 -9.69 -9.90
N GLY A 11 0.59 -9.93 -8.63
CA GLY A 11 -0.24 -10.79 -7.80
C GLY A 11 -1.24 -10.01 -6.96
N LEU A 12 -0.95 -8.73 -6.69
CA LEU A 12 -1.83 -7.88 -5.90
C LEU A 12 -3.24 -7.85 -6.48
N ASP A 13 -3.35 -7.67 -7.80
CA ASP A 13 -4.64 -7.63 -8.48
C ASP A 13 -5.38 -8.95 -8.31
N ALA A 14 -4.64 -10.05 -8.22
CA ALA A 14 -5.24 -11.37 -8.06
C ALA A 14 -5.70 -11.60 -6.62
N ILE A 15 -4.92 -11.12 -5.66
CA ILE A 15 -5.24 -11.28 -4.24
C ILE A 15 -6.36 -10.33 -3.81
N PHE A 16 -6.27 -9.07 -4.23
CA PHE A 16 -7.28 -8.06 -3.88
C PHE A 16 -8.67 -8.46 -4.35
N GLY A 17 -8.86 -8.44 -5.66
CA GLY A 17 -10.16 -8.79 -6.23
C GLY A 17 -10.25 -8.46 -7.71
N LYS A 18 -9.22 -8.84 -8.46
CA LYS A 18 -9.18 -8.57 -9.90
C LYS A 18 -9.32 -7.09 -10.20
N GLN A 19 -8.61 -6.26 -9.43
CA GLN A 19 -8.65 -4.81 -9.59
C GLN A 19 -7.25 -4.25 -9.89
N ARG A 20 -7.17 -2.92 -10.00
CA ARG A 20 -5.89 -2.26 -10.28
C ARG A 20 -5.76 -0.99 -9.45
N VAL A 21 -6.74 -0.08 -9.59
CA VAL A 21 -6.73 1.18 -8.85
C VAL A 21 -7.65 1.11 -7.64
N HIS A 22 -7.07 1.26 -6.45
CA HIS A 22 -7.83 1.21 -5.21
C HIS A 22 -7.85 2.57 -4.51
N LYS A 23 -8.90 2.82 -3.73
CA LYS A 23 -9.04 4.07 -2.99
C LYS A 23 -9.21 3.81 -1.50
N ILE A 24 -8.28 4.32 -0.70
CA ILE A 24 -8.33 4.14 0.75
C ILE A 24 -8.90 5.39 1.44
N LYS A 25 -9.68 5.17 2.49
CA LYS A 25 -10.31 6.26 3.24
C LYS A 25 -9.79 6.30 4.68
N MET A 26 -8.61 6.89 4.86
CA MET A 26 -8.00 7.02 6.18
C MET A 26 -8.45 8.31 6.85
N ASP A 27 -9.32 8.18 7.84
CA ASP A 27 -9.84 9.33 8.57
C ASP A 27 -9.02 9.61 9.83
N LYS A 28 -7.70 9.55 9.70
CA LYS A 28 -6.79 9.79 10.81
C LYS A 28 -6.42 11.28 10.90
N GLU A 29 -5.35 11.59 11.62
CA GLU A 29 -4.88 12.96 11.78
C GLU A 29 -4.42 13.55 10.45
N ASP A 30 -3.83 14.74 10.49
CA ASP A 30 -3.33 15.41 9.30
C ASP A 30 -1.93 14.89 8.93
N PRO A 31 -0.97 14.94 9.87
CA PRO A 31 0.40 14.49 9.63
C PRO A 31 0.54 12.96 9.69
N VAL A 32 -0.32 12.26 8.96
CA VAL A 32 -0.30 10.79 8.94
C VAL A 32 0.75 10.30 7.94
N THR A 33 1.65 9.44 8.41
CA THR A 33 2.70 8.90 7.56
C THR A 33 2.14 7.87 6.58
N VAL A 34 2.87 7.67 5.48
CA VAL A 34 2.46 6.71 4.45
C VAL A 34 2.28 5.31 5.01
N GLY A 35 3.11 4.95 6.00
CA GLY A 35 3.00 3.65 6.62
C GLY A 35 1.63 3.40 7.20
N ASP A 36 0.95 4.50 7.59
CA ASP A 36 -0.40 4.41 8.14
C ASP A 36 -1.39 3.99 7.05
N LEU A 37 -1.23 4.59 5.86
CA LEU A 37 -2.09 4.27 4.72
C LEU A 37 -2.09 2.77 4.46
N ILE A 38 -0.90 2.18 4.36
CA ILE A 38 -0.78 0.74 4.14
C ILE A 38 -1.43 -0.03 5.28
N ASP A 39 -1.29 0.51 6.50
CA ASP A 39 -1.88 -0.10 7.68
C ASP A 39 -3.41 -0.12 7.59
N HIS A 40 -3.97 0.96 7.05
CA HIS A 40 -5.43 1.05 6.89
C HIS A 40 -5.95 -0.07 5.99
N ILE A 41 -5.20 -0.38 4.94
CA ILE A 41 -5.59 -1.44 4.01
C ILE A 41 -5.40 -2.82 4.64
N VAL A 42 -4.48 -2.92 5.60
CA VAL A 42 -4.21 -4.19 6.28
C VAL A 42 -4.91 -4.29 7.64
N SER A 43 -5.62 -3.24 8.04
CA SER A 43 -6.32 -3.23 9.32
C SER A 43 -7.78 -3.69 9.16
N THR A 44 -8.65 -2.81 8.67
CA THR A 44 -10.06 -3.14 8.48
C THR A 44 -10.28 -3.79 7.11
N MET A 45 -9.62 -3.25 6.08
CA MET A 45 -9.73 -3.77 4.73
C MET A 45 -9.36 -5.25 4.66
N ILE A 46 -8.14 -5.58 5.10
CA ILE A 46 -7.66 -6.96 5.08
C ILE A 46 -7.40 -7.46 6.50
N ASN A 47 -8.05 -8.56 6.88
CA ASN A 47 -7.88 -9.14 8.21
C ASN A 47 -7.88 -10.66 8.15
N ASN A 48 -7.25 -11.22 7.12
CA ASN A 48 -7.19 -12.67 6.94
C ASN A 48 -5.76 -13.13 6.65
N PRO A 49 -5.26 -14.13 7.40
CA PRO A 49 -3.90 -14.66 7.20
C PRO A 49 -3.78 -15.45 5.90
N ASN A 50 -3.84 -14.73 4.78
CA ASN A 50 -3.73 -15.34 3.46
C ASN A 50 -3.29 -14.31 2.44
N ASP A 51 -3.98 -13.17 2.41
CA ASP A 51 -3.66 -12.08 1.49
C ASP A 51 -2.63 -11.14 2.10
N VAL A 52 -2.72 -10.90 3.41
CA VAL A 52 -1.79 -10.02 4.09
C VAL A 52 -0.62 -10.80 4.70
N SER A 53 -0.91 -12.02 5.18
CA SER A 53 0.13 -12.87 5.78
C SER A 53 1.29 -13.09 4.82
N ILE A 54 1.00 -13.13 3.52
CA ILE A 54 2.04 -13.34 2.52
C ILE A 54 2.60 -12.00 2.00
N PHE A 55 1.74 -10.98 1.98
CA PHE A 55 2.15 -9.65 1.53
C PHE A 55 3.02 -8.96 2.57
N ILE A 56 2.71 -9.17 3.85
CA ILE A 56 3.46 -8.56 4.95
C ILE A 56 3.90 -9.62 5.97
N GLU A 57 5.04 -9.35 6.63
CA GLU A 57 5.58 -10.25 7.65
C GLU A 57 5.32 -9.70 9.05
N ASP A 58 6.04 -10.23 10.06
CA ASP A 58 5.89 -9.79 11.43
C ASP A 58 6.30 -8.32 11.58
N ASP A 59 5.33 -7.43 11.44
CA ASP A 59 5.57 -5.98 11.55
C ASP A 59 6.63 -5.51 10.54
N SER A 60 6.67 -6.16 9.38
CA SER A 60 7.64 -5.81 8.33
C SER A 60 7.25 -6.43 7.01
N ILE A 61 7.07 -5.59 5.98
CA ILE A 61 6.69 -6.07 4.64
C ILE A 61 7.80 -6.94 4.04
N ARG A 62 7.41 -7.87 3.18
CA ARG A 62 8.36 -8.77 2.53
C ARG A 62 9.14 -8.05 1.43
N PRO A 63 10.44 -8.36 1.29
CA PRO A 63 11.31 -7.74 0.28
C PRO A 63 11.00 -8.24 -1.13
N GLY A 64 10.20 -7.47 -1.86
CA GLY A 64 9.82 -7.85 -3.22
C GLY A 64 8.87 -6.87 -3.87
N ILE A 65 7.92 -6.36 -3.08
CA ILE A 65 6.93 -5.41 -3.58
C ILE A 65 7.59 -4.10 -3.98
N ILE A 66 7.23 -3.60 -5.17
CA ILE A 66 7.78 -2.35 -5.67
C ILE A 66 6.73 -1.24 -5.64
N THR A 67 6.73 -0.48 -4.55
CA THR A 67 5.78 0.62 -4.38
C THR A 67 6.37 1.94 -4.88
N LEU A 68 5.55 2.74 -5.57
CA LEU A 68 6.00 4.02 -6.10
C LEU A 68 5.09 5.16 -5.64
N ILE A 69 5.69 6.16 -4.96
CA ILE A 69 4.93 7.31 -4.47
C ILE A 69 4.92 8.45 -5.48
N ASN A 70 3.81 8.60 -6.20
CA ASN A 70 3.65 9.65 -7.22
C ASN A 70 4.70 9.52 -8.32
N ASP A 71 4.69 8.38 -9.01
CA ASP A 71 5.65 8.13 -10.10
C ASP A 71 7.10 8.22 -9.61
N THR A 72 7.29 8.01 -8.30
CA THR A 72 8.63 8.06 -7.71
C THR A 72 8.89 6.81 -6.89
N ASP A 73 10.08 6.71 -6.30
CA ASP A 73 10.44 5.56 -5.49
C ASP A 73 9.85 5.67 -4.08
N TRP A 74 10.15 4.70 -3.24
CA TRP A 74 9.66 4.69 -1.86
C TRP A 74 10.76 5.10 -0.87
N GLU A 75 11.98 4.61 -1.13
CA GLU A 75 13.13 4.92 -0.26
C GLU A 75 13.89 6.16 -0.74
N LEU A 76 13.79 6.48 -2.03
CA LEU A 76 14.48 7.63 -2.61
C LEU A 76 14.14 8.93 -1.86
N GLU A 77 12.95 9.00 -1.29
CA GLU A 77 12.51 10.19 -0.55
C GLU A 77 12.22 9.86 0.91
N GLY A 78 11.14 9.12 1.14
CA GLY A 78 10.75 8.74 2.49
C GLY A 78 9.92 7.48 2.52
N GLU A 79 10.52 6.38 2.98
CA GLU A 79 9.83 5.10 3.06
C GLU A 79 8.53 5.22 3.86
N LYS A 80 8.65 5.41 5.17
CA LYS A 80 7.49 5.55 6.05
C LYS A 80 7.34 7.00 6.52
N ASP A 81 8.48 7.66 6.78
CA ASP A 81 8.49 9.05 7.25
C ASP A 81 7.65 9.96 6.33
N TYR A 82 7.57 9.61 5.05
CA TYR A 82 6.80 10.39 4.09
C TYR A 82 5.39 10.69 4.62
N ILE A 83 5.07 11.97 4.73
CA ILE A 83 3.76 12.40 5.22
C ILE A 83 2.70 12.30 4.12
N LEU A 84 1.51 11.82 4.49
CA LEU A 84 0.40 11.67 3.55
C LEU A 84 -0.09 13.03 3.07
N GLU A 85 -1.07 13.03 2.16
CA GLU A 85 -1.63 14.28 1.63
C GLU A 85 -2.83 13.99 0.74
N ASP A 86 -4.03 14.24 1.28
CA ASP A 86 -5.28 14.02 0.56
C ASP A 86 -5.12 14.34 -0.93
N GLY A 87 -5.19 13.30 -1.76
CA GLY A 87 -5.05 13.49 -3.20
C GLY A 87 -3.69 13.05 -3.72
N ASP A 88 -3.06 12.10 -3.04
CA ASP A 88 -1.75 11.60 -3.44
C ASP A 88 -1.89 10.32 -4.29
N ILE A 89 -0.80 9.97 -4.99
CA ILE A 89 -0.79 8.78 -5.84
C ILE A 89 0.26 7.78 -5.38
N ILE A 90 -0.12 6.50 -5.31
CA ILE A 90 0.79 5.44 -4.88
C ILE A 90 0.63 4.18 -5.75
N SER A 91 1.69 3.38 -5.85
CA SER A 91 1.66 2.16 -6.64
C SER A 91 2.28 0.99 -5.88
N PHE A 92 1.97 -0.24 -6.32
CA PHE A 92 2.51 -1.45 -5.68
C PHE A 92 2.64 -2.57 -6.71
N THR A 93 3.72 -2.53 -7.50
CA THR A 93 3.96 -3.55 -8.52
C THR A 93 4.72 -4.74 -7.93
N SER A 94 4.22 -5.94 -8.20
CA SER A 94 4.86 -7.16 -7.69
C SER A 94 5.40 -8.01 -8.85
N THR A 95 6.71 -7.93 -9.07
CA THR A 95 7.36 -8.70 -10.14
C THR A 95 7.68 -10.12 -9.66
N LEU A 96 8.22 -10.22 -8.44
CA LEU A 96 8.57 -11.52 -7.86
C LEU A 96 7.42 -12.07 -7.03
N HIS A 97 7.18 -13.38 -7.14
CA HIS A 97 6.10 -14.04 -6.41
C HIS A 97 4.73 -13.48 -6.79
N GLY A 98 4.60 -13.06 -8.05
CA GLY A 98 3.34 -12.50 -8.52
C GLY A 98 2.39 -13.57 -9.03
N GLY A 99 2.65 -14.04 -10.25
CA GLY A 99 1.81 -15.08 -10.84
C GLY A 99 2.51 -16.42 -10.94
#